data_3HJ3
#
_entry.id   3HJ3
#
_cell.length_a   121.860
_cell.length_b   121.860
_cell.length_c   342.352
_cell.angle_alpha   90.00
_cell.angle_beta   90.00
_cell.angle_gamma   120.00
#
_symmetry.space_group_name_H-M   'P 32 2 1'
#
loop_
_entity.id
_entity.type
_entity.pdbx_description
1 polymer 'Chain A, crystal structure of Dhfr'
2 non-polymer "2'-DEOXYURIDINE 5'-MONOPHOSPHATE"
3 non-polymer '10-PROPARGYL-5,8-DIDEAZAFOLIC ACID'
4 non-polymer METHOTREXATE
5 non-polymer 'NADPH DIHYDRO-NICOTINAMIDE-ADENINE-DINUCLEOTIDE PHOSPHATE'
6 water water
#
_entity_poly.entity_id   1
_entity_poly.type   'polypeptide(L)'
_entity_poly.pdbx_seq_one_letter_code
;MSEKNVSIVVAASVLSSGIGINGQLPWSISEDLKFFSKITNNKCDSNKKNALIMGRKTWDSIGRRPLKNRIIVVISSSLP
QDEADPNVVVFRNLEDSIENLMNDDSIENIFVCGGESIYRDALKDNFVDRIYLTRVALEDIEFDTYFPEIPETFLPVYMS
QTFCTKNISYDFMIFEKQEKKTLQNCDPARGQLKSIDDTVDLLGEIAGIRKMGNRHKFPKEEIYNTPSIRFGREHYEFQY
LDLLSRVLENGAYRENRTGISTYSIFGQMMRFDMRESFPLLTTKKVAIRSIFEELIWFIKGDTNGNHLIEKKVYIWSGNG
SKEYLERIGLGHREENDLGPIYGFQWRHYNGEYKTMHDDYTGVGVDQLAKLIETLKNNPKDRRHILTAWNPSALSQMALP
PCHVLSQYYVTNDNCLSCNLYQRSCDLGLGSPFNIASYAILTMMLAQVCGYEPGELAIFIGDAHIYENHLTQLKEQLSRT
PRPFPQLKFKRKVENIEDFKWEDIELIGYYPYPTIKMDMAV
;
_entity_poly.pdbx_strand_id   A,B,C,D
#
# COMPACT_ATOMS: atom_id res chain seq x y z
N GLU A 3 -40.09 12.64 -47.60
CA GLU A 3 -38.86 13.27 -47.18
C GLU A 3 -37.63 12.50 -47.54
N LYS A 4 -36.75 13.20 -48.22
CA LYS A 4 -35.50 12.68 -48.73
C LYS A 4 -34.67 13.89 -49.14
N ASN A 5 -33.37 13.84 -48.88
CA ASN A 5 -32.53 15.01 -49.17
C ASN A 5 -32.34 15.43 -50.66
N VAL A 6 -32.50 16.74 -50.92
CA VAL A 6 -32.24 17.30 -52.27
C VAL A 6 -31.05 18.31 -52.30
N SER A 7 -30.00 17.96 -53.04
CA SER A 7 -28.81 18.77 -53.11
C SER A 7 -28.40 19.20 -54.51
N ILE A 8 -28.12 20.48 -54.67
CA ILE A 8 -27.51 20.94 -55.91
C ILE A 8 -26.02 20.63 -55.88
N VAL A 9 -25.45 20.40 -57.06
CA VAL A 9 -24.02 20.17 -57.23
C VAL A 9 -23.58 20.97 -58.45
N VAL A 10 -22.74 21.99 -58.24
CA VAL A 10 -22.36 22.86 -59.30
C VAL A 10 -20.92 23.32 -59.16
N ALA A 11 -20.31 23.66 -60.29
CA ALA A 11 -18.98 24.28 -60.30
C ALA A 11 -19.13 25.65 -61.02
N ALA A 12 -18.78 26.77 -60.35
CA ALA A 12 -19.01 28.09 -60.92
C ALA A 12 -17.84 29.00 -60.71
N SER A 13 -17.66 29.93 -61.65
CA SER A 13 -16.54 30.83 -61.58
C SER A 13 -16.74 31.72 -60.37
N VAL A 14 -15.66 32.03 -59.67
CA VAL A 14 -15.75 32.79 -58.42
C VAL A 14 -16.50 34.13 -58.51
N LEU A 15 -16.14 35.01 -59.43
CA LEU A 15 -16.81 36.30 -59.54
C LEU A 15 -18.15 36.25 -60.20
N SER A 16 -18.29 35.55 -61.31
CA SER A 16 -19.64 35.66 -61.90
C SER A 16 -20.51 34.44 -62.04
N SER A 17 -20.11 33.30 -61.46
CA SER A 17 -20.93 32.10 -61.47
C SER A 17 -21.13 31.60 -62.89
N GLY A 18 -20.07 31.67 -63.70
CA GLY A 18 -20.13 31.18 -65.06
C GLY A 18 -20.03 29.66 -64.98
N ILE A 19 -21.04 28.97 -65.48
CA ILE A 19 -21.06 27.51 -65.40
C ILE A 19 -21.00 26.81 -66.76
N GLY A 20 -21.06 27.59 -67.85
CA GLY A 20 -21.02 27.01 -69.16
C GLY A 20 -20.84 27.92 -70.36
N ILE A 21 -20.29 27.37 -71.44
CA ILE A 21 -20.13 28.10 -72.69
C ILE A 21 -20.29 27.18 -73.89
N ASN A 22 -21.14 27.58 -74.83
CA ASN A 22 -21.27 26.88 -76.10
C ASN A 22 -21.60 25.41 -75.90
N GLY A 23 -22.49 25.13 -74.96
CA GLY A 23 -22.90 23.75 -74.67
C GLY A 23 -21.88 22.93 -73.89
N GLN A 24 -20.72 23.49 -73.57
CA GLN A 24 -19.73 22.79 -72.72
C GLN A 24 -19.31 23.61 -71.47
N LEU A 25 -18.44 23.03 -70.66
CA LEU A 25 -17.78 23.76 -69.58
C LEU A 25 -16.76 24.80 -70.01
N PRO A 26 -16.52 25.78 -69.14
CA PRO A 26 -15.51 26.81 -69.41
C PRO A 26 -14.10 26.30 -69.18
N TRP A 27 -13.99 25.09 -68.62
CA TRP A 27 -12.70 24.53 -68.26
C TRP A 27 -12.79 23.02 -68.15
N SER A 28 -11.64 22.35 -68.12
CA SER A 28 -11.56 20.99 -67.59
C SER A 28 -10.75 20.80 -66.31
N ILE A 29 -11.41 20.35 -65.26
CA ILE A 29 -10.74 20.12 -63.97
C ILE A 29 -11.15 18.76 -63.39
N SER A 30 -10.23 17.80 -63.47
CA SER A 30 -10.57 16.41 -63.17
C SER A 30 -10.97 16.23 -61.71
N GLU A 31 -10.21 16.85 -60.81
CA GLU A 31 -10.50 16.78 -59.38
C GLU A 31 -11.94 17.13 -59.17
N ASP A 32 -12.47 18.05 -59.96
CA ASP A 32 -13.87 18.44 -59.77
C ASP A 32 -14.83 17.32 -60.23
N LEU A 33 -14.48 16.64 -61.35
CA LEU A 33 -15.27 15.52 -61.77
C LEU A 33 -15.20 14.46 -60.69
N LYS A 34 -14.00 14.22 -60.16
CA LYS A 34 -13.83 13.24 -59.08
C LYS A 34 -14.72 13.59 -57.89
N PHE A 35 -14.72 14.87 -57.49
CA PHE A 35 -15.55 15.32 -56.38
C PHE A 35 -17.00 15.05 -56.71
N PHE A 36 -17.40 15.44 -57.93
CA PHE A 36 -18.77 15.15 -58.40
C PHE A 36 -19.13 13.65 -58.30
N SER A 37 -18.16 12.82 -58.59
CA SER A 37 -18.37 11.41 -58.57
C SER A 37 -18.57 10.95 -57.12
N LYS A 38 -17.67 11.36 -56.21
CA LYS A 38 -17.77 10.98 -54.76
C LYS A 38 -19.07 11.45 -54.12
N ILE A 39 -19.42 12.73 -54.25
CA ILE A 39 -20.64 13.24 -53.62
C ILE A 39 -21.93 12.58 -54.16
N THR A 40 -22.01 12.38 -55.47
CA THR A 40 -23.24 11.86 -56.08
C THR A 40 -23.37 10.35 -55.84
N ASN A 41 -22.24 9.66 -55.74
CA ASN A 41 -22.25 8.25 -55.34
C ASN A 41 -22.46 7.92 -53.87
N ASN A 42 -21.88 8.73 -52.97
CA ASN A 42 -22.05 8.62 -51.53
C ASN A 42 -23.48 8.37 -51.03
N LYS A 43 -23.62 7.29 -50.24
CA LYS A 43 -24.86 6.86 -49.55
C LYS A 43 -24.58 5.76 -48.49
N CYS A 44 -25.43 5.65 -47.46
CA CYS A 44 -25.35 4.54 -46.48
C CYS A 44 -25.80 3.13 -46.94
N ASP A 45 -27.11 2.96 -47.11
CA ASP A 45 -27.73 1.68 -47.51
C ASP A 45 -27.27 1.46 -48.96
N SER A 46 -26.45 0.44 -49.17
CA SER A 46 -25.82 0.27 -50.48
C SER A 46 -26.69 -0.44 -51.56
N ASN A 47 -27.94 -0.74 -51.21
CA ASN A 47 -28.90 -1.30 -52.19
C ASN A 47 -29.89 -0.37 -52.82
N LYS A 48 -29.63 0.91 -52.56
CA LYS A 48 -30.35 2.01 -53.10
C LYS A 48 -29.38 2.75 -54.01
N LYS A 49 -29.93 3.60 -54.86
CA LYS A 49 -29.12 4.38 -55.78
C LYS A 49 -29.48 5.84 -55.51
N ASN A 50 -28.51 6.72 -55.72
CA ASN A 50 -28.87 8.14 -55.77
C ASN A 50 -29.32 8.54 -57.17
N ALA A 51 -30.28 9.44 -57.22
CA ALA A 51 -30.78 9.96 -58.46
C ALA A 51 -30.10 11.31 -58.83
N LEU A 52 -29.55 11.39 -60.03
CA LEU A 52 -29.03 12.66 -60.57
C LEU A 52 -29.97 13.34 -61.56
N ILE A 53 -30.66 14.39 -61.17
CA ILE A 53 -31.51 15.14 -62.08
C ILE A 53 -30.75 16.12 -62.93
N MET A 54 -30.99 16.10 -64.23
CA MET A 54 -30.37 17.07 -65.11
C MET A 54 -31.29 17.45 -66.25
N GLY A 55 -30.95 18.59 -66.88
CA GLY A 55 -31.64 19.11 -68.05
C GLY A 55 -31.13 18.48 -69.34
N ARG A 56 -32.01 18.47 -70.35
CA ARG A 56 -31.70 17.77 -71.60
C ARG A 56 -30.43 18.28 -72.23
N LYS A 57 -30.21 19.58 -72.23
CA LYS A 57 -28.98 20.09 -72.81
C LYS A 57 -27.70 19.58 -72.09
N THR A 58 -27.84 19.30 -70.80
CA THR A 58 -26.73 18.74 -70.02
C THR A 58 -26.58 17.25 -70.28
N TRP A 59 -27.69 16.52 -70.22
CA TRP A 59 -27.77 15.19 -70.81
C TRP A 59 -27.04 15.12 -72.15
N ASP A 60 -27.45 15.98 -73.08
CA ASP A 60 -26.80 16.05 -74.38
C ASP A 60 -25.31 16.21 -74.25
N SER A 61 -24.87 16.83 -73.15
CA SER A 61 -23.56 17.44 -73.08
C SER A 61 -22.50 16.43 -72.66
N ILE A 62 -22.94 15.35 -72.01
CA ILE A 62 -22.04 14.30 -71.55
C ILE A 62 -22.23 13.02 -72.35
N GLY A 63 -22.55 13.17 -73.63
CA GLY A 63 -22.59 12.04 -74.54
C GLY A 63 -23.83 11.18 -74.35
N ARG A 64 -24.83 11.74 -73.68
CA ARG A 64 -26.00 10.98 -73.26
C ARG A 64 -25.60 9.63 -72.68
N ARG A 65 -24.44 9.59 -72.02
CA ARG A 65 -23.87 8.33 -71.54
C ARG A 65 -24.06 8.19 -70.03
N PRO A 66 -24.70 7.10 -69.62
CA PRO A 66 -25.11 6.93 -68.20
C PRO A 66 -23.96 6.93 -67.18
N LEU A 67 -24.31 7.18 -65.94
CA LEU A 67 -23.32 7.28 -64.88
C LEU A 67 -23.37 5.98 -64.10
N LYS A 68 -22.18 5.42 -63.86
CA LYS A 68 -22.03 4.19 -63.07
C LYS A 68 -22.76 4.29 -61.69
N ASN A 69 -23.53 3.28 -61.38
CA ASN A 69 -24.09 3.09 -60.03
C ASN A 69 -25.12 4.10 -59.65
N ARG A 70 -25.40 5.05 -60.56
CA ARG A 70 -26.42 6.07 -60.31
C ARG A 70 -27.59 6.14 -61.32
N ILE A 71 -28.75 6.61 -60.89
CA ILE A 71 -29.86 6.76 -61.83
C ILE A 71 -30.03 8.23 -62.30
N ILE A 72 -29.85 8.47 -63.61
CA ILE A 72 -30.05 9.78 -64.23
C ILE A 72 -31.52 10.09 -64.51
N VAL A 73 -31.91 11.33 -64.32
CA VAL A 73 -33.25 11.72 -64.52
C VAL A 73 -33.15 12.93 -65.45
N VAL A 74 -33.62 12.79 -66.69
CA VAL A 74 -33.52 13.88 -67.63
C VAL A 74 -34.83 14.59 -67.72
N ILE A 75 -34.76 15.91 -67.70
CA ILE A 75 -35.96 16.74 -67.82
C ILE A 75 -35.98 17.16 -69.29
N SER A 76 -37.10 16.90 -69.94
CA SER A 76 -37.32 17.24 -71.35
C SER A 76 -38.78 17.31 -71.77
N SER A 77 -39.06 18.16 -72.76
CA SER A 77 -40.37 18.19 -73.39
C SER A 77 -40.45 17.17 -74.53
N SER A 78 -39.29 16.74 -75.02
CA SER A 78 -39.18 16.14 -76.34
C SER A 78 -38.66 14.71 -76.26
N LEU A 79 -37.54 14.54 -75.56
CA LEU A 79 -37.01 13.21 -75.29
C LEU A 79 -38.13 12.20 -75.03
N PRO A 80 -38.09 11.09 -75.76
CA PRO A 80 -39.04 10.01 -75.54
C PRO A 80 -38.74 9.30 -74.22
N GLN A 81 -39.79 9.06 -73.43
CA GLN A 81 -39.65 8.29 -72.19
C GLN A 81 -39.41 6.83 -72.56
N ASP A 82 -38.15 6.43 -72.56
CA ASP A 82 -37.69 5.34 -73.42
C ASP A 82 -38.05 4.05 -72.70
N GLU A 83 -37.04 3.19 -72.51
CA GLU A 83 -37.25 1.90 -71.85
C GLU A 83 -36.09 0.95 -72.09
N ALA A 84 -35.31 1.21 -73.13
CA ALA A 84 -34.03 0.53 -73.34
C ALA A 84 -33.24 0.47 -72.01
N ASP A 85 -32.99 1.68 -71.43
CA ASP A 85 -32.22 1.83 -70.19
C ASP A 85 -33.06 2.20 -68.94
N PRO A 86 -32.84 1.48 -67.80
CA PRO A 86 -33.48 1.74 -66.47
C PRO A 86 -32.67 2.69 -65.55
N ASN A 87 -31.39 2.91 -65.85
CA ASN A 87 -30.56 3.90 -65.18
C ASN A 87 -30.71 5.33 -65.70
N VAL A 88 -31.71 5.59 -66.55
CA VAL A 88 -31.94 6.88 -67.21
C VAL A 88 -33.42 6.93 -67.39
N VAL A 89 -34.05 7.94 -66.84
CA VAL A 89 -35.49 8.05 -66.88
C VAL A 89 -35.78 9.50 -67.26
N VAL A 90 -36.96 9.79 -67.83
CA VAL A 90 -37.27 11.11 -68.37
C VAL A 90 -38.56 11.68 -67.82
N PHE A 91 -38.56 12.98 -67.53
CA PHE A 91 -39.80 13.62 -67.06
C PHE A 91 -40.07 14.88 -67.79
N ARG A 92 -41.32 15.30 -67.80
CA ARG A 92 -41.70 16.45 -68.59
C ARG A 92 -41.55 17.77 -67.85
N ASN A 93 -41.27 17.66 -66.55
CA ASN A 93 -41.05 18.84 -65.75
C ASN A 93 -40.38 18.41 -64.47
N LEU A 94 -39.74 19.38 -63.83
CA LEU A 94 -38.95 19.17 -62.65
C LEU A 94 -39.87 18.78 -61.47
N GLU A 95 -40.99 19.48 -61.34
CA GLU A 95 -41.90 19.21 -60.23
C GLU A 95 -42.29 17.73 -60.16
N ASP A 96 -42.66 17.14 -61.29
CA ASP A 96 -43.10 15.75 -61.27
C ASP A 96 -41.94 14.82 -61.08
N SER A 97 -40.76 15.19 -61.56
CA SER A 97 -39.54 14.42 -61.35
C SER A 97 -39.35 14.11 -59.86
N ILE A 98 -40.19 14.71 -59.02
CA ILE A 98 -40.16 14.45 -57.59
C ILE A 98 -41.46 13.80 -57.13
N GLU A 99 -41.33 12.79 -56.27
CA GLU A 99 -41.97 11.50 -56.52
C GLU A 99 -40.93 10.41 -56.73
N ASN A 100 -39.74 10.81 -57.18
CA ASN A 100 -38.50 10.40 -56.53
C ASN A 100 -38.67 10.22 -55.02
N LEU A 101 -39.05 11.28 -54.34
CA LEU A 101 -39.19 11.27 -52.89
C LEU A 101 -40.16 10.19 -52.44
N MET A 102 -41.45 10.52 -52.44
CA MET A 102 -42.50 9.51 -52.43
C MET A 102 -42.18 8.36 -53.36
N ASN A 103 -41.87 7.20 -52.79
CA ASN A 103 -41.55 6.01 -53.56
C ASN A 103 -40.06 5.92 -53.89
N ASP A 104 -39.72 5.10 -54.89
CA ASP A 104 -38.37 4.59 -55.03
C ASP A 104 -37.81 4.79 -53.63
N ASP A 105 -38.19 3.92 -52.71
CA ASP A 105 -37.39 3.64 -51.53
C ASP A 105 -36.05 3.06 -51.99
N SER A 106 -35.96 2.74 -53.28
CA SER A 106 -34.68 2.40 -53.89
C SER A 106 -33.91 3.67 -54.28
N ILE A 107 -34.44 4.82 -53.91
CA ILE A 107 -33.74 6.09 -54.10
C ILE A 107 -33.37 6.70 -52.74
N GLU A 108 -32.08 6.66 -52.41
CA GLU A 108 -31.65 7.28 -51.16
C GLU A 108 -31.61 8.79 -51.28
N ASN A 109 -30.75 9.31 -52.16
CA ASN A 109 -30.64 10.79 -52.33
C ASN A 109 -30.85 11.31 -53.77
N ILE A 110 -31.28 12.57 -53.82
CA ILE A 110 -31.57 13.29 -55.04
C ILE A 110 -30.59 14.44 -55.17
N PHE A 111 -29.92 14.53 -56.32
CA PHE A 111 -29.05 15.66 -56.63
C PHE A 111 -29.48 16.42 -57.89
N VAL A 112 -29.53 17.74 -57.81
CA VAL A 112 -29.82 18.57 -58.97
C VAL A 112 -28.55 19.01 -59.68
N CYS A 113 -28.28 18.42 -60.83
CA CYS A 113 -26.93 18.40 -61.39
C CYS A 113 -26.79 19.42 -62.52
N GLY A 114 -27.91 20.01 -62.91
CA GLY A 114 -27.91 21.35 -63.48
C GLY A 114 -28.27 21.36 -64.96
N GLY A 115 -27.58 22.18 -65.73
CA GLY A 115 -28.23 23.16 -66.57
C GLY A 115 -28.81 24.32 -65.78
N GLU A 116 -28.43 25.53 -66.15
CA GLU A 116 -28.96 26.73 -65.52
C GLU A 116 -30.47 26.62 -65.32
N SER A 117 -31.18 26.32 -66.41
CA SER A 117 -32.66 26.30 -66.39
C SER A 117 -33.21 25.41 -65.27
N ILE A 118 -32.52 24.29 -65.01
CA ILE A 118 -32.85 23.36 -63.96
C ILE A 118 -32.52 23.92 -62.56
N TYR A 119 -31.29 24.40 -62.36
CA TYR A 119 -30.98 25.04 -61.11
C TYR A 119 -32.04 26.11 -60.81
N ARG A 120 -32.30 27.01 -61.76
CA ARG A 120 -33.20 28.12 -61.52
C ARG A 120 -34.57 27.61 -61.03
N ASP A 121 -35.03 26.49 -61.56
CA ASP A 121 -36.33 25.98 -61.18
C ASP A 121 -36.35 25.36 -59.76
N ALA A 122 -35.28 24.64 -59.42
CA ALA A 122 -35.19 23.98 -58.17
C ALA A 122 -35.16 25.00 -57.02
N LEU A 123 -34.37 26.08 -57.19
CA LEU A 123 -34.27 27.14 -56.22
C LEU A 123 -35.56 27.94 -56.16
N LYS A 124 -36.19 28.22 -57.31
CA LYS A 124 -37.44 29.01 -57.32
C LYS A 124 -38.60 28.25 -56.63
N ASP A 125 -38.66 26.95 -56.85
CA ASP A 125 -39.79 26.20 -56.31
C ASP A 125 -39.39 25.59 -54.98
N ASN A 126 -38.29 26.09 -54.45
CA ASN A 126 -37.83 25.71 -53.14
C ASN A 126 -37.72 24.19 -52.86
N PHE A 127 -37.07 23.46 -53.74
CA PHE A 127 -36.93 22.01 -53.62
C PHE A 127 -35.60 21.60 -53.03
N VAL A 128 -34.59 22.47 -53.06
CA VAL A 128 -33.24 22.05 -52.67
C VAL A 128 -32.87 22.43 -51.23
N ASP A 129 -32.17 21.54 -50.55
CA ASP A 129 -31.83 21.73 -49.13
C ASP A 129 -30.39 22.14 -48.93
N ARG A 130 -29.52 21.68 -49.83
CA ARG A 130 -28.09 21.86 -49.73
C ARG A 130 -27.52 22.21 -51.12
N ILE A 131 -26.47 23.01 -51.15
CA ILE A 131 -25.75 23.31 -52.37
C ILE A 131 -24.27 22.97 -52.21
N TYR A 132 -23.72 22.07 -53.01
CA TYR A 132 -22.29 21.86 -53.00
C TYR A 132 -21.69 22.63 -54.19
N LEU A 133 -20.95 23.70 -53.89
CA LEU A 133 -20.51 24.64 -54.91
C LEU A 133 -19.00 24.62 -55.07
N THR A 134 -18.53 24.22 -56.25
CA THR A 134 -17.12 24.30 -56.58
C THR A 134 -16.77 25.64 -57.21
N ARG A 135 -16.17 26.53 -56.42
CA ARG A 135 -15.75 27.83 -56.92
C ARG A 135 -14.47 27.73 -57.74
N VAL A 136 -14.55 28.14 -59.00
CA VAL A 136 -13.42 28.06 -59.90
C VAL A 136 -12.90 29.45 -60.16
N ALA A 137 -11.62 29.63 -59.99
CA ALA A 137 -11.06 30.99 -60.11
C ALA A 137 -10.53 31.31 -61.52
N LEU A 138 -11.43 31.40 -62.48
CA LEU A 138 -11.06 32.03 -63.74
C LEU A 138 -12.18 32.84 -64.36
N GLU A 139 -11.90 34.14 -64.55
CA GLU A 139 -12.96 35.09 -64.70
C GLU A 139 -12.87 36.04 -65.92
N ASP A 140 -11.88 35.92 -66.78
CA ASP A 140 -12.01 36.80 -67.97
C ASP A 140 -12.13 35.96 -69.22
N ILE A 141 -13.22 35.22 -69.29
CA ILE A 141 -13.47 34.29 -70.38
C ILE A 141 -14.94 34.35 -70.67
N GLU A 142 -15.36 33.81 -71.80
CA GLU A 142 -16.75 33.97 -72.19
C GLU A 142 -17.59 32.94 -71.42
N PHE A 143 -18.78 33.34 -71.00
CA PHE A 143 -19.70 32.45 -70.35
C PHE A 143 -21.01 32.75 -71.01
N ASP A 144 -21.85 31.73 -71.19
CA ASP A 144 -23.21 31.98 -71.62
C ASP A 144 -24.20 31.34 -70.65
N THR A 145 -23.67 30.68 -69.62
CA THR A 145 -24.52 29.98 -68.65
C THR A 145 -24.05 30.26 -67.23
N TYR A 146 -25.01 30.64 -66.40
CA TYR A 146 -24.67 31.06 -65.06
C TYR A 146 -25.36 30.24 -63.98
N PHE A 147 -24.73 30.15 -62.79
CA PHE A 147 -25.42 29.60 -61.58
C PHE A 147 -26.27 30.71 -60.96
N PRO A 148 -27.56 30.48 -60.66
CA PRO A 148 -28.29 31.65 -60.18
C PRO A 148 -27.78 32.10 -58.80
N GLU A 149 -28.09 33.33 -58.38
CA GLU A 149 -27.74 33.85 -57.05
C GLU A 149 -28.23 32.92 -55.98
N ILE A 150 -27.35 32.53 -55.06
CA ILE A 150 -27.82 31.67 -53.97
C ILE A 150 -28.87 32.49 -53.18
N PRO A 151 -30.02 31.89 -52.89
CA PRO A 151 -31.02 32.69 -52.13
C PRO A 151 -30.59 32.90 -50.64
N GLU A 152 -31.14 33.96 -50.03
CA GLU A 152 -30.92 34.34 -48.63
C GLU A 152 -31.19 33.21 -47.64
N THR A 153 -32.20 32.42 -47.91
CA THR A 153 -32.49 31.25 -47.11
C THR A 153 -31.28 30.28 -46.98
N PHE A 154 -30.21 30.54 -47.68
CA PHE A 154 -29.10 29.59 -47.65
C PHE A 154 -27.94 30.19 -46.90
N LEU A 155 -27.21 29.37 -46.17
CA LEU A 155 -26.02 29.90 -45.50
C LEU A 155 -24.86 28.95 -45.66
N PRO A 156 -23.67 29.52 -45.88
CA PRO A 156 -22.44 28.72 -45.99
C PRO A 156 -22.00 28.08 -44.68
N VAL A 157 -21.74 26.78 -44.71
CA VAL A 157 -21.37 26.04 -43.52
C VAL A 157 -20.05 25.29 -43.64
N TYR A 158 -19.50 25.30 -44.85
CA TYR A 158 -18.14 24.81 -45.08
C TYR A 158 -17.44 25.50 -46.24
N MET A 159 -16.11 25.58 -46.17
CA MET A 159 -15.33 26.14 -47.25
C MET A 159 -13.96 25.46 -47.07
N SER A 160 -13.49 24.79 -48.12
CA SER A 160 -12.30 24.00 -48.05
C SER A 160 -11.08 24.88 -48.25
N GLN A 161 -9.89 24.29 -48.08
CA GLN A 161 -8.70 25.00 -48.51
C GLN A 161 -8.76 25.15 -50.05
N THR A 162 -7.88 26.00 -50.59
CA THR A 162 -7.71 26.18 -52.02
C THR A 162 -6.89 25.01 -52.61
N PHE A 163 -7.29 24.53 -53.79
CA PHE A 163 -6.52 23.53 -54.52
C PHE A 163 -6.10 24.08 -55.89
N CYS A 164 -5.16 23.39 -56.52
CA CYS A 164 -4.58 23.76 -57.79
C CYS A 164 -4.63 22.62 -58.81
N THR A 165 -4.99 23.01 -60.03
CA THR A 165 -4.94 22.11 -61.16
C THR A 165 -4.51 22.93 -62.34
N LYS A 166 -3.32 22.58 -62.86
CA LYS A 166 -2.75 23.27 -64.01
C LYS A 166 -2.83 24.80 -63.82
N ASN A 167 -2.43 25.25 -62.63
CA ASN A 167 -2.50 26.65 -62.30
C ASN A 167 -3.88 27.31 -62.04
N ILE A 168 -4.95 26.55 -62.16
CA ILE A 168 -6.25 27.07 -61.78
C ILE A 168 -6.57 26.80 -60.29
N SER A 169 -6.86 27.84 -59.53
CA SER A 169 -7.30 27.64 -58.14
C SER A 169 -8.80 27.44 -58.07
N TYR A 170 -9.26 26.58 -57.16
CA TYR A 170 -10.68 26.39 -56.93
C TYR A 170 -10.98 26.10 -55.46
N ASP A 171 -12.13 26.56 -55.00
CA ASP A 171 -12.71 26.05 -53.76
C ASP A 171 -13.70 24.92 -54.05
N PHE A 172 -14.05 24.17 -53.01
CA PHE A 172 -15.43 23.74 -52.81
C PHE A 172 -15.98 24.27 -51.50
N MET A 173 -17.27 24.03 -51.27
CA MET A 173 -18.06 24.90 -50.41
C MET A 173 -19.50 24.42 -50.31
N ILE A 174 -20.02 24.35 -49.08
CA ILE A 174 -21.36 23.81 -48.84
C ILE A 174 -22.27 24.88 -48.26
N PHE A 175 -23.52 24.89 -48.72
CA PHE A 175 -24.54 25.77 -48.16
C PHE A 175 -25.73 24.95 -47.73
N GLU A 176 -26.38 25.36 -46.65
CA GLU A 176 -27.55 24.64 -46.11
C GLU A 176 -28.73 25.57 -46.10
N LYS A 177 -29.88 25.10 -46.57
CA LYS A 177 -31.13 25.91 -46.44
C LYS A 177 -31.41 26.02 -44.94
N GLN A 178 -31.45 27.24 -44.43
CA GLN A 178 -31.75 27.46 -43.01
C GLN A 178 -33.25 27.39 -42.76
N GLU A 179 -33.62 27.01 -41.55
CA GLU A 179 -35.02 26.78 -41.20
C GLU A 179 -35.36 27.41 -39.86
N LYS A 180 -34.34 27.72 -39.07
CA LYS A 180 -34.50 28.56 -37.88
C LYS A 180 -33.21 28.61 -37.07
N GLN A 192 -21.93 19.84 -27.92
CA GLN A 192 -21.07 18.71 -27.57
C GLN A 192 -21.68 17.90 -26.43
N LEU A 193 -21.63 18.45 -25.23
CA LEU A 193 -22.67 18.22 -24.24
C LEU A 193 -23.28 19.57 -23.87
N LYS A 194 -24.55 19.57 -23.52
CA LYS A 194 -25.15 20.68 -22.79
C LYS A 194 -24.50 20.74 -21.42
N SER A 195 -24.29 19.57 -20.82
CA SER A 195 -23.57 19.48 -19.58
C SER A 195 -22.13 20.04 -19.56
N ILE A 196 -21.34 19.78 -20.61
CA ILE A 196 -19.95 20.19 -20.59
C ILE A 196 -19.88 21.67 -20.73
N ASP A 197 -20.74 22.20 -21.59
CA ASP A 197 -20.81 23.64 -21.75
C ASP A 197 -21.45 24.32 -20.55
N ASP A 198 -22.46 23.67 -19.97
CA ASP A 198 -23.09 24.19 -18.77
C ASP A 198 -22.07 24.27 -17.65
N THR A 199 -21.23 23.25 -17.54
CA THR A 199 -20.19 23.24 -16.54
C THR A 199 -19.18 24.34 -16.83
N VAL A 200 -18.61 24.33 -18.05
CA VAL A 200 -17.56 25.28 -18.38
C VAL A 200 -18.05 26.70 -18.12
N ASP A 201 -19.33 26.96 -18.36
CA ASP A 201 -19.88 28.30 -18.09
C ASP A 201 -20.01 28.63 -16.60
N LEU A 202 -20.33 27.64 -15.78
CA LEU A 202 -20.55 27.85 -14.39
C LEU A 202 -19.20 28.05 -13.75
N LEU A 203 -18.19 27.35 -14.26
CA LEU A 203 -16.85 27.55 -13.72
C LEU A 203 -16.36 28.92 -14.18
N GLY A 204 -16.76 29.35 -15.38
CA GLY A 204 -16.44 30.67 -15.87
C GLY A 204 -17.06 31.76 -15.03
N GLU A 205 -18.31 31.57 -14.59
CA GLU A 205 -18.92 32.55 -13.69
C GLU A 205 -18.18 32.61 -12.35
N ILE A 206 -17.94 31.47 -11.73
CA ILE A 206 -17.22 31.41 -10.48
C ILE A 206 -15.81 32.04 -10.59
N ALA A 207 -15.00 31.60 -11.55
CA ALA A 207 -13.58 31.97 -11.64
C ALA A 207 -13.30 33.38 -12.20
N GLY A 208 -14.12 33.81 -13.15
CA GLY A 208 -13.89 35.10 -13.83
C GLY A 208 -12.54 35.10 -14.50
N ILE A 209 -11.84 36.22 -14.46
CA ILE A 209 -10.51 36.35 -15.07
C ILE A 209 -9.54 35.15 -14.77
N ARG A 210 -9.79 34.48 -13.64
CA ARG A 210 -8.91 33.43 -13.21
C ARG A 210 -8.92 32.18 -14.07
N LYS A 211 -10.05 31.85 -14.71
CA LYS A 211 -10.10 30.75 -15.69
C LYS A 211 -9.59 31.24 -17.05
N MET A 212 -8.54 30.55 -17.56
CA MET A 212 -7.90 30.97 -18.79
C MET A 212 -8.89 31.08 -19.99
N GLY A 213 -9.81 30.13 -20.12
CA GLY A 213 -10.91 30.27 -21.04
C GLY A 213 -11.58 31.66 -21.02
N ASN A 214 -11.61 32.35 -19.89
CA ASN A 214 -12.26 33.68 -19.91
C ASN A 214 -11.38 34.74 -20.53
N ARG A 215 -10.08 34.54 -20.41
CA ARG A 215 -9.10 35.42 -20.99
C ARG A 215 -9.07 35.22 -22.52
N HIS A 216 -9.48 34.04 -22.98
CA HIS A 216 -9.55 33.72 -24.41
C HIS A 216 -10.99 33.51 -24.94
N LYS A 217 -11.89 34.49 -24.77
CA LYS A 217 -13.27 34.33 -25.22
C LYS A 217 -13.45 34.10 -26.73
N PHE A 218 -14.41 33.23 -27.08
CA PHE A 218 -14.82 33.01 -28.48
C PHE A 218 -15.32 34.32 -29.07
N PRO A 219 -14.93 34.64 -30.32
CA PRO A 219 -15.40 35.92 -30.86
C PRO A 219 -16.91 35.91 -31.09
N LYS A 220 -17.56 37.04 -30.87
CA LYS A 220 -18.99 37.28 -31.16
C LYS A 220 -19.33 37.33 -32.67
N GLU A 221 -20.41 36.66 -33.04
CA GLU A 221 -20.94 36.59 -34.38
C GLU A 221 -20.75 37.89 -35.17
N GLU A 222 -20.97 39.04 -34.53
CA GLU A 222 -20.86 40.32 -35.24
C GLU A 222 -19.42 40.72 -35.63
N ILE A 223 -18.41 40.02 -35.14
CA ILE A 223 -17.05 40.32 -35.56
C ILE A 223 -16.30 39.07 -36.08
N TYR A 224 -17.02 38.02 -36.37
CA TYR A 224 -16.46 36.78 -36.87
C TYR A 224 -16.88 36.71 -38.37
N ASN A 225 -15.88 36.57 -39.24
CA ASN A 225 -16.11 36.51 -40.66
C ASN A 225 -16.98 35.32 -41.05
N THR A 226 -18.02 35.54 -41.89
CA THR A 226 -18.88 34.44 -42.38
C THR A 226 -19.24 33.45 -41.27
N PRO A 227 -20.02 33.90 -40.29
CA PRO A 227 -20.36 33.23 -39.02
C PRO A 227 -21.02 31.91 -39.21
N SER A 228 -21.79 31.71 -40.29
CA SER A 228 -22.55 30.45 -40.35
C SER A 228 -21.57 29.30 -40.49
N ILE A 229 -20.33 29.60 -40.86
CA ILE A 229 -19.35 28.57 -41.15
C ILE A 229 -18.77 28.27 -39.77
N ARG A 230 -19.23 27.17 -39.17
CA ARG A 230 -19.07 26.97 -37.74
C ARG A 230 -18.02 25.86 -37.60
N PHE A 231 -18.16 24.81 -38.40
CA PHE A 231 -17.26 23.69 -38.34
C PHE A 231 -16.45 23.47 -39.59
N GLY A 232 -16.55 24.31 -40.60
CA GLY A 232 -15.76 24.09 -41.81
C GLY A 232 -14.89 25.25 -42.24
N ARG A 233 -14.17 25.84 -41.28
CA ARG A 233 -13.31 26.97 -41.59
C ARG A 233 -11.95 26.52 -42.03
N GLU A 234 -11.89 25.81 -43.15
CA GLU A 234 -10.66 25.22 -43.61
C GLU A 234 -9.83 26.16 -44.53
N HIS A 235 -10.47 27.03 -45.28
CA HIS A 235 -9.72 27.96 -46.07
C HIS A 235 -8.69 28.63 -45.11
N TYR A 236 -7.40 28.49 -45.36
CA TYR A 236 -6.38 29.10 -44.49
C TYR A 236 -6.38 30.62 -44.35
N GLU A 237 -7.10 31.31 -45.23
CA GLU A 237 -7.34 32.75 -44.95
C GLU A 237 -8.13 32.98 -43.63
N PHE A 238 -8.83 31.96 -43.13
CA PHE A 238 -9.54 32.10 -41.88
C PHE A 238 -8.57 32.15 -40.72
N GLN A 239 -7.40 31.62 -40.94
CA GLN A 239 -6.41 31.68 -39.92
C GLN A 239 -6.06 33.11 -39.65
N TYR A 240 -6.15 33.96 -40.67
CA TYR A 240 -5.80 35.38 -40.54
C TYR A 240 -6.99 36.16 -40.03
N LEU A 241 -8.16 35.84 -40.53
CA LEU A 241 -9.32 36.59 -40.17
C LEU A 241 -9.75 36.25 -38.76
N ASP A 242 -9.62 35.01 -38.36
CA ASP A 242 -10.05 34.64 -37.02
C ASP A 242 -9.11 35.22 -35.94
N LEU A 243 -7.83 35.40 -36.30
CA LEU A 243 -6.88 36.08 -35.46
C LEU A 243 -7.39 37.49 -35.21
N LEU A 244 -7.72 38.15 -36.29
CA LEU A 244 -8.31 39.50 -36.24
C LEU A 244 -9.54 39.51 -35.28
N SER A 245 -10.42 38.54 -35.39
CA SER A 245 -11.59 38.46 -34.50
C SER A 245 -11.22 38.26 -33.02
N ARG A 246 -10.28 37.36 -32.74
CA ARG A 246 -9.83 37.09 -31.40
C ARG A 246 -9.30 38.37 -30.75
N VAL A 247 -8.64 39.25 -31.52
CA VAL A 247 -8.18 40.44 -30.89
C VAL A 247 -9.22 41.48 -30.79
N LEU A 248 -10.02 41.63 -31.85
CA LEU A 248 -11.26 42.39 -31.76
C LEU A 248 -12.06 42.01 -30.51
N GLU A 249 -11.98 40.75 -30.13
CA GLU A 249 -12.83 40.21 -29.06
C GLU A 249 -12.20 40.45 -27.69
N ASN A 250 -11.00 39.92 -27.49
CA ASN A 250 -10.36 39.97 -26.19
C ASN A 250 -9.26 41.03 -26.03
N GLY A 251 -8.91 41.77 -27.06
CA GLY A 251 -7.69 42.57 -26.94
C GLY A 251 -7.78 43.63 -25.89
N ALA A 252 -6.74 43.74 -25.08
CA ALA A 252 -6.62 44.79 -24.09
C ALA A 252 -6.23 46.09 -24.80
N TYR A 253 -6.80 47.20 -24.34
CA TYR A 253 -6.46 48.51 -24.86
C TYR A 253 -5.17 49.04 -24.24
N ARG A 254 -4.25 49.48 -25.08
CA ARG A 254 -2.93 49.92 -24.63
C ARG A 254 -2.46 51.13 -25.41
N GLU A 255 -1.71 52.00 -24.75
CA GLU A 255 -0.89 53.00 -25.43
C GLU A 255 0.52 52.45 -25.83
N ASN A 256 1.08 52.93 -26.95
CA ASN A 256 2.46 52.53 -27.32
C ASN A 256 3.29 53.71 -27.85
N ARG A 257 4.55 53.45 -28.15
CA ARG A 257 5.49 54.52 -28.49
C ARG A 257 4.96 55.44 -29.58
N THR A 258 4.35 54.84 -30.61
CA THR A 258 3.56 55.60 -31.56
C THR A 258 2.33 56.21 -30.91
N GLY A 259 1.91 57.38 -31.39
CA GLY A 259 0.81 58.10 -30.81
C GLY A 259 -0.44 57.26 -30.68
N ILE A 260 -0.58 56.27 -31.58
CA ILE A 260 -1.85 55.59 -31.77
C ILE A 260 -1.89 54.29 -30.99
N SER A 261 -3.01 54.05 -30.30
CA SER A 261 -3.09 52.97 -29.29
C SER A 261 -3.61 51.76 -30.01
N THR A 262 -3.56 50.61 -29.34
CA THR A 262 -3.89 49.35 -29.98
C THR A 262 -4.72 48.45 -29.09
N TYR A 263 -5.31 47.41 -29.69
CA TYR A 263 -5.99 46.39 -28.95
C TYR A 263 -5.07 45.21 -29.09
N SER A 264 -4.75 44.54 -27.99
CA SER A 264 -3.66 43.58 -28.06
C SER A 264 -3.92 42.33 -27.28
N ILE A 265 -3.36 41.19 -27.78
CA ILE A 265 -3.30 39.90 -27.03
C ILE A 265 -1.96 39.30 -27.41
N PHE A 266 -1.55 38.27 -26.64
CA PHE A 266 -0.21 37.82 -26.70
C PHE A 266 -0.11 36.34 -26.88
N GLY A 267 0.68 35.88 -27.87
CA GLY A 267 0.82 34.44 -28.10
C GLY A 267 -0.30 33.96 -29.01
N GLN A 268 -0.12 34.06 -30.30
CA GLN A 268 -1.09 33.55 -31.22
C GLN A 268 -0.34 32.84 -32.34
N MET A 269 -1.07 32.12 -33.16
CA MET A 269 -0.46 31.49 -34.30
C MET A 269 -1.39 31.40 -35.50
N MET A 270 -0.78 31.26 -36.69
CA MET A 270 -1.48 31.12 -37.97
C MET A 270 -0.71 30.11 -38.85
N ARG A 271 -1.47 29.41 -39.68
CA ARG A 271 -0.94 28.36 -40.55
C ARG A 271 -1.45 28.52 -41.94
N PHE A 272 -0.58 28.28 -42.89
CA PHE A 272 -0.96 28.38 -44.27
C PHE A 272 -0.36 27.28 -45.11
N ASP A 273 -1.19 26.69 -45.96
CA ASP A 273 -0.67 25.74 -46.93
C ASP A 273 0.05 26.52 -48.04
N MET A 274 1.11 25.94 -48.58
CA MET A 274 1.75 26.58 -49.70
C MET A 274 1.95 25.57 -50.81
N ARG A 275 1.40 24.35 -50.68
CA ARG A 275 1.60 23.39 -51.75
C ARG A 275 0.60 23.69 -52.82
N GLU A 276 -0.68 23.92 -52.45
CA GLU A 276 -1.74 24.07 -53.43
C GLU A 276 -2.00 25.50 -53.93
N SER A 277 -1.57 26.52 -53.20
CA SER A 277 -1.83 27.90 -53.57
C SER A 277 -0.88 28.76 -52.80
N PHE A 278 -0.89 30.07 -53.13
CA PHE A 278 -0.06 31.12 -52.51
C PHE A 278 -0.90 31.98 -51.56
N PRO A 279 -0.48 32.17 -50.30
CA PRO A 279 -1.41 32.82 -49.35
C PRO A 279 -1.46 34.31 -49.42
N LEU A 280 -1.98 34.88 -50.49
CA LEU A 280 -2.12 36.29 -50.57
C LEU A 280 -3.56 36.54 -50.24
N LEU A 281 -3.85 37.28 -49.18
CA LEU A 281 -5.24 37.51 -48.74
C LEU A 281 -6.16 37.94 -49.87
N THR A 282 -7.39 37.47 -49.85
CA THR A 282 -8.36 37.81 -50.88
C THR A 282 -9.41 38.76 -50.38
N THR A 283 -9.44 39.00 -49.07
CA THR A 283 -10.45 39.90 -48.50
C THR A 283 -10.08 41.37 -48.61
N LYS A 284 -8.86 41.68 -49.04
CA LYS A 284 -8.49 43.06 -49.44
C LYS A 284 -7.36 42.94 -50.49
N LYS A 285 -7.29 43.86 -51.46
CA LYS A 285 -6.25 43.70 -52.47
C LYS A 285 -4.93 43.96 -51.80
N VAL A 286 -3.98 43.04 -51.87
CA VAL A 286 -2.69 43.23 -51.20
C VAL A 286 -1.58 43.70 -52.14
N ALA A 287 -0.78 44.66 -51.70
CA ALA A 287 0.32 45.20 -52.51
C ALA A 287 1.47 44.22 -52.70
N ILE A 288 1.26 43.20 -53.50
CA ILE A 288 2.26 42.14 -53.72
C ILE A 288 3.65 42.63 -54.23
N ARG A 289 3.65 43.57 -55.18
CA ARG A 289 4.86 44.17 -55.71
C ARG A 289 5.76 44.75 -54.67
N SER A 290 5.21 45.58 -53.80
CA SER A 290 5.96 46.20 -52.73
C SER A 290 6.57 45.12 -51.83
N ILE A 291 5.74 44.13 -51.49
CA ILE A 291 6.16 43.01 -50.66
C ILE A 291 7.36 42.35 -51.28
N PHE A 292 7.21 41.98 -52.56
CA PHE A 292 8.30 41.29 -53.24
C PHE A 292 9.54 42.20 -53.24
N GLU A 293 9.34 43.47 -53.56
CA GLU A 293 10.44 44.41 -53.71
C GLU A 293 11.17 44.64 -52.39
N GLU A 294 10.42 44.57 -51.28
CA GLU A 294 11.04 44.74 -50.00
C GLU A 294 11.81 43.49 -49.66
N LEU A 295 11.33 42.34 -50.12
CA LEU A 295 12.03 41.07 -49.85
C LEU A 295 13.43 40.98 -50.52
N ILE A 296 13.55 41.16 -51.85
CA ILE A 296 14.89 41.08 -52.45
C ILE A 296 15.89 42.09 -51.88
N TRP A 297 15.39 43.25 -51.50
CA TRP A 297 16.16 44.23 -50.77
C TRP A 297 16.72 43.60 -49.48
N PHE A 298 15.87 42.88 -48.71
CA PHE A 298 16.38 42.11 -47.54
C PHE A 298 17.45 41.11 -48.01
N ILE A 299 17.11 40.35 -49.04
CA ILE A 299 17.97 39.30 -49.51
C ILE A 299 19.33 39.81 -49.91
N LYS A 300 19.34 40.95 -50.58
CA LYS A 300 20.59 41.49 -51.05
C LYS A 300 21.40 42.10 -49.92
N GLY A 301 20.86 42.13 -48.72
CA GLY A 301 21.59 42.74 -47.61
C GLY A 301 21.53 44.26 -47.59
N ASP A 302 20.56 44.84 -48.31
CA ASP A 302 20.43 46.28 -48.40
C ASP A 302 19.69 47.03 -47.24
N THR A 303 20.29 48.12 -46.77
CA THR A 303 19.69 48.97 -45.76
C THR A 303 19.50 50.41 -46.21
N ASN A 304 19.58 50.63 -47.52
CA ASN A 304 19.41 51.93 -48.11
C ASN A 304 17.99 52.08 -48.60
N GLY A 305 17.20 52.74 -47.77
CA GLY A 305 15.84 53.07 -48.13
C GLY A 305 15.57 53.73 -49.46
N ASN A 306 16.53 54.51 -49.97
CA ASN A 306 16.39 55.08 -51.32
C ASN A 306 16.23 54.01 -52.40
N HIS A 307 16.85 52.86 -52.19
CA HIS A 307 16.66 51.82 -53.21
C HIS A 307 15.21 51.39 -53.38
N LEU A 308 14.42 51.43 -52.28
CA LEU A 308 13.01 51.02 -52.36
C LEU A 308 12.24 52.15 -52.96
N ILE A 309 12.48 53.33 -52.41
CA ILE A 309 11.83 54.49 -52.94
C ILE A 309 12.07 54.60 -54.46
N GLU A 310 13.31 54.41 -54.94
CA GLU A 310 13.61 54.41 -56.38
C GLU A 310 12.67 53.50 -57.20
N LYS A 311 12.31 52.33 -56.66
CA LYS A 311 11.38 51.42 -57.33
C LYS A 311 9.93 51.77 -56.98
N LYS A 312 9.72 52.92 -56.37
CA LYS A 312 8.37 53.36 -56.06
C LYS A 312 7.63 52.46 -55.02
N VAL A 313 8.36 52.16 -53.95
CA VAL A 313 7.89 51.42 -52.82
C VAL A 313 8.20 52.32 -51.65
N TYR A 314 7.14 52.85 -51.02
CA TYR A 314 7.32 53.78 -49.93
C TYR A 314 7.16 53.15 -48.57
N ILE A 315 7.11 51.82 -48.51
CA ILE A 315 6.88 51.23 -47.19
C ILE A 315 7.89 51.68 -46.08
N TRP A 316 9.13 52.05 -46.41
CA TRP A 316 10.04 52.38 -45.34
C TRP A 316 10.32 53.85 -45.28
N SER A 317 9.61 54.61 -46.08
CA SER A 317 9.79 56.06 -46.09
C SER A 317 9.84 56.73 -44.74
N GLY A 318 8.79 56.49 -43.97
CA GLY A 318 8.62 57.20 -42.75
C GLY A 318 9.68 56.84 -41.78
N ASN A 319 10.02 55.55 -41.69
CA ASN A 319 11.04 55.18 -40.71
C ASN A 319 12.43 55.63 -41.13
N GLY A 320 12.54 56.28 -42.29
CA GLY A 320 13.79 56.82 -42.67
C GLY A 320 13.77 58.32 -42.86
N SER A 321 12.69 59.01 -42.53
CA SER A 321 12.65 60.46 -42.70
C SER A 321 13.60 61.19 -41.73
N LYS A 322 14.05 62.38 -42.12
CA LYS A 322 14.95 63.14 -41.28
C LYS A 322 14.34 63.31 -39.87
N GLU A 323 13.09 63.74 -39.84
CA GLU A 323 12.37 63.97 -38.57
C GLU A 323 12.32 62.70 -37.75
N TYR A 324 11.82 61.59 -38.31
CA TYR A 324 11.77 60.35 -37.51
C TYR A 324 13.13 59.94 -36.93
N LEU A 325 14.18 59.94 -37.75
CA LEU A 325 15.49 59.51 -37.26
C LEU A 325 16.01 60.51 -36.23
N GLU A 326 15.64 61.78 -36.44
CA GLU A 326 15.95 62.84 -35.48
C GLU A 326 15.26 62.57 -34.13
N ARG A 327 13.97 62.31 -34.18
CA ARG A 327 13.22 62.04 -32.99
C ARG A 327 13.75 60.87 -32.18
N ILE A 328 14.45 59.91 -32.80
CA ILE A 328 14.87 58.72 -32.04
C ILE A 328 16.37 58.54 -31.78
N GLY A 329 17.19 59.55 -32.02
CA GLY A 329 18.59 59.43 -31.59
C GLY A 329 19.55 59.13 -32.74
N LEU A 330 19.02 59.02 -33.96
CA LEU A 330 19.81 58.68 -35.13
C LEU A 330 19.92 59.84 -36.10
N GLY A 331 19.87 61.07 -35.54
CA GLY A 331 19.92 62.31 -36.31
C GLY A 331 21.20 62.47 -37.10
N HIS A 332 22.22 61.71 -36.74
CA HIS A 332 23.46 61.68 -37.51
C HIS A 332 23.32 61.01 -38.89
N ARG A 333 22.29 60.21 -39.07
CA ARG A 333 22.10 59.49 -40.30
C ARG A 333 21.63 60.31 -41.45
N GLU A 334 22.12 60.02 -42.65
CA GLU A 334 21.51 60.52 -43.88
C GLU A 334 20.10 59.95 -44.02
N GLU A 335 19.22 60.73 -44.65
CA GLU A 335 17.83 60.33 -44.80
C GLU A 335 17.93 58.92 -45.38
N ASN A 336 17.22 57.99 -44.76
CA ASN A 336 17.02 56.67 -45.35
C ASN A 336 18.12 55.62 -45.13
N ASP A 337 19.10 55.98 -44.30
CA ASP A 337 20.03 55.02 -43.79
C ASP A 337 19.38 54.41 -42.57
N LEU A 338 18.70 53.29 -42.78
CA LEU A 338 17.96 52.66 -41.71
C LEU A 338 18.88 51.96 -40.79
N GLY A 339 20.16 51.92 -41.09
CA GLY A 339 21.17 51.27 -40.22
C GLY A 339 21.11 49.76 -40.41
N PRO A 340 21.63 48.97 -39.44
CA PRO A 340 21.69 47.48 -39.66
C PRO A 340 20.42 46.73 -39.41
N ILE A 341 19.35 47.11 -40.11
CA ILE A 341 18.08 46.39 -40.04
C ILE A 341 18.12 45.13 -40.89
N TYR A 342 16.95 44.59 -41.21
CA TYR A 342 16.81 43.19 -41.55
C TYR A 342 17.93 42.73 -42.47
N GLY A 343 17.94 43.27 -43.70
CA GLY A 343 18.83 42.78 -44.73
C GLY A 343 20.25 42.63 -44.26
N PHE A 344 20.66 43.51 -43.34
CA PHE A 344 22.06 43.57 -42.91
C PHE A 344 22.39 42.44 -41.95
N GLN A 345 21.43 42.09 -41.09
CA GLN A 345 21.60 40.98 -40.15
C GLN A 345 21.54 39.65 -40.90
N TRP A 346 20.80 39.62 -42.00
CA TRP A 346 20.68 38.39 -42.78
C TRP A 346 22.00 38.03 -43.50
N ARG A 347 22.73 39.04 -44.00
CA ARG A 347 23.92 38.77 -44.80
C ARG A 347 25.17 39.15 -44.06
N HIS A 348 25.02 39.96 -43.02
CA HIS A 348 26.19 40.48 -42.30
C HIS A 348 26.03 40.46 -40.82
N TYR A 349 25.45 39.37 -40.31
CA TYR A 349 25.20 39.27 -38.88
C TYR A 349 26.42 39.66 -38.08
N ASN A 350 26.23 40.58 -37.16
CA ASN A 350 27.28 40.99 -36.20
C ASN A 350 28.30 41.92 -36.79
N GLY A 351 28.21 42.18 -38.09
CA GLY A 351 29.13 43.12 -38.74
C GLY A 351 29.06 44.42 -37.97
N GLU A 352 30.03 45.31 -38.13
CA GLU A 352 30.02 46.58 -37.44
C GLU A 352 29.50 47.55 -38.44
N TYR A 353 28.36 48.17 -38.19
CA TYR A 353 27.77 49.09 -39.16
C TYR A 353 28.24 50.52 -39.00
N LYS A 354 28.69 51.12 -40.10
CA LYS A 354 29.02 52.54 -40.11
C LYS A 354 28.05 53.38 -40.85
N THR A 355 27.78 53.05 -42.11
CA THR A 355 26.83 53.85 -42.90
C THR A 355 26.36 52.95 -44.05
N MET A 356 25.24 53.32 -44.66
CA MET A 356 24.78 52.59 -45.81
C MET A 356 25.74 52.68 -47.03
N HIS A 357 26.82 53.46 -46.91
CA HIS A 357 27.66 53.75 -48.08
C HIS A 357 28.90 52.89 -48.10
N ASP A 358 29.27 52.41 -46.93
CA ASP A 358 30.44 51.61 -46.79
C ASP A 358 30.25 50.26 -47.46
N ASP A 359 31.35 49.54 -47.60
CA ASP A 359 31.37 48.28 -48.32
C ASP A 359 31.49 47.11 -47.31
N TYR A 360 30.50 46.22 -47.32
CA TYR A 360 30.40 45.22 -46.25
C TYR A 360 30.61 43.81 -46.71
N THR A 361 30.87 43.69 -48.00
CA THR A 361 31.27 42.44 -48.60
C THR A 361 32.36 41.81 -47.68
N GLY A 362 32.09 40.59 -47.20
CA GLY A 362 33.04 39.87 -46.36
C GLY A 362 32.87 40.08 -44.88
N VAL A 363 32.25 41.18 -44.43
CA VAL A 363 32.03 41.38 -42.97
C VAL A 363 30.78 40.69 -42.41
N GLY A 364 30.96 40.02 -41.27
CA GLY A 364 29.89 39.41 -40.54
C GLY A 364 29.54 38.04 -41.05
N VAL A 365 28.74 37.29 -40.29
CA VAL A 365 28.21 36.02 -40.74
C VAL A 365 27.14 36.21 -41.81
N ASP A 366 27.31 35.54 -42.94
CA ASP A 366 26.21 35.34 -43.89
C ASP A 366 25.31 34.19 -43.44
N GLN A 367 24.26 34.53 -42.70
CA GLN A 367 23.22 33.57 -42.38
C GLN A 367 22.56 33.00 -43.64
N LEU A 368 22.16 33.89 -44.53
CA LEU A 368 21.37 33.52 -45.67
C LEU A 368 22.15 32.54 -46.52
N ALA A 369 23.44 32.81 -46.75
CA ALA A 369 24.24 31.84 -47.51
C ALA A 369 24.37 30.58 -46.74
N LYS A 370 24.67 30.64 -45.44
CA LYS A 370 24.78 29.37 -44.69
C LYS A 370 23.46 28.61 -44.72
N LEU A 371 22.35 29.36 -44.80
CA LEU A 371 21.08 28.72 -44.76
C LEU A 371 20.97 27.80 -45.99
N ILE A 372 21.27 28.37 -47.15
CA ILE A 372 21.12 27.64 -48.38
C ILE A 372 22.02 26.40 -48.42
N GLU A 373 23.27 26.57 -47.98
CA GLU A 373 24.23 25.48 -47.96
C GLU A 373 23.74 24.35 -47.07
N THR A 374 23.43 24.67 -45.82
CA THR A 374 22.87 23.69 -44.89
C THR A 374 21.60 23.06 -45.44
N LEU A 375 20.84 23.84 -46.19
CA LEU A 375 19.51 23.43 -46.64
C LEU A 375 19.60 22.40 -47.76
N LYS A 376 20.63 22.52 -48.59
CA LYS A 376 20.92 21.51 -49.61
C LYS A 376 21.81 20.39 -49.20
N ASN A 377 22.75 20.65 -48.29
CA ASN A 377 23.68 19.61 -47.89
C ASN A 377 23.26 18.76 -46.73
N ASN A 378 22.50 19.34 -45.82
CA ASN A 378 22.30 18.65 -44.58
C ASN A 378 20.83 18.87 -44.16
N PRO A 379 19.88 18.56 -45.07
CA PRO A 379 18.45 18.88 -44.95
C PRO A 379 17.80 18.52 -43.63
N LYS A 380 17.97 17.27 -43.15
CA LYS A 380 17.19 16.81 -41.95
C LYS A 380 17.76 17.39 -40.64
N ASP A 381 18.89 18.05 -40.74
CA ASP A 381 19.59 18.58 -39.56
C ASP A 381 18.65 19.65 -38.96
N ARG A 382 18.83 20.07 -37.69
CA ARG A 382 17.82 20.98 -37.06
C ARG A 382 18.17 22.43 -36.80
N ARG A 383 19.10 23.01 -37.57
CA ARG A 383 19.70 24.34 -37.34
C ARG A 383 19.42 25.34 -38.47
N HIS A 384 18.43 25.11 -39.33
CA HIS A 384 18.14 26.03 -40.41
C HIS A 384 17.45 27.24 -39.81
N ILE A 385 18.23 28.25 -39.42
CA ILE A 385 17.71 29.37 -38.72
C ILE A 385 18.29 30.67 -39.21
N LEU A 386 17.40 31.66 -39.30
CA LEU A 386 17.70 32.99 -39.75
C LEU A 386 17.20 33.83 -38.61
N THR A 387 17.98 34.82 -38.17
CA THR A 387 17.60 35.66 -37.03
C THR A 387 17.99 37.06 -37.30
N ALA A 388 17.20 38.01 -36.82
CA ALA A 388 17.54 39.43 -36.97
C ALA A 388 17.71 40.06 -35.64
N TRP A 389 17.63 39.30 -34.57
CA TRP A 389 17.54 39.91 -33.27
C TRP A 389 18.93 40.02 -32.74
N ASN A 390 19.57 41.14 -32.98
CA ASN A 390 20.91 41.36 -32.54
C ASN A 390 21.02 42.35 -31.40
N PRO A 391 21.16 41.83 -30.17
CA PRO A 391 21.19 42.77 -29.03
C PRO A 391 22.15 43.91 -29.17
N SER A 392 23.26 43.72 -29.89
CA SER A 392 24.28 44.76 -30.00
C SER A 392 24.00 45.80 -31.07
N ALA A 393 23.09 45.50 -31.99
CA ALA A 393 22.75 46.44 -33.06
C ALA A 393 21.45 47.27 -32.87
N LEU A 394 20.47 46.72 -32.15
CA LEU A 394 19.12 47.29 -32.01
C LEU A 394 19.07 48.81 -31.93
N SER A 395 19.94 49.37 -31.07
CA SER A 395 19.97 50.81 -30.86
C SER A 395 20.48 51.57 -32.07
N GLN A 396 21.05 50.89 -33.05
CA GLN A 396 21.40 51.60 -34.30
C GLN A 396 20.41 51.38 -35.40
N MET A 397 19.39 50.56 -35.15
CA MET A 397 18.42 50.25 -36.21
C MET A 397 17.33 51.31 -36.25
N ALA A 398 16.82 51.70 -37.40
CA ALA A 398 15.74 52.68 -37.37
C ALA A 398 14.52 52.09 -36.62
N LEU A 399 14.46 50.78 -36.53
CA LEU A 399 13.37 50.11 -35.89
C LEU A 399 13.92 48.75 -35.63
N PRO A 400 13.78 48.22 -34.40
CA PRO A 400 14.21 46.80 -34.26
C PRO A 400 13.28 45.94 -35.08
N PRO A 401 13.71 44.74 -35.42
CA PRO A 401 12.82 43.91 -36.26
C PRO A 401 11.55 43.39 -35.57
N CYS A 402 10.52 43.13 -36.40
CA CYS A 402 9.28 42.48 -36.00
C CYS A 402 9.34 41.02 -36.25
N HIS A 403 9.80 40.67 -37.44
CA HIS A 403 9.95 39.28 -37.78
C HIS A 403 11.38 38.98 -37.29
N VAL A 404 11.47 38.19 -36.26
CA VAL A 404 12.67 38.09 -35.48
C VAL A 404 13.52 36.85 -35.77
N LEU A 405 12.86 35.72 -36.06
CA LEU A 405 13.55 34.48 -36.21
C LEU A 405 12.67 33.56 -37.05
N SER A 406 13.30 32.68 -37.83
CA SER A 406 12.56 31.85 -38.78
C SER A 406 13.29 30.53 -39.03
N GLN A 407 12.57 29.43 -38.90
CA GLN A 407 13.18 28.11 -38.97
C GLN A 407 12.64 27.31 -40.14
N TYR A 408 13.52 26.57 -40.81
CA TYR A 408 13.21 25.98 -42.12
C TYR A 408 13.46 24.48 -42.11
N TYR A 409 12.66 23.76 -42.89
CA TYR A 409 12.39 22.35 -42.61
C TYR A 409 12.10 21.58 -43.90
N VAL A 410 13.02 20.70 -44.28
CA VAL A 410 12.83 19.83 -45.44
C VAL A 410 12.10 18.56 -45.06
N THR A 411 10.87 18.43 -45.51
CA THR A 411 10.08 17.23 -45.27
C THR A 411 10.61 16.00 -45.98
N ASN A 412 10.35 14.83 -45.41
CA ASN A 412 10.74 13.56 -46.02
C ASN A 412 10.40 13.51 -47.51
N ASP A 413 9.26 14.11 -47.86
CA ASP A 413 8.83 14.17 -49.26
C ASP A 413 9.23 15.46 -49.97
N ASN A 414 10.20 16.17 -49.40
CA ASN A 414 11.05 17.06 -50.18
C ASN A 414 10.27 18.31 -50.54
N CYS A 415 9.42 18.75 -49.63
CA CYS A 415 8.98 20.14 -49.59
C CYS A 415 9.73 20.92 -48.51
N LEU A 416 9.65 22.24 -48.59
CA LEU A 416 10.34 23.10 -47.64
C LEU A 416 9.26 23.86 -46.92
N SER A 417 9.23 23.75 -45.59
CA SER A 417 8.33 24.50 -44.73
C SER A 417 9.04 25.59 -43.97
N CYS A 418 8.26 26.58 -43.54
CA CYS A 418 8.79 27.69 -42.77
C CYS A 418 7.99 28.01 -41.48
N ASN A 419 8.73 28.36 -40.42
CA ASN A 419 8.17 28.90 -39.18
C ASN A 419 8.75 30.27 -38.98
N LEU A 420 7.90 31.27 -38.78
CA LEU A 420 8.35 32.62 -38.47
C LEU A 420 7.93 33.00 -37.07
N TYR A 421 8.86 33.46 -36.21
CA TYR A 421 8.44 34.01 -34.91
C TYR A 421 8.43 35.50 -35.05
N GLN A 422 7.27 36.10 -34.80
CA GLN A 422 7.10 37.52 -35.01
C GLN A 422 6.74 38.22 -33.67
N ARG A 423 7.58 39.14 -33.23
CA ARG A 423 7.48 39.68 -31.88
C ARG A 423 6.20 40.52 -31.90
N SER A 424 5.97 41.22 -33.00
CA SER A 424 5.06 42.36 -33.00
C SER A 424 4.54 42.60 -34.41
N CYS A 425 3.81 41.63 -34.95
CA CYS A 425 2.90 41.86 -36.06
C CYS A 425 1.85 42.91 -35.69
N ASP A 426 1.74 43.94 -36.53
CA ASP A 426 0.50 44.72 -36.60
C ASP A 426 -0.48 44.09 -37.58
N LEU A 427 -1.59 43.60 -37.05
CA LEU A 427 -2.48 42.76 -37.82
C LEU A 427 -3.04 43.36 -39.09
N GLY A 428 -3.29 44.66 -39.06
CA GLY A 428 -3.92 45.36 -40.17
C GLY A 428 -2.98 45.49 -41.39
N LEU A 429 -1.75 45.94 -41.18
CA LEU A 429 -0.83 46.16 -42.27
C LEU A 429 0.33 45.20 -42.38
N GLY A 430 1.04 45.01 -41.26
CA GLY A 430 2.26 44.25 -41.32
C GLY A 430 2.02 42.79 -41.60
N SER A 431 1.07 42.24 -40.88
CA SER A 431 0.76 40.84 -40.93
C SER A 431 0.48 40.31 -42.36
N PRO A 432 -0.40 41.00 -43.11
CA PRO A 432 -0.71 40.42 -44.40
C PRO A 432 0.54 40.45 -45.24
N PHE A 433 1.40 41.43 -45.00
CA PHE A 433 2.75 41.45 -45.60
C PHE A 433 3.65 40.32 -45.26
N ASN A 434 3.81 39.99 -43.97
CA ASN A 434 4.66 38.87 -43.59
C ASN A 434 4.22 37.58 -44.17
N ILE A 435 2.89 37.36 -44.20
CA ILE A 435 2.34 36.14 -44.75
C ILE A 435 2.86 35.93 -46.17
N ALA A 436 2.66 36.94 -47.03
CA ALA A 436 3.11 36.91 -48.41
C ALA A 436 4.61 36.82 -48.49
N SER A 437 5.30 37.62 -47.66
CA SER A 437 6.76 37.77 -47.71
C SER A 437 7.43 36.41 -47.49
N TYR A 438 7.15 35.79 -46.34
CA TYR A 438 7.77 34.50 -46.01
C TYR A 438 7.31 33.35 -46.88
N ALA A 439 6.09 33.43 -47.38
CA ALA A 439 5.64 32.54 -48.44
C ALA A 439 6.62 32.56 -49.62
N ILE A 440 6.84 33.75 -50.16
CA ILE A 440 7.77 33.94 -51.22
C ILE A 440 9.22 33.59 -50.82
N LEU A 441 9.72 34.09 -49.72
CA LEU A 441 11.07 33.71 -49.32
C LEU A 441 11.23 32.21 -49.35
N THR A 442 10.17 31.51 -48.93
CA THR A 442 10.21 30.06 -48.86
C THR A 442 10.15 29.38 -50.22
N MET A 443 9.38 29.98 -51.12
CA MET A 443 9.32 29.48 -52.49
C MET A 443 10.63 29.72 -53.19
N MET A 444 11.22 30.89 -52.99
CA MET A 444 12.55 31.20 -53.51
C MET A 444 13.61 30.23 -53.01
N LEU A 445 13.67 30.02 -51.70
CA LEU A 445 14.60 29.05 -51.16
C LEU A 445 14.32 27.63 -51.73
N ALA A 446 13.06 27.31 -52.00
CA ALA A 446 12.75 26.02 -52.53
C ALA A 446 13.26 25.84 -53.97
N GLN A 447 13.10 26.86 -54.83
CA GLN A 447 13.67 26.74 -56.18
C GLN A 447 15.20 26.54 -56.09
N VAL A 448 15.85 27.49 -55.47
CA VAL A 448 17.26 27.48 -55.33
C VAL A 448 17.81 26.18 -54.70
N CYS A 449 17.06 25.48 -53.85
CA CYS A 449 17.67 24.33 -53.16
C CYS A 449 17.22 22.99 -53.73
N GLY A 450 16.33 23.03 -54.71
CA GLY A 450 15.73 21.80 -55.26
C GLY A 450 14.50 21.22 -54.52
N TYR A 451 13.71 22.02 -53.80
CA TYR A 451 12.53 21.44 -53.15
C TYR A 451 11.28 22.09 -53.64
N GLU A 452 10.16 21.56 -53.17
CA GLU A 452 8.81 22.13 -53.39
C GLU A 452 8.29 22.90 -52.16
N PRO A 453 7.42 23.90 -52.36
CA PRO A 453 7.00 24.60 -51.13
C PRO A 453 6.08 23.76 -50.27
N GLY A 454 6.31 23.74 -48.96
CA GLY A 454 5.42 23.08 -48.05
C GLY A 454 4.54 24.03 -47.25
N GLU A 455 4.82 24.19 -45.95
CA GLU A 455 3.90 24.91 -45.08
C GLU A 455 4.52 26.12 -44.42
N LEU A 456 3.69 27.08 -44.04
CA LEU A 456 4.13 28.28 -43.38
C LEU A 456 3.33 28.43 -42.08
N ALA A 457 4.02 28.57 -40.96
CA ALA A 457 3.36 28.74 -39.68
C ALA A 457 3.86 30.03 -39.13
N ILE A 458 2.97 30.91 -38.70
CA ILE A 458 3.49 32.16 -38.10
C ILE A 458 3.10 32.21 -36.62
N PHE A 459 4.11 32.39 -35.75
CA PHE A 459 3.88 32.48 -34.31
C PHE A 459 3.98 33.91 -33.88
N ILE A 460 2.95 34.46 -33.24
CA ILE A 460 2.98 35.89 -32.94
C ILE A 460 3.16 36.19 -31.48
N GLY A 461 3.88 37.26 -31.20
CA GLY A 461 4.02 37.74 -29.82
C GLY A 461 2.90 38.70 -29.53
N ASP A 462 3.19 39.99 -29.63
CA ASP A 462 2.20 41.02 -29.41
C ASP A 462 1.34 41.20 -30.63
N ALA A 463 0.23 40.47 -30.69
CA ALA A 463 -0.66 40.55 -31.85
C ALA A 463 -1.64 41.65 -31.60
N HIS A 464 -1.61 42.71 -32.37
CA HIS A 464 -2.49 43.87 -32.10
C HIS A 464 -3.03 44.55 -33.34
N ILE A 465 -3.99 45.44 -33.14
CA ILE A 465 -4.68 46.22 -34.18
C ILE A 465 -4.58 47.66 -33.80
N TYR A 466 -4.16 48.55 -34.68
CA TYR A 466 -4.08 49.99 -34.32
C TYR A 466 -5.52 50.55 -34.32
N GLU A 467 -5.82 51.44 -33.39
CA GLU A 467 -7.23 51.83 -33.24
C GLU A 467 -7.76 52.53 -34.48
N ASN A 468 -6.90 53.10 -35.27
CA ASN A 468 -7.34 53.83 -36.43
C ASN A 468 -7.57 52.83 -37.54
N HIS A 469 -7.56 51.54 -37.22
CA HIS A 469 -7.92 50.54 -38.22
C HIS A 469 -9.24 49.78 -37.98
N LEU A 470 -9.93 50.10 -36.90
CA LEU A 470 -11.04 49.29 -36.42
C LEU A 470 -12.12 49.17 -37.50
N THR A 471 -12.57 50.30 -38.03
CA THR A 471 -13.64 50.32 -39.01
C THR A 471 -13.21 49.65 -40.31
N GLN A 472 -11.97 49.91 -40.72
CA GLN A 472 -11.43 49.32 -41.94
C GLN A 472 -11.41 47.79 -41.85
N LEU A 473 -10.91 47.28 -40.73
CA LEU A 473 -10.77 45.84 -40.54
C LEU A 473 -12.13 45.18 -40.35
N LYS A 474 -13.07 45.93 -39.78
CA LYS A 474 -14.45 45.47 -39.67
C LYS A 474 -15.09 45.34 -41.05
N GLU A 475 -14.72 46.23 -41.95
CA GLU A 475 -15.12 46.11 -43.36
C GLU A 475 -14.54 44.80 -43.97
N GLN A 476 -13.23 44.60 -43.75
CA GLN A 476 -12.62 43.40 -44.22
C GLN A 476 -13.38 42.15 -43.68
N LEU A 477 -13.70 42.17 -42.40
CA LEU A 477 -14.39 41.04 -41.76
C LEU A 477 -15.78 40.79 -42.34
N SER A 478 -16.32 41.70 -43.14
CA SER A 478 -17.64 41.42 -43.70
C SER A 478 -17.56 40.76 -45.08
N ARG A 479 -16.36 40.49 -45.59
CA ARG A 479 -16.20 39.92 -46.90
C ARG A 479 -15.83 38.43 -46.83
N THR A 480 -16.59 37.58 -47.53
CA THR A 480 -16.33 36.16 -47.47
C THR A 480 -15.14 35.90 -48.37
N PRO A 481 -14.10 35.22 -47.83
CA PRO A 481 -12.88 34.88 -48.56
C PRO A 481 -13.16 34.13 -49.87
N ARG A 482 -12.21 34.19 -50.79
CA ARG A 482 -12.37 33.56 -52.06
C ARG A 482 -11.10 32.77 -52.23
N PRO A 483 -11.08 31.81 -53.17
CA PRO A 483 -9.92 30.96 -53.32
C PRO A 483 -8.64 31.76 -53.39
N PHE A 484 -7.54 31.29 -52.77
CA PHE A 484 -6.26 31.97 -52.85
C PHE A 484 -5.79 31.86 -54.30
N PRO A 485 -4.92 32.76 -54.75
CA PRO A 485 -4.35 32.56 -56.09
C PRO A 485 -3.12 31.64 -56.10
N GLN A 486 -2.53 31.43 -57.29
CA GLN A 486 -1.30 30.62 -57.40
C GLN A 486 -0.17 31.58 -57.73
N LEU A 487 1.05 31.23 -57.41
CA LEU A 487 2.16 32.09 -57.69
C LEU A 487 3.29 31.24 -58.22
N LYS A 488 3.76 31.58 -59.43
CA LYS A 488 4.79 30.81 -60.13
C LYS A 488 5.94 31.67 -60.56
N PHE A 489 7.10 31.06 -60.65
CA PHE A 489 8.28 31.73 -61.11
C PHE A 489 8.42 31.41 -62.59
N LYS A 490 8.58 32.43 -63.45
CA LYS A 490 8.80 32.21 -64.86
C LYS A 490 10.20 31.66 -65.19
N ARG A 491 11.19 31.75 -64.30
CA ARG A 491 12.49 31.11 -64.58
C ARG A 491 13.22 30.54 -63.34
N LYS A 492 14.12 29.58 -63.56
CA LYS A 492 14.93 29.02 -62.50
C LYS A 492 16.19 29.90 -62.38
N VAL A 493 16.42 30.51 -61.22
CA VAL A 493 17.60 31.43 -61.02
C VAL A 493 18.80 30.65 -60.53
N GLU A 494 19.97 31.25 -60.55
CA GLU A 494 21.09 30.50 -60.04
C GLU A 494 21.50 30.94 -58.62
N ASN A 495 21.54 32.24 -58.40
CA ASN A 495 21.71 32.73 -57.05
C ASN A 495 20.35 33.33 -56.72
N ILE A 496 19.93 33.18 -55.47
CA ILE A 496 18.64 33.72 -54.99
C ILE A 496 18.54 35.25 -55.07
N GLU A 497 19.66 35.97 -55.10
CA GLU A 497 19.55 37.42 -55.29
C GLU A 497 19.28 37.90 -56.69
N ASP A 498 19.06 36.97 -57.61
CA ASP A 498 18.81 37.34 -58.99
C ASP A 498 17.33 37.41 -59.32
N PHE A 499 16.46 37.09 -58.36
CA PHE A 499 15.03 37.15 -58.63
C PHE A 499 14.62 38.57 -58.91
N LYS A 500 13.68 38.72 -59.84
CA LYS A 500 13.16 40.04 -60.21
C LYS A 500 11.62 40.06 -60.27
N TRP A 501 11.00 41.19 -60.03
CA TRP A 501 9.54 41.24 -60.12
C TRP A 501 9.04 40.52 -61.33
N GLU A 502 9.56 40.84 -62.49
CA GLU A 502 9.17 40.26 -63.82
C GLU A 502 9.13 38.74 -63.85
N ASP A 503 9.95 38.10 -63.04
CA ASP A 503 10.02 36.64 -63.01
C ASP A 503 8.70 36.04 -62.52
N ILE A 504 7.87 36.87 -61.88
CA ILE A 504 6.83 36.37 -61.01
C ILE A 504 5.46 36.41 -61.69
N GLU A 505 4.71 35.32 -61.53
CA GLU A 505 3.39 35.22 -62.14
C GLU A 505 2.31 34.99 -61.09
N LEU A 506 1.42 35.97 -60.92
CA LEU A 506 0.22 35.79 -60.13
C LEU A 506 -0.93 35.27 -60.98
N ILE A 507 -1.34 34.03 -60.73
CA ILE A 507 -2.47 33.43 -61.42
C ILE A 507 -3.70 33.35 -60.51
N GLY A 508 -4.74 34.11 -60.84
CA GLY A 508 -6.07 33.84 -60.36
C GLY A 508 -6.44 34.68 -59.16
N TYR A 509 -5.78 35.83 -59.01
CA TYR A 509 -6.01 36.70 -57.87
C TYR A 509 -7.23 37.59 -58.10
N TYR A 510 -8.31 37.29 -57.39
CA TYR A 510 -9.55 38.05 -57.53
C TYR A 510 -10.00 38.59 -56.18
N PRO A 511 -9.26 39.57 -55.66
CA PRO A 511 -9.51 40.09 -54.31
C PRO A 511 -10.70 41.06 -54.29
N TYR A 512 -11.07 41.51 -53.10
CA TYR A 512 -12.09 42.58 -52.96
C TYR A 512 -11.33 43.92 -52.97
N PRO A 513 -12.03 45.04 -53.07
CA PRO A 513 -11.32 46.34 -53.18
C PRO A 513 -10.21 46.51 -52.13
N THR A 514 -9.21 47.28 -52.51
CA THR A 514 -8.13 47.65 -51.59
C THR A 514 -8.67 48.50 -50.44
N ILE A 515 -8.28 48.13 -49.21
CA ILE A 515 -8.72 48.86 -48.04
C ILE A 515 -7.61 49.74 -47.48
N LYS A 516 -7.87 51.04 -47.42
CA LYS A 516 -6.86 51.99 -47.03
C LYS A 516 -6.61 51.98 -45.54
N MET A 517 -5.33 51.96 -45.15
CA MET A 517 -4.99 51.99 -43.76
C MET A 517 -3.73 52.82 -43.51
N ASP A 518 -3.79 53.81 -42.66
CA ASP A 518 -2.57 54.59 -42.43
C ASP A 518 -1.68 53.98 -41.37
N MET A 519 -0.40 53.88 -41.71
CA MET A 519 0.63 53.31 -40.88
C MET A 519 0.99 54.30 -39.78
N ALA A 520 1.01 53.81 -38.55
CA ALA A 520 1.42 54.62 -37.41
C ALA A 520 2.97 54.67 -37.33
N VAL A 521 3.56 55.87 -37.37
CA VAL A 521 5.06 56.01 -37.42
C VAL A 521 5.81 55.81 -36.08
N GLU B 3 -37.73 10.79 -19.02
CA GLU B 3 -36.66 10.45 -18.09
C GLU B 3 -35.96 11.71 -17.57
N LYS B 4 -35.03 11.52 -16.63
CA LYS B 4 -34.81 12.49 -15.57
C LYS B 4 -33.49 12.24 -14.86
N ASN B 5 -32.58 13.20 -14.91
CA ASN B 5 -31.17 12.95 -14.66
C ASN B 5 -30.87 12.74 -13.18
N VAL B 6 -30.00 11.79 -12.88
CA VAL B 6 -29.48 11.62 -11.55
C VAL B 6 -27.96 11.79 -11.66
N SER B 7 -27.42 12.81 -11.00
CA SER B 7 -25.97 13.04 -10.95
C SER B 7 -25.40 13.01 -9.53
N ILE B 8 -24.25 12.36 -9.39
CA ILE B 8 -23.51 12.44 -8.16
C ILE B 8 -22.67 13.72 -8.20
N VAL B 9 -22.60 14.48 -7.10
CA VAL B 9 -21.67 15.62 -6.96
C VAL B 9 -20.83 15.32 -5.76
N VAL B 10 -19.53 15.35 -5.90
CA VAL B 10 -18.60 15.02 -4.84
C VAL B 10 -17.24 15.72 -5.05
N ALA B 11 -16.60 16.06 -3.93
CA ALA B 11 -15.22 16.61 -3.88
C ALA B 11 -14.38 15.59 -3.19
N ALA B 12 -13.29 15.15 -3.80
CA ALA B 12 -12.52 14.04 -3.21
C ALA B 12 -11.02 14.17 -3.41
N SER B 13 -10.22 13.64 -2.50
CA SER B 13 -8.78 13.83 -2.58
C SER B 13 -8.31 13.06 -3.82
N VAL B 14 -7.37 13.62 -4.54
CA VAL B 14 -7.00 13.07 -5.80
C VAL B 14 -6.51 11.65 -5.75
N LEU B 15 -5.67 11.31 -4.79
CA LEU B 15 -5.11 9.94 -4.76
C LEU B 15 -5.97 8.88 -4.03
N SER B 16 -6.51 9.21 -2.86
CA SER B 16 -7.19 8.17 -2.07
C SER B 16 -8.70 8.35 -1.95
N SER B 17 -9.20 9.43 -2.56
CA SER B 17 -10.63 9.77 -2.61
C SER B 17 -11.20 10.05 -1.23
N GLY B 18 -10.42 10.71 -0.39
CA GLY B 18 -10.94 11.27 0.85
C GLY B 18 -11.90 12.45 0.70
N ILE B 19 -13.04 12.37 1.37
CA ILE B 19 -14.08 13.37 1.25
C ILE B 19 -14.56 13.93 2.58
N GLY B 20 -14.15 13.30 3.67
CA GLY B 20 -14.64 13.64 4.99
C GLY B 20 -13.76 13.09 6.10
N ILE B 21 -13.68 13.83 7.20
CA ILE B 21 -12.98 13.34 8.40
C ILE B 21 -13.70 13.86 9.60
N ASN B 22 -14.04 12.96 10.53
CA ASN B 22 -14.78 13.31 11.79
C ASN B 22 -16.10 14.10 11.61
N GLY B 23 -16.87 13.82 10.58
CA GLY B 23 -18.15 14.47 10.40
C GLY B 23 -18.08 15.80 9.72
N GLN B 24 -16.93 16.11 9.11
CA GLN B 24 -16.69 17.39 8.44
C GLN B 24 -15.83 17.13 7.24
N LEU B 25 -15.57 18.20 6.48
CA LEU B 25 -14.71 18.13 5.33
C LEU B 25 -13.25 18.21 5.73
N PRO B 26 -12.34 17.61 4.94
CA PRO B 26 -10.95 17.66 5.35
C PRO B 26 -10.28 18.95 4.86
N TRP B 27 -11.08 19.86 4.31
CA TRP B 27 -10.59 21.11 3.77
C TRP B 27 -11.72 22.17 3.74
N SER B 28 -11.32 23.40 3.40
CA SER B 28 -12.27 24.49 3.24
C SER B 28 -11.99 25.29 1.98
N ILE B 29 -12.70 24.97 0.91
CA ILE B 29 -12.46 25.57 -0.40
C ILE B 29 -13.74 26.10 -1.01
N SER B 30 -13.97 27.40 -0.88
CA SER B 30 -15.26 27.96 -1.18
C SER B 30 -15.66 28.02 -2.65
N GLU B 31 -14.69 28.01 -3.57
CA GLU B 31 -15.01 27.90 -5.01
C GLU B 31 -15.79 26.61 -5.25
N ASP B 32 -15.41 25.56 -4.53
CA ASP B 32 -16.08 24.30 -4.61
C ASP B 32 -17.50 24.40 -4.10
N LEU B 33 -17.72 25.13 -3.01
CA LEU B 33 -19.08 25.26 -2.55
C LEU B 33 -19.82 26.11 -3.54
N LYS B 34 -19.12 27.08 -4.17
CA LYS B 34 -19.77 27.85 -5.24
C LYS B 34 -20.16 26.97 -6.41
N PHE B 35 -19.25 26.06 -6.82
CA PHE B 35 -19.51 25.11 -7.90
C PHE B 35 -20.70 24.22 -7.55
N PHE B 36 -20.62 23.55 -6.41
CA PHE B 36 -21.71 22.77 -5.89
C PHE B 36 -23.08 23.49 -6.06
N SER B 37 -23.12 24.71 -5.55
CA SER B 37 -24.28 25.50 -5.61
C SER B 37 -24.75 25.78 -7.04
N LYS B 38 -23.82 26.08 -7.96
CA LYS B 38 -24.22 26.35 -9.36
C LYS B 38 -24.79 25.10 -10.06
N ILE B 39 -24.13 23.97 -9.87
CA ILE B 39 -24.46 22.78 -10.58
C ILE B 39 -25.78 22.31 -10.06
N THR B 40 -26.03 22.48 -8.77
CA THR B 40 -27.25 21.96 -8.21
C THR B 40 -28.45 22.91 -8.33
N ASN B 41 -28.25 24.18 -8.72
CA ASN B 41 -29.35 25.13 -8.85
C ASN B 41 -29.86 25.21 -10.27
N ASN B 42 -28.90 25.04 -11.20
CA ASN B 42 -29.07 24.99 -12.66
C ASN B 42 -30.24 24.15 -13.19
N LYS B 43 -31.14 24.81 -13.92
CA LYS B 43 -32.37 24.18 -14.46
C LYS B 43 -33.06 25.08 -15.50
N CYS B 44 -33.82 24.48 -16.42
CA CYS B 44 -34.61 25.25 -17.40
C CYS B 44 -35.91 25.80 -16.87
N ASP B 45 -36.76 24.93 -16.35
CA ASP B 45 -38.13 25.30 -15.97
C ASP B 45 -38.18 26.01 -14.60
N SER B 46 -38.46 27.32 -14.63
CA SER B 46 -38.61 28.12 -13.39
C SER B 46 -39.78 27.68 -12.50
N ASN B 47 -40.54 26.69 -12.93
CA ASN B 47 -41.64 26.15 -12.14
C ASN B 47 -41.34 24.77 -11.52
N LYS B 48 -40.15 24.24 -11.78
CA LYS B 48 -39.76 23.02 -11.11
C LYS B 48 -38.52 23.34 -10.24
N LYS B 49 -38.12 22.37 -9.44
CA LYS B 49 -36.94 22.51 -8.62
C LYS B 49 -36.07 21.30 -8.74
N ASN B 50 -34.82 21.41 -8.32
CA ASN B 50 -33.93 20.29 -8.24
C ASN B 50 -33.99 19.74 -6.84
N ALA B 51 -33.76 18.43 -6.73
CA ALA B 51 -33.72 17.80 -5.45
C ALA B 51 -32.31 17.27 -5.15
N LEU B 52 -31.77 17.60 -3.97
CA LEU B 52 -30.48 17.06 -3.54
C LEU B 52 -30.71 15.97 -2.52
N ILE B 53 -30.15 14.78 -2.75
CA ILE B 53 -30.28 13.68 -1.81
C ILE B 53 -29.02 13.54 -0.96
N MET B 54 -29.22 13.34 0.36
CA MET B 54 -28.07 13.16 1.28
C MET B 54 -28.37 12.29 2.46
N GLY B 55 -27.35 11.60 2.94
CA GLY B 55 -27.43 10.88 4.21
C GLY B 55 -27.64 11.79 5.44
N ARG B 56 -28.30 11.26 6.44
CA ARG B 56 -28.52 11.99 7.64
C ARG B 56 -27.26 12.74 8.18
N LYS B 57 -26.13 12.06 8.17
CA LYS B 57 -24.95 12.59 8.78
C LYS B 57 -24.46 13.79 8.00
N THR B 58 -24.61 13.74 6.66
CA THR B 58 -24.34 14.90 5.82
C THR B 58 -25.29 16.04 6.13
N TRP B 59 -26.54 15.72 6.27
CA TRP B 59 -27.53 16.71 6.70
C TRP B 59 -27.10 17.30 8.07
N ASP B 60 -26.61 16.47 9.00
CA ASP B 60 -26.09 17.02 10.26
C ASP B 60 -24.95 17.98 9.94
N SER B 61 -24.11 17.55 9.04
CA SER B 61 -22.97 18.39 8.60
C SER B 61 -23.28 19.78 8.17
N ILE B 62 -24.45 20.03 7.61
CA ILE B 62 -24.70 21.32 7.03
C ILE B 62 -25.61 22.08 7.96
N GLY B 63 -25.74 21.57 9.16
CA GLY B 63 -26.50 22.27 10.13
C GLY B 63 -27.97 22.05 10.10
N ARG B 64 -28.47 21.15 9.26
CA ARG B 64 -29.95 20.96 9.17
C ARG B 64 -30.71 22.21 8.76
N ARG B 65 -30.18 22.95 7.81
CA ARG B 65 -30.85 24.14 7.29
C ARG B 65 -31.04 23.93 5.78
N PRO B 66 -32.17 24.41 5.21
CA PRO B 66 -32.45 24.01 3.80
C PRO B 66 -31.58 24.79 2.87
N LEU B 67 -31.45 24.31 1.65
CA LEU B 67 -30.63 24.95 0.64
C LEU B 67 -31.62 25.81 -0.16
N LYS B 68 -31.29 27.08 -0.32
CA LYS B 68 -32.08 27.98 -1.16
C LYS B 68 -32.43 27.32 -2.49
N ASN B 69 -33.69 27.40 -2.87
CA ASN B 69 -34.09 27.20 -4.26
C ASN B 69 -34.07 25.73 -4.65
N ARG B 70 -33.77 24.87 -3.68
CA ARG B 70 -33.72 23.43 -3.92
C ARG B 70 -34.47 22.66 -2.83
N ILE B 71 -34.67 21.37 -3.06
CA ILE B 71 -35.35 20.51 -2.08
C ILE B 71 -34.40 19.45 -1.56
N ILE B 72 -34.09 19.50 -0.27
CA ILE B 72 -33.22 18.50 0.34
C ILE B 72 -33.98 17.23 0.68
N VAL B 73 -33.43 16.09 0.30
CA VAL B 73 -34.01 14.79 0.65
C VAL B 73 -33.07 13.98 1.52
N VAL B 74 -33.47 13.74 2.77
CA VAL B 74 -32.61 13.08 3.74
C VAL B 74 -32.97 11.61 3.87
N ILE B 75 -31.98 10.74 3.67
CA ILE B 75 -32.17 9.33 3.84
C ILE B 75 -31.78 8.98 5.29
N SER B 76 -32.78 8.66 6.11
CA SER B 76 -32.53 8.21 7.47
C SER B 76 -33.52 7.12 7.89
N SER B 77 -33.12 6.30 8.85
CA SER B 77 -34.00 5.27 9.39
C SER B 77 -34.99 5.86 10.39
N SER B 78 -34.61 6.98 11.00
CA SER B 78 -35.09 7.32 12.33
C SER B 78 -35.72 8.71 12.36
N LEU B 79 -35.16 9.61 11.57
CA LEU B 79 -35.69 10.97 11.46
C LEU B 79 -37.16 10.95 11.09
N PRO B 80 -37.91 11.93 11.61
CA PRO B 80 -39.36 11.97 11.44
C PRO B 80 -39.76 12.47 10.06
N GLN B 81 -40.86 11.95 9.52
CA GLN B 81 -41.43 12.46 8.26
C GLN B 81 -42.42 13.59 8.52
N ASP B 82 -41.93 14.75 8.94
CA ASP B 82 -42.83 15.79 9.45
C ASP B 82 -42.93 16.92 8.41
N GLU B 83 -44.18 17.14 7.97
CA GLU B 83 -44.63 18.18 6.99
C GLU B 83 -44.26 19.66 7.30
N ALA B 84 -43.56 19.92 8.41
CA ALA B 84 -43.01 21.25 8.76
C ALA B 84 -42.30 21.99 7.63
N ASP B 85 -41.20 21.39 7.13
CA ASP B 85 -40.43 21.97 6.02
C ASP B 85 -40.93 21.34 4.68
N PRO B 86 -41.47 22.19 3.78
CA PRO B 86 -41.81 21.66 2.47
C PRO B 86 -40.52 21.51 1.60
N ASN B 87 -39.41 22.09 2.05
CA ASN B 87 -38.13 22.01 1.35
C ASN B 87 -37.15 20.94 1.88
N VAL B 88 -37.65 20.07 2.76
CA VAL B 88 -36.87 18.92 3.22
C VAL B 88 -37.79 17.74 3.51
N VAL B 89 -37.52 16.62 2.84
CA VAL B 89 -38.30 15.39 3.05
C VAL B 89 -37.39 14.22 3.40
N VAL B 90 -37.83 13.41 4.36
CA VAL B 90 -37.07 12.25 4.79
C VAL B 90 -37.60 10.98 4.15
N PHE B 91 -36.70 10.08 3.76
CA PHE B 91 -37.08 8.80 3.20
C PHE B 91 -36.30 7.69 3.91
N ARG B 92 -36.92 6.52 4.07
CA ARG B 92 -36.29 5.44 4.82
C ARG B 92 -35.28 4.70 4.03
N ASN B 93 -35.22 4.96 2.74
CA ASN B 93 -34.20 4.28 1.93
C ASN B 93 -33.97 5.02 0.61
N LEU B 94 -32.74 4.98 0.13
CA LEU B 94 -32.37 5.65 -1.12
C LEU B 94 -33.26 5.23 -2.31
N GLU B 95 -33.47 3.93 -2.48
CA GLU B 95 -34.27 3.42 -3.61
C GLU B 95 -35.65 4.05 -3.71
N ASP B 96 -36.33 4.18 -2.59
CA ASP B 96 -37.65 4.81 -2.58
C ASP B 96 -37.56 6.26 -2.95
N SER B 97 -36.56 6.96 -2.44
CA SER B 97 -36.41 8.39 -2.70
C SER B 97 -36.24 8.66 -4.19
N ILE B 98 -35.32 7.94 -4.82
CA ILE B 98 -35.42 7.63 -6.24
C ILE B 98 -36.79 7.06 -6.59
N GLU B 99 -37.57 7.81 -7.35
CA GLU B 99 -38.96 8.07 -7.01
C GLU B 99 -39.29 9.55 -7.14
N ASN B 100 -38.32 10.41 -6.83
CA ASN B 100 -38.18 11.70 -7.48
C ASN B 100 -38.41 11.63 -8.98
N LEU B 101 -38.24 10.45 -9.55
CA LEU B 101 -38.16 10.30 -10.99
C LEU B 101 -39.53 10.41 -11.65
N MET B 102 -40.54 9.87 -10.97
CA MET B 102 -41.91 9.93 -11.47
C MET B 102 -42.77 10.85 -10.62
N ASN B 103 -42.65 10.72 -9.30
CA ASN B 103 -43.11 11.75 -8.38
C ASN B 103 -42.61 13.13 -8.76
N ASP B 104 -43.22 14.16 -8.20
CA ASP B 104 -42.80 15.54 -8.43
C ASP B 104 -42.38 15.76 -9.88
N ASP B 105 -43.37 15.78 -10.77
CA ASP B 105 -43.25 16.50 -12.03
C ASP B 105 -42.60 17.84 -11.73
N SER B 106 -42.83 18.30 -10.52
CA SER B 106 -42.08 19.44 -9.92
C SER B 106 -40.53 19.28 -9.76
N ILE B 107 -40.04 18.04 -9.82
CA ILE B 107 -38.61 17.85 -9.80
C ILE B 107 -38.01 17.73 -11.22
N GLU B 108 -37.13 18.68 -11.57
CA GLU B 108 -36.41 18.62 -12.87
C GLU B 108 -35.22 17.68 -12.81
N ASN B 109 -34.23 17.99 -11.98
CA ASN B 109 -33.04 17.14 -11.87
C ASN B 109 -32.77 16.59 -10.48
N ILE B 110 -32.03 15.50 -10.40
CA ILE B 110 -31.69 14.86 -9.15
C ILE B 110 -30.17 14.77 -8.93
N PHE B 111 -29.74 15.16 -7.71
CA PHE B 111 -28.34 15.10 -7.32
C PHE B 111 -28.15 14.28 -6.06
N VAL B 112 -27.25 13.32 -6.11
CA VAL B 112 -26.86 12.52 -4.96
C VAL B 112 -25.68 13.29 -4.35
N CYS B 113 -25.89 13.83 -3.16
CA CYS B 113 -25.00 14.86 -2.62
C CYS B 113 -24.07 14.27 -1.56
N GLY B 114 -24.35 13.03 -1.16
CA GLY B 114 -23.32 12.16 -0.62
C GLY B 114 -23.51 11.88 0.86
N GLY B 115 -22.40 11.78 1.58
CA GLY B 115 -22.14 10.62 2.43
C GLY B 115 -21.67 9.41 1.63
N GLU B 116 -20.61 8.78 2.10
CA GLU B 116 -20.07 7.58 1.44
C GLU B 116 -21.19 6.53 1.23
N SER B 117 -22.00 6.31 2.27
CA SER B 117 -23.06 5.31 2.19
C SER B 117 -24.17 5.59 1.14
N ILE B 118 -24.46 6.87 0.90
CA ILE B 118 -25.39 7.18 -0.17
C ILE B 118 -24.70 7.04 -1.51
N TYR B 119 -23.40 7.27 -1.57
CA TYR B 119 -22.74 7.19 -2.84
C TYR B 119 -22.63 5.73 -3.16
N ARG B 120 -22.26 4.95 -2.16
CA ARG B 120 -21.94 3.57 -2.42
C ARG B 120 -23.19 2.85 -2.90
N ASP B 121 -24.31 3.19 -2.27
CA ASP B 121 -25.60 2.61 -2.61
C ASP B 121 -26.04 3.01 -4.00
N ALA B 122 -25.97 4.30 -4.30
CA ALA B 122 -26.41 4.82 -5.59
C ALA B 122 -25.65 4.13 -6.76
N LEU B 123 -24.33 4.04 -6.65
CA LEU B 123 -23.48 3.37 -7.59
C LEU B 123 -23.74 1.85 -7.62
N LYS B 124 -23.79 1.16 -6.48
CA LYS B 124 -24.00 -0.28 -6.51
C LYS B 124 -25.33 -0.61 -7.18
N ASP B 125 -26.38 0.15 -6.91
CA ASP B 125 -27.71 -0.16 -7.43
C ASP B 125 -27.89 0.53 -8.79
N ASN B 126 -26.77 0.97 -9.35
CA ASN B 126 -26.78 1.55 -10.66
C ASN B 126 -27.92 2.57 -10.91
N PHE B 127 -28.03 3.57 -10.05
CA PHE B 127 -29.13 4.53 -10.12
C PHE B 127 -28.74 5.74 -10.96
N VAL B 128 -27.45 5.89 -11.22
CA VAL B 128 -26.86 7.21 -11.46
C VAL B 128 -26.12 7.34 -12.79
N ASP B 129 -26.33 8.46 -13.47
CA ASP B 129 -25.89 8.61 -14.85
C ASP B 129 -24.57 9.36 -15.01
N ARG B 130 -24.38 10.39 -14.19
CA ARG B 130 -23.26 11.27 -14.31
C ARG B 130 -22.61 11.61 -12.97
N ILE B 131 -21.32 11.90 -12.96
CA ILE B 131 -20.61 12.22 -11.75
C ILE B 131 -19.83 13.51 -11.95
N TYR B 132 -20.14 14.53 -11.16
CA TYR B 132 -19.36 15.76 -11.11
C TYR B 132 -18.30 15.61 -10.00
N LEU B 133 -17.01 15.60 -10.34
CA LEU B 133 -16.02 15.27 -9.32
C LEU B 133 -15.07 16.43 -9.18
N THR B 134 -14.84 16.93 -7.95
CA THR B 134 -13.84 17.98 -7.72
C THR B 134 -12.70 17.22 -7.12
N ARG B 135 -11.54 17.24 -7.80
CA ARG B 135 -10.38 16.54 -7.24
C ARG B 135 -9.52 17.53 -6.46
N VAL B 136 -9.33 17.24 -5.19
CA VAL B 136 -8.65 18.15 -4.28
C VAL B 136 -7.24 17.60 -4.11
N ALA B 137 -6.25 18.45 -4.36
CA ALA B 137 -4.86 18.03 -4.33
C ALA B 137 -4.22 18.33 -2.99
N LEU B 138 -4.69 17.66 -1.95
CA LEU B 138 -3.86 17.37 -0.78
C LEU B 138 -4.14 15.97 -0.25
N GLU B 139 -3.08 15.17 -0.15
CA GLU B 139 -3.14 13.91 0.59
C GLU B 139 -2.23 13.97 1.81
N ASP B 140 -2.07 12.84 2.49
CA ASP B 140 -1.22 12.76 3.66
C ASP B 140 -1.89 13.55 4.78
N ILE B 141 -3.20 13.40 4.88
CA ILE B 141 -3.95 13.98 5.98
C ILE B 141 -4.98 12.94 6.35
N GLU B 142 -5.69 13.15 7.45
CA GLU B 142 -6.54 12.08 7.95
C GLU B 142 -7.95 12.15 7.30
N PHE B 143 -8.45 11.00 6.83
CA PHE B 143 -9.77 10.86 6.21
C PHE B 143 -10.45 9.71 6.86
N ASP B 144 -11.76 9.76 7.07
CA ASP B 144 -12.43 8.53 7.49
C ASP B 144 -13.62 8.17 6.58
N THR B 145 -13.82 8.97 5.53
CA THR B 145 -14.89 8.78 4.55
C THR B 145 -14.35 8.83 3.11
N TYR B 146 -14.87 7.99 2.24
CA TYR B 146 -14.37 7.97 0.88
C TYR B 146 -15.42 7.99 -0.17
N PHE B 147 -15.04 8.51 -1.33
CA PHE B 147 -15.88 8.38 -2.52
C PHE B 147 -15.50 6.99 -3.02
N PRO B 148 -16.48 6.11 -3.30
CA PRO B 148 -16.20 4.78 -3.84
C PRO B 148 -15.30 4.81 -5.13
N GLU B 149 -14.63 3.70 -5.51
CA GLU B 149 -13.98 3.67 -6.83
C GLU B 149 -15.08 3.86 -7.92
N ILE B 150 -14.76 4.67 -8.93
CA ILE B 150 -15.72 4.91 -9.97
C ILE B 150 -15.77 3.62 -10.79
N PRO B 151 -16.99 3.11 -11.06
CA PRO B 151 -17.19 1.86 -11.80
C PRO B 151 -16.72 2.02 -13.25
N GLU B 152 -16.34 0.90 -13.87
CA GLU B 152 -15.87 0.86 -15.25
C GLU B 152 -16.96 1.25 -16.25
N THR B 153 -18.22 1.28 -15.83
CA THR B 153 -19.24 1.75 -16.73
C THR B 153 -19.23 3.27 -16.98
N PHE B 154 -18.37 4.01 -16.29
CA PHE B 154 -18.28 5.46 -16.43
C PHE B 154 -16.98 5.78 -17.14
N LEU B 155 -17.02 6.80 -17.99
CA LEU B 155 -15.81 7.31 -18.58
C LEU B 155 -15.79 8.81 -18.32
N PRO B 156 -14.59 9.38 -18.20
CA PRO B 156 -14.42 10.82 -18.07
C PRO B 156 -14.64 11.53 -19.41
N VAL B 157 -15.32 12.68 -19.36
CA VAL B 157 -15.70 13.38 -20.58
C VAL B 157 -15.33 14.86 -20.52
N TYR B 158 -14.75 15.26 -19.39
CA TYR B 158 -14.32 16.65 -19.20
C TYR B 158 -13.36 16.74 -18.03
N MET B 159 -12.30 17.54 -18.15
CA MET B 159 -11.35 17.79 -17.08
C MET B 159 -10.95 19.26 -17.16
N SER B 160 -11.27 20.07 -16.16
CA SER B 160 -10.93 21.49 -16.23
C SER B 160 -9.46 21.79 -16.10
N GLN B 161 -9.10 23.06 -16.30
CA GLN B 161 -7.78 23.55 -15.89
C GLN B 161 -7.72 23.42 -14.39
N THR B 162 -6.52 23.48 -13.83
CA THR B 162 -6.35 23.43 -12.38
C THR B 162 -6.66 24.79 -11.73
N PHE B 163 -7.31 24.79 -10.58
CA PHE B 163 -7.42 26.08 -9.85
C PHE B 163 -6.64 26.08 -8.50
N CYS B 164 -6.62 27.23 -7.84
CA CYS B 164 -5.93 27.37 -6.58
C CYS B 164 -6.70 28.16 -5.50
N THR B 165 -6.72 27.64 -4.29
CA THR B 165 -7.30 28.32 -3.14
C THR B 165 -6.41 28.00 -1.96
N LYS B 166 -5.94 29.07 -1.30
CA LYS B 166 -5.04 28.97 -0.16
C LYS B 166 -3.96 27.96 -0.45
N ASN B 167 -3.39 28.05 -1.63
CA ASN B 167 -2.37 27.07 -2.07
C ASN B 167 -2.78 25.60 -2.31
N ILE B 168 -4.07 25.32 -2.31
CA ILE B 168 -4.47 23.92 -2.60
C ILE B 168 -4.92 23.86 -4.06
N SER B 169 -4.31 22.97 -4.83
CA SER B 169 -4.69 22.77 -6.22
C SER B 169 -5.95 21.92 -6.33
N TYR B 170 -6.81 22.26 -7.29
CA TYR B 170 -8.03 21.50 -7.54
C TYR B 170 -8.63 21.84 -8.90
N ASP B 171 -9.77 21.22 -9.21
CA ASP B 171 -9.91 20.45 -10.44
C ASP B 171 -11.31 19.85 -10.54
N PHE B 172 -11.97 20.11 -11.66
CA PHE B 172 -13.36 19.70 -11.85
C PHE B 172 -13.38 18.76 -13.05
N MET B 173 -14.01 17.60 -12.88
CA MET B 173 -14.26 16.70 -13.97
C MET B 173 -15.64 16.11 -13.97
N ILE B 174 -16.11 15.69 -15.17
CA ILE B 174 -17.35 14.94 -15.26
C ILE B 174 -17.20 13.57 -15.89
N PHE B 175 -17.88 12.59 -15.31
CA PHE B 175 -17.94 11.24 -15.86
C PHE B 175 -19.36 10.89 -16.24
N GLU B 176 -19.52 10.24 -17.39
CA GLU B 176 -20.84 9.84 -17.88
C GLU B 176 -20.88 8.35 -17.95
N LYS B 177 -22.05 7.80 -17.62
CA LYS B 177 -22.26 6.36 -17.71
C LYS B 177 -22.44 6.05 -19.23
N GLN B 178 -21.41 5.47 -19.83
CA GLN B 178 -21.49 5.13 -21.26
C GLN B 178 -21.52 3.62 -21.39
N GLU B 179 -22.71 3.14 -21.77
CA GLU B 179 -23.05 1.71 -22.03
C GLU B 179 -23.11 1.37 -23.56
N LYS B 180 -24.31 1.02 -24.04
CA LYS B 180 -24.59 0.72 -25.45
C LYS B 180 -24.27 1.85 -26.43
N ARG B 190 -15.44 16.09 -36.34
CA ARG B 190 -16.06 14.82 -36.77
C ARG B 190 -17.44 14.57 -36.13
N GLY B 191 -18.47 14.46 -37.00
CA GLY B 191 -19.87 14.24 -36.58
C GLY B 191 -20.72 15.48 -36.30
N GLN B 192 -20.29 16.63 -36.83
CA GLN B 192 -20.88 17.91 -36.45
C GLN B 192 -22.12 18.22 -37.29
N LEU B 193 -22.09 17.81 -38.56
CA LEU B 193 -22.94 16.74 -39.05
C LEU B 193 -22.28 15.95 -40.15
N LYS B 194 -22.95 14.89 -40.62
CA LYS B 194 -22.43 14.07 -41.70
C LYS B 194 -21.85 14.93 -42.82
N SER B 195 -22.71 15.75 -43.44
CA SER B 195 -22.35 16.43 -44.69
C SER B 195 -20.94 17.03 -44.74
N ILE B 196 -20.50 17.66 -43.65
CA ILE B 196 -19.17 18.27 -43.58
C ILE B 196 -18.03 17.25 -43.38
N ASP B 197 -18.28 16.20 -42.63
CA ASP B 197 -17.22 15.24 -42.45
C ASP B 197 -17.14 14.37 -43.66
N ASP B 198 -18.28 14.12 -44.29
CA ASP B 198 -18.27 13.34 -45.49
C ASP B 198 -17.49 14.07 -46.56
N THR B 199 -17.80 15.35 -46.73
CA THR B 199 -17.19 16.14 -47.78
C THR B 199 -15.72 16.26 -47.53
N VAL B 200 -15.32 16.51 -46.27
CA VAL B 200 -13.90 16.62 -45.95
C VAL B 200 -13.21 15.27 -46.14
N ASP B 201 -13.92 14.18 -45.84
CA ASP B 201 -13.41 12.82 -46.08
C ASP B 201 -13.21 12.55 -47.58
N LEU B 202 -14.28 12.74 -48.38
CA LEU B 202 -14.19 12.62 -49.85
C LEU B 202 -13.03 13.47 -50.42
N LEU B 203 -12.86 14.70 -49.91
CA LEU B 203 -11.80 15.55 -50.40
C LEU B 203 -10.47 14.94 -50.10
N GLY B 204 -10.38 14.28 -48.95
CA GLY B 204 -9.12 13.79 -48.48
C GLY B 204 -8.74 12.66 -49.40
N GLU B 205 -9.74 11.88 -49.76
CA GLU B 205 -9.49 10.76 -50.65
C GLU B 205 -9.04 11.23 -52.05
N ILE B 206 -9.70 12.25 -52.59
CA ILE B 206 -9.35 12.76 -53.90
C ILE B 206 -7.94 13.29 -53.89
N ALA B 207 -7.62 14.09 -52.87
CA ALA B 207 -6.36 14.81 -52.78
C ALA B 207 -5.19 14.08 -52.08
N GLY B 208 -5.49 13.19 -51.14
CA GLY B 208 -4.45 12.57 -50.31
C GLY B 208 -3.59 13.64 -49.60
N ILE B 209 -2.28 13.59 -49.86
CA ILE B 209 -1.26 14.42 -49.22
C ILE B 209 -1.39 15.89 -49.65
N ARG B 210 -2.05 16.09 -50.78
CA ARG B 210 -2.28 17.41 -51.32
C ARG B 210 -3.25 18.29 -50.49
N LYS B 211 -4.03 17.70 -49.59
CA LYS B 211 -4.90 18.46 -48.70
C LYS B 211 -4.24 18.54 -47.32
N MET B 212 -3.87 19.75 -46.89
CA MET B 212 -3.14 19.94 -45.64
C MET B 212 -3.75 19.17 -44.46
N GLY B 213 -5.09 19.01 -44.48
CA GLY B 213 -5.79 18.17 -43.49
C GLY B 213 -5.22 16.76 -43.36
N ASN B 214 -4.91 16.08 -44.50
CA ASN B 214 -4.26 14.73 -44.46
C ASN B 214 -2.82 14.77 -43.92
N ARG B 215 -2.23 15.97 -43.88
CA ARG B 215 -0.90 16.11 -43.39
C ARG B 215 -0.89 16.22 -41.84
N HIS B 216 -2.05 16.55 -41.27
CA HIS B 216 -2.24 16.72 -39.83
C HIS B 216 -3.40 15.82 -39.45
N LYS B 217 -3.18 14.52 -39.55
CA LYS B 217 -4.19 13.52 -39.29
C LYS B 217 -4.46 13.51 -37.78
N PHE B 218 -5.72 13.28 -37.39
CA PHE B 218 -6.04 13.18 -35.97
C PHE B 218 -5.48 11.88 -35.34
N PRO B 219 -4.88 11.96 -34.13
CA PRO B 219 -4.36 10.79 -33.42
C PRO B 219 -5.44 9.68 -33.30
N LYS B 220 -5.02 8.43 -33.47
CA LYS B 220 -5.91 7.30 -33.30
C LYS B 220 -6.15 7.11 -31.82
N GLU B 221 -7.37 6.72 -31.46
CA GLU B 221 -7.79 6.44 -30.04
C GLU B 221 -6.76 5.71 -29.15
N GLU B 222 -6.10 4.67 -29.66
CA GLU B 222 -5.11 3.92 -28.90
C GLU B 222 -3.84 4.70 -28.57
N ILE B 223 -3.67 5.92 -29.12
CA ILE B 223 -2.49 6.73 -28.77
C ILE B 223 -2.84 8.10 -28.13
N TYR B 224 -4.12 8.35 -28.06
CA TYR B 224 -4.61 9.59 -27.58
C TYR B 224 -4.86 9.39 -26.07
N ASN B 225 -4.28 10.21 -25.21
CA ASN B 225 -4.47 10.07 -23.80
C ASN B 225 -5.91 10.20 -23.34
N THR B 226 -6.36 9.34 -22.43
CA THR B 226 -7.74 9.50 -21.92
C THR B 226 -8.76 9.89 -23.01
N PRO B 227 -8.96 9.01 -24.00
CA PRO B 227 -9.75 9.27 -25.22
C PRO B 227 -11.17 9.65 -25.04
N SER B 228 -11.79 9.21 -23.96
CA SER B 228 -13.23 9.48 -23.80
C SER B 228 -13.42 10.94 -23.53
N ILE B 229 -12.38 11.67 -23.08
CA ILE B 229 -12.52 13.12 -22.96
C ILE B 229 -12.27 13.67 -24.35
N ARG B 230 -13.35 13.93 -25.05
CA ARG B 230 -13.15 14.43 -26.40
C ARG B 230 -13.47 15.89 -26.60
N PHE B 231 -14.46 16.41 -25.91
CA PHE B 231 -14.74 17.85 -26.08
C PHE B 231 -14.34 18.69 -24.90
N GLY B 232 -13.72 18.09 -23.88
CA GLY B 232 -13.40 18.83 -22.68
C GLY B 232 -11.97 18.72 -22.16
N ARG B 233 -11.00 18.74 -23.08
CA ARG B 233 -9.63 18.58 -22.71
C ARG B 233 -9.05 19.94 -22.31
N GLU B 234 -9.63 20.51 -21.25
CA GLU B 234 -9.25 21.80 -20.75
C GLU B 234 -7.97 21.85 -19.92
N HIS B 235 -7.71 20.81 -19.14
CA HIS B 235 -6.49 20.73 -18.36
C HIS B 235 -5.33 20.98 -19.32
N TYR B 236 -4.50 21.95 -19.02
CA TYR B 236 -3.38 22.24 -19.88
C TYR B 236 -2.33 21.15 -20.04
N GLU B 237 -2.32 20.18 -19.14
CA GLU B 237 -1.49 18.99 -19.31
C GLU B 237 -1.68 18.38 -20.70
N PHE B 238 -2.89 18.51 -21.23
CA PHE B 238 -3.24 17.94 -22.51
C PHE B 238 -2.49 18.63 -23.68
N GLN B 239 -2.10 19.88 -23.50
CA GLN B 239 -1.34 20.52 -24.53
C GLN B 239 -0.03 19.75 -24.80
N TYR B 240 0.64 19.29 -23.75
CA TYR B 240 1.82 18.44 -23.92
C TYR B 240 1.44 17.05 -24.45
N LEU B 241 0.44 16.43 -23.87
CA LEU B 241 0.12 15.07 -24.25
C LEU B 241 -0.37 14.97 -25.70
N ASP B 242 -1.22 15.85 -26.11
CA ASP B 242 -1.77 15.80 -27.43
C ASP B 242 -0.71 16.10 -28.48
N LEU B 243 0.28 16.93 -28.12
CA LEU B 243 1.37 17.14 -29.05
C LEU B 243 2.08 15.80 -29.28
N LEU B 244 2.28 15.09 -28.18
CA LEU B 244 2.98 13.82 -28.17
C LEU B 244 2.29 12.85 -29.13
N SER B 245 0.98 12.71 -28.95
CA SER B 245 0.19 11.78 -29.75
C SER B 245 0.15 12.20 -31.21
N ARG B 246 0.50 13.45 -31.47
CA ARG B 246 0.36 14.04 -32.80
C ARG B 246 1.53 13.70 -33.69
N VAL B 247 2.74 13.75 -33.12
CA VAL B 247 3.93 13.26 -33.80
C VAL B 247 3.95 11.74 -33.87
N LEU B 248 3.32 11.11 -32.89
CA LEU B 248 3.18 9.66 -32.87
C LEU B 248 2.27 9.18 -34.00
N GLU B 249 1.40 10.08 -34.47
CA GLU B 249 0.43 9.74 -35.49
C GLU B 249 0.90 10.25 -36.86
N ASN B 250 1.62 11.36 -36.89
CA ASN B 250 2.08 11.89 -38.17
C ASN B 250 3.60 11.99 -38.26
N GLY B 251 4.33 11.72 -37.18
CA GLY B 251 5.76 12.01 -37.16
C GLY B 251 6.49 11.25 -38.25
N ALA B 252 7.29 11.97 -39.04
CA ALA B 252 8.03 11.36 -40.12
C ALA B 252 9.35 10.79 -39.62
N TYR B 253 9.74 9.60 -40.07
CA TYR B 253 11.01 8.99 -39.61
C TYR B 253 12.24 9.75 -40.15
N ARG B 254 13.22 9.97 -39.31
CA ARG B 254 14.47 10.56 -39.80
C ARG B 254 15.70 10.29 -38.94
N GLU B 255 16.81 9.89 -39.58
CA GLU B 255 18.11 9.73 -38.88
C GLU B 255 18.77 11.08 -38.56
N ASN B 256 19.57 11.16 -37.48
CA ASN B 256 20.22 12.44 -37.08
C ASN B 256 21.62 12.28 -36.48
N ARG B 257 22.25 13.42 -36.13
CA ARG B 257 23.61 13.49 -35.50
C ARG B 257 23.89 12.43 -34.42
N THR B 258 22.86 12.10 -33.65
CA THR B 258 22.90 10.91 -32.80
C THR B 258 22.58 9.68 -33.67
N GLY B 259 23.18 8.54 -33.33
CA GLY B 259 22.82 7.29 -33.98
C GLY B 259 21.31 7.09 -33.89
N ILE B 260 20.68 7.72 -32.88
CA ILE B 260 19.22 7.56 -32.63
C ILE B 260 18.34 8.42 -33.52
N SER B 261 17.47 7.77 -34.28
CA SER B 261 16.52 8.42 -35.18
C SER B 261 15.32 8.98 -34.44
N THR B 262 14.58 9.86 -35.10
CA THR B 262 13.44 10.51 -34.46
C THR B 262 12.21 10.43 -35.34
N TYR B 263 11.04 10.64 -34.74
CA TYR B 263 9.83 10.90 -35.53
C TYR B 263 9.50 12.39 -35.32
N SER B 264 9.27 13.11 -36.41
CA SER B 264 9.28 14.56 -36.38
C SER B 264 8.09 15.14 -37.13
N ILE B 265 7.44 16.13 -36.54
CA ILE B 265 6.69 17.13 -37.31
C ILE B 265 7.20 18.54 -37.03
N PHE B 266 6.63 19.52 -37.72
CA PHE B 266 7.20 20.86 -37.76
C PHE B 266 6.13 21.92 -37.55
N GLY B 267 6.34 22.78 -36.56
CA GLY B 267 5.38 23.87 -36.25
C GLY B 267 4.20 23.47 -35.40
N GLN B 268 4.25 23.73 -34.12
CA GLN B 268 3.26 23.21 -33.17
C GLN B 268 3.39 24.06 -31.96
N MET B 269 2.40 24.00 -31.10
CA MET B 269 2.40 24.90 -29.98
C MET B 269 1.72 24.34 -28.79
N MET B 270 2.03 24.89 -27.61
CA MET B 270 1.38 24.56 -26.34
C MET B 270 1.13 25.83 -25.50
N ARG B 271 -0.02 25.92 -24.86
CA ARG B 271 -0.30 26.97 -23.89
C ARG B 271 -0.39 26.34 -22.48
N PHE B 272 -0.09 27.11 -21.45
CA PHE B 272 -0.18 26.65 -20.07
C PHE B 272 -0.56 27.85 -19.22
N ASP B 273 -1.57 27.71 -18.37
CA ASP B 273 -1.86 28.76 -17.39
C ASP B 273 -0.82 28.77 -16.28
N MET B 274 -0.52 29.95 -15.73
CA MET B 274 0.40 30.02 -14.60
C MET B 274 -0.16 30.87 -13.50
N ARG B 275 -1.34 31.42 -13.76
CA ARG B 275 -2.06 32.16 -12.72
C ARG B 275 -2.61 31.26 -11.60
N GLU B 276 -2.99 30.01 -11.90
CA GLU B 276 -3.67 29.23 -10.89
C GLU B 276 -2.91 27.97 -10.60
N SER B 277 -1.79 27.73 -11.29
CA SER B 277 -1.02 26.53 -11.00
C SER B 277 0.36 26.55 -11.66
N PHE B 278 1.15 25.51 -11.43
CA PHE B 278 2.47 25.47 -11.96
C PHE B 278 2.47 24.26 -12.93
N PRO B 279 2.84 24.49 -14.18
CA PRO B 279 2.71 23.50 -15.25
C PRO B 279 3.76 22.43 -15.20
N LEU B 280 3.79 21.70 -14.11
CA LEU B 280 4.71 20.57 -13.92
C LEU B 280 3.90 19.32 -14.28
N LEU B 281 4.39 18.58 -15.27
CA LEU B 281 3.67 17.39 -15.75
C LEU B 281 3.39 16.49 -14.58
N THR B 282 2.15 16.00 -14.52
CA THR B 282 1.78 15.04 -13.48
C THR B 282 1.82 13.60 -14.00
N THR B 283 1.84 13.39 -15.31
CA THR B 283 1.79 12.06 -15.80
C THR B 283 3.12 11.35 -15.71
N LYS B 284 4.13 11.97 -15.12
CA LYS B 284 5.42 11.32 -14.84
C LYS B 284 6.10 12.23 -13.83
N LYS B 285 6.77 11.65 -12.83
CA LYS B 285 7.52 12.43 -11.85
C LYS B 285 8.65 13.17 -12.56
N VAL B 286 8.72 14.49 -12.42
CA VAL B 286 9.64 15.27 -13.20
C VAL B 286 10.78 15.80 -12.32
N ALA B 287 12.01 15.76 -12.83
CA ALA B 287 13.16 16.22 -12.06
C ALA B 287 13.18 17.73 -11.74
N ILE B 288 12.25 18.16 -10.92
CA ILE B 288 12.10 19.57 -10.68
C ILE B 288 13.36 20.30 -10.16
N ARG B 289 14.15 19.62 -9.31
CA ARG B 289 15.31 20.23 -8.70
C ARG B 289 16.31 20.52 -9.78
N SER B 290 16.57 19.53 -10.62
CA SER B 290 17.57 19.65 -11.68
C SER B 290 17.24 20.77 -12.63
N ILE B 291 15.94 21.06 -12.75
CA ILE B 291 15.43 22.11 -13.62
C ILE B 291 15.77 23.42 -12.95
N PHE B 292 15.48 23.52 -11.65
CA PHE B 292 15.75 24.80 -11.02
C PHE B 292 17.26 25.10 -11.02
N GLU B 293 18.03 24.06 -10.78
CA GLU B 293 19.44 24.26 -10.69
C GLU B 293 20.10 24.66 -12.03
N GLU B 294 19.65 24.10 -13.16
CA GLU B 294 20.10 24.55 -14.49
C GLU B 294 19.68 25.98 -14.74
N LEU B 295 18.43 26.29 -14.38
CA LEU B 295 17.82 27.56 -14.72
C LEU B 295 18.60 28.72 -14.11
N ILE B 296 18.99 28.58 -12.85
CA ILE B 296 19.66 29.66 -12.13
C ILE B 296 21.17 29.70 -12.40
N TRP B 297 21.74 28.53 -12.67
CA TRP B 297 22.95 28.45 -13.48
C TRP B 297 23.01 29.29 -14.75
N PHE B 298 21.89 29.38 -15.46
CA PHE B 298 21.80 30.18 -16.66
C PHE B 298 21.70 31.66 -16.21
N ILE B 299 20.83 31.92 -15.24
CA ILE B 299 20.60 33.29 -14.76
C ILE B 299 21.89 33.97 -14.20
N LYS B 300 22.71 33.18 -13.51
CA LYS B 300 23.97 33.70 -12.99
C LYS B 300 24.96 33.86 -14.15
N GLY B 301 24.64 33.29 -15.30
CA GLY B 301 25.41 33.54 -16.51
C GLY B 301 26.56 32.58 -16.64
N ASP B 302 26.46 31.44 -15.96
CA ASP B 302 27.56 30.50 -15.78
C ASP B 302 27.61 29.36 -16.81
N THR B 303 28.83 29.04 -17.26
CA THR B 303 29.07 28.05 -18.31
C THR B 303 29.87 26.82 -17.82
N ASN B 304 30.26 26.85 -16.55
CA ASN B 304 31.02 25.76 -15.97
C ASN B 304 30.14 24.57 -15.69
N GLY B 305 30.33 23.51 -16.47
CA GLY B 305 29.60 22.28 -16.20
C GLY B 305 29.75 21.71 -14.79
N ASN B 306 30.84 22.04 -14.11
CA ASN B 306 31.14 21.48 -12.80
C ASN B 306 30.15 21.88 -11.72
N HIS B 307 29.79 23.17 -11.71
CA HIS B 307 28.86 23.68 -10.72
C HIS B 307 27.57 22.90 -10.64
N LEU B 308 27.13 22.34 -11.76
CA LEU B 308 25.96 21.48 -11.76
C LEU B 308 26.26 20.11 -11.17
N ILE B 309 27.31 19.45 -11.65
CA ILE B 309 27.69 18.13 -11.12
C ILE B 309 27.95 18.25 -9.61
N GLU B 310 28.61 19.32 -9.20
CA GLU B 310 28.82 19.52 -7.78
C GLU B 310 27.50 19.51 -7.02
N LYS B 311 26.39 19.97 -7.61
CA LYS B 311 25.07 19.93 -6.94
C LYS B 311 24.27 18.73 -7.37
N LYS B 312 24.95 17.73 -7.91
CA LYS B 312 24.33 16.45 -8.19
C LYS B 312 23.24 16.62 -9.24
N VAL B 313 23.55 17.41 -10.27
CA VAL B 313 22.69 17.59 -11.44
C VAL B 313 23.54 17.27 -12.65
N TYR B 314 23.29 16.11 -13.26
CA TYR B 314 24.12 15.54 -14.33
C TYR B 314 23.60 15.71 -15.75
N ILE B 315 22.62 16.58 -15.96
CA ILE B 315 22.10 16.73 -17.31
C ILE B 315 23.09 17.24 -18.35
N TRP B 316 24.05 18.04 -17.95
CA TRP B 316 25.00 18.59 -18.91
C TRP B 316 26.34 17.87 -18.79
N SER B 317 26.29 16.58 -18.46
CA SER B 317 27.53 15.82 -18.32
C SER B 317 27.94 15.27 -19.65
N GLY B 318 27.05 14.53 -20.28
CA GLY B 318 27.39 13.94 -21.59
C GLY B 318 27.95 14.91 -22.63
N ASN B 319 27.52 16.17 -22.56
CA ASN B 319 27.88 17.20 -23.54
C ASN B 319 29.08 17.98 -23.05
N GLY B 320 29.48 17.74 -21.81
CA GLY B 320 30.63 18.44 -21.26
C GLY B 320 31.86 17.57 -21.05
N SER B 321 31.92 16.40 -21.69
CA SER B 321 33.00 15.45 -21.46
C SER B 321 34.10 15.57 -22.51
N LYS B 322 35.22 14.93 -22.21
CA LYS B 322 36.40 14.91 -23.05
C LYS B 322 36.14 14.39 -24.49
N GLU B 323 35.55 13.20 -24.65
CA GLU B 323 35.29 12.68 -26.01
C GLU B 323 34.44 13.59 -26.84
N TYR B 324 33.27 13.96 -26.29
CA TYR B 324 32.35 14.80 -27.02
C TYR B 324 33.04 16.10 -27.43
N LEU B 325 33.67 16.78 -26.47
CA LEU B 325 34.33 18.05 -26.76
C LEU B 325 35.34 17.88 -27.91
N GLU B 326 35.89 16.67 -28.00
CA GLU B 326 36.89 16.25 -28.98
C GLU B 326 36.21 16.10 -30.32
N ARG B 327 35.30 15.14 -30.37
CA ARG B 327 34.60 14.74 -31.57
C ARG B 327 34.01 15.94 -32.34
N ILE B 328 33.85 17.08 -31.66
CA ILE B 328 33.21 18.26 -32.28
C ILE B 328 34.20 19.38 -32.55
N GLY B 329 35.46 19.17 -32.20
CA GLY B 329 36.47 20.16 -32.50
C GLY B 329 36.77 21.12 -31.39
N LEU B 330 36.47 20.73 -30.17
CA LEU B 330 36.77 21.60 -29.03
C LEU B 330 37.68 20.84 -28.05
N GLY B 331 38.60 20.06 -28.65
CA GLY B 331 39.53 19.23 -27.89
C GLY B 331 40.34 20.04 -26.90
N HIS B 332 40.69 21.26 -27.32
CA HIS B 332 41.51 22.14 -26.51
C HIS B 332 40.82 22.73 -25.28
N ARG B 333 39.67 22.17 -24.89
CA ARG B 333 38.86 22.79 -23.83
C ARG B 333 38.86 21.96 -22.53
N GLU B 334 38.95 22.66 -21.39
CA GLU B 334 38.92 21.99 -20.10
C GLU B 334 37.61 21.17 -19.98
N GLU B 335 37.68 20.05 -19.30
CA GLU B 335 36.50 19.21 -19.07
C GLU B 335 35.37 20.09 -18.55
N ASN B 336 34.19 19.95 -19.14
CA ASN B 336 32.99 20.58 -18.63
C ASN B 336 32.99 22.11 -18.73
N ASP B 337 33.97 22.65 -19.46
CA ASP B 337 33.82 23.95 -20.09
C ASP B 337 32.91 23.87 -21.32
N LEU B 338 31.66 24.28 -21.15
CA LEU B 338 30.60 24.01 -22.16
C LEU B 338 30.56 25.06 -23.24
N GLY B 339 31.18 26.20 -22.97
CA GLY B 339 31.27 27.25 -23.98
C GLY B 339 30.26 28.36 -23.73
N PRO B 340 30.21 29.35 -24.62
CA PRO B 340 29.27 30.44 -24.44
C PRO B 340 27.85 29.99 -24.83
N ILE B 341 27.36 28.99 -24.11
CA ILE B 341 25.97 28.56 -24.26
C ILE B 341 25.02 29.48 -23.48
N TYR B 342 23.90 28.92 -23.03
CA TYR B 342 22.68 29.69 -22.87
C TYR B 342 22.92 30.96 -22.06
N GLY B 343 23.59 30.81 -20.92
CA GLY B 343 23.63 31.86 -19.92
C GLY B 343 24.70 32.89 -20.24
N PHE B 344 25.76 32.46 -20.91
CA PHE B 344 26.72 33.38 -21.48
C PHE B 344 25.98 34.36 -22.41
N GLN B 345 25.14 33.84 -23.31
CA GLN B 345 24.42 34.75 -24.22
C GLN B 345 23.39 35.62 -23.47
N TRP B 346 22.78 35.08 -22.40
CA TRP B 346 21.80 35.90 -21.64
C TRP B 346 22.49 37.07 -20.93
N ARG B 347 23.77 36.87 -20.55
CA ARG B 347 24.48 37.87 -19.70
C ARG B 347 25.56 38.62 -20.41
N HIS B 348 26.12 38.01 -21.45
CA HIS B 348 27.29 38.56 -22.11
C HIS B 348 27.16 38.25 -23.56
N TYR B 349 25.98 38.55 -24.09
CA TYR B 349 25.68 38.38 -25.51
C TYR B 349 26.82 38.95 -26.30
N ASN B 350 27.42 38.13 -27.16
CA ASN B 350 28.49 38.59 -28.03
C ASN B 350 29.81 38.93 -27.39
N GLY B 351 29.96 38.68 -26.10
CA GLY B 351 31.26 38.91 -25.48
C GLY B 351 32.25 37.89 -26.00
N GLU B 352 33.54 38.14 -25.80
CA GLU B 352 34.55 37.22 -26.29
C GLU B 352 34.71 36.06 -25.29
N TYR B 353 34.48 34.83 -25.76
CA TYR B 353 34.67 33.67 -24.89
C TYR B 353 36.14 33.22 -24.72
N LYS B 354 36.74 33.59 -23.58
CA LYS B 354 38.05 33.07 -23.20
C LYS B 354 37.96 31.65 -22.67
N THR B 355 37.75 31.53 -21.36
CA THR B 355 37.43 30.24 -20.76
C THR B 355 36.31 30.38 -19.73
N MET B 356 35.83 29.25 -19.23
CA MET B 356 34.76 29.24 -18.23
C MET B 356 35.26 29.77 -16.89
N HIS B 357 36.54 30.13 -16.85
CA HIS B 357 37.17 30.62 -15.58
C HIS B 357 37.43 32.09 -15.51
N ASP B 358 37.48 32.72 -16.67
CA ASP B 358 37.74 34.14 -16.72
C ASP B 358 36.60 34.87 -16.03
N ASP B 359 36.83 36.10 -15.59
CA ASP B 359 35.71 36.89 -15.12
C ASP B 359 35.19 37.74 -16.27
N TYR B 360 33.89 37.63 -16.56
CA TYR B 360 33.35 38.35 -17.67
C TYR B 360 32.55 39.55 -17.29
N THR B 361 32.70 40.01 -16.06
CA THR B 361 32.01 41.21 -15.63
C THR B 361 32.21 42.34 -16.65
N GLY B 362 31.11 42.98 -17.06
CA GLY B 362 31.20 44.13 -17.95
C GLY B 362 31.35 43.80 -19.41
N VAL B 363 31.55 42.53 -19.76
CA VAL B 363 31.64 42.16 -21.20
C VAL B 363 30.30 41.71 -21.84
N GLY B 364 30.10 42.07 -23.11
CA GLY B 364 28.90 41.58 -23.82
C GLY B 364 27.63 42.30 -23.38
N VAL B 365 26.54 42.14 -24.13
CA VAL B 365 25.28 42.78 -23.74
C VAL B 365 24.57 41.97 -22.66
N ASP B 366 24.27 42.58 -21.52
CA ASP B 366 23.54 41.85 -20.49
C ASP B 366 22.04 41.90 -20.70
N GLN B 367 21.52 40.92 -21.43
CA GLN B 367 20.08 40.88 -21.78
C GLN B 367 19.17 40.70 -20.56
N LEU B 368 19.52 39.80 -19.65
CA LEU B 368 18.63 39.59 -18.55
C LEU B 368 18.44 40.87 -17.71
N ALA B 369 19.48 41.69 -17.65
CA ALA B 369 19.36 42.98 -16.94
C ALA B 369 18.46 43.97 -17.65
N LYS B 370 18.57 44.04 -18.99
CA LYS B 370 17.82 45.00 -19.79
C LYS B 370 16.35 44.58 -19.72
N LEU B 371 16.14 43.27 -19.83
CA LEU B 371 14.82 42.73 -19.72
C LEU B 371 14.18 43.29 -18.48
N ILE B 372 14.78 43.04 -17.32
CA ILE B 372 14.22 43.48 -16.06
C ILE B 372 13.94 44.97 -16.04
N GLU B 373 14.89 45.79 -16.49
CA GLU B 373 14.69 47.23 -16.56
C GLU B 373 13.49 47.58 -17.42
N THR B 374 13.24 46.79 -18.46
CA THR B 374 12.26 47.12 -19.48
C THR B 374 10.85 46.72 -19.04
N LEU B 375 10.74 45.55 -18.42
CA LEU B 375 9.50 45.10 -17.82
C LEU B 375 9.03 46.09 -16.74
N LYS B 376 9.99 46.64 -16.00
CA LYS B 376 9.69 47.59 -14.94
C LYS B 376 9.32 48.94 -15.44
N ASN B 377 10.09 49.49 -16.39
CA ASN B 377 9.90 50.89 -16.77
C ASN B 377 9.03 51.05 -17.99
N ASN B 378 9.04 50.06 -18.87
CA ASN B 378 8.29 50.16 -20.12
C ASN B 378 7.34 49.00 -20.37
N PRO B 379 6.56 48.65 -19.34
CA PRO B 379 5.80 47.42 -19.35
C PRO B 379 5.09 47.14 -20.68
N LYS B 380 4.46 48.15 -21.30
CA LYS B 380 3.64 47.93 -22.49
C LYS B 380 4.41 47.98 -23.81
N ASP B 381 5.71 48.21 -23.69
CA ASP B 381 6.59 48.27 -24.86
C ASP B 381 6.66 46.82 -25.44
N ARG B 382 6.96 46.68 -26.73
CA ARG B 382 6.93 45.34 -27.34
C ARG B 382 8.28 44.70 -27.60
N ARG B 383 9.26 45.03 -26.75
CA ARG B 383 10.65 44.72 -27.04
C ARG B 383 11.32 44.02 -25.87
N HIS B 384 10.50 43.37 -25.03
CA HIS B 384 11.02 42.52 -23.97
C HIS B 384 11.45 41.16 -24.50
N ILE B 385 12.72 41.05 -24.87
CA ILE B 385 13.17 39.95 -25.72
C ILE B 385 14.46 39.34 -25.17
N LEU B 386 14.46 38.01 -25.05
CA LEU B 386 15.62 37.30 -24.58
C LEU B 386 16.04 36.34 -25.71
N THR B 387 17.30 36.42 -26.14
CA THR B 387 17.77 35.63 -27.26
C THR B 387 19.05 34.87 -26.90
N ALA B 388 19.22 33.69 -27.48
CA ALA B 388 20.40 32.87 -27.23
C ALA B 388 21.03 32.40 -28.54
N TRP B 389 20.32 32.60 -29.64
CA TRP B 389 20.83 32.27 -30.96
C TRP B 389 21.84 33.30 -31.44
N ASN B 390 23.12 32.96 -31.35
CA ASN B 390 24.18 33.84 -31.78
C ASN B 390 25.00 33.20 -32.88
N PRO B 391 24.68 33.45 -34.16
CA PRO B 391 25.45 32.77 -35.21
C PRO B 391 26.98 32.91 -35.06
N SER B 392 27.45 34.01 -34.49
CA SER B 392 28.90 34.15 -34.28
C SER B 392 29.50 33.18 -33.32
N ALA B 393 28.69 32.58 -32.46
CA ALA B 393 29.25 31.78 -31.38
C ALA B 393 28.85 30.34 -31.35
N LEU B 394 28.21 29.83 -32.41
CA LEU B 394 27.65 28.47 -32.34
C LEU B 394 28.75 27.44 -32.22
N SER B 395 29.79 27.61 -33.04
CA SER B 395 30.91 26.67 -33.13
C SER B 395 31.66 26.45 -31.81
N GLN B 396 31.83 27.52 -31.02
CA GLN B 396 32.47 27.41 -29.71
C GLN B 396 31.55 26.79 -28.67
N MET B 397 30.29 26.53 -29.03
CA MET B 397 29.31 26.08 -28.06
C MET B 397 29.28 24.59 -28.01
N ALA B 398 29.25 24.04 -26.80
CA ALA B 398 29.25 22.59 -26.67
C ALA B 398 28.06 22.07 -27.46
N LEU B 399 27.03 22.89 -27.51
CA LEU B 399 25.78 22.55 -28.16
C LEU B 399 25.02 23.82 -28.51
N PRO B 400 24.54 23.93 -29.76
CA PRO B 400 23.76 25.12 -30.16
C PRO B 400 22.41 25.08 -29.45
N PRO B 401 21.97 26.24 -28.90
CA PRO B 401 20.77 26.37 -28.09
C PRO B 401 19.47 25.84 -28.76
N CYS B 402 18.61 25.25 -27.94
CA CYS B 402 17.29 24.82 -28.39
C CYS B 402 16.19 25.78 -28.03
N HIS B 403 16.16 26.25 -26.79
CA HIS B 403 15.31 27.37 -26.48
C HIS B 403 16.05 28.62 -26.92
N VAL B 404 15.68 29.07 -28.11
CA VAL B 404 16.41 30.03 -28.88
C VAL B 404 15.98 31.44 -28.57
N LEU B 405 14.68 31.66 -28.41
CA LEU B 405 14.17 33.03 -28.22
C LEU B 405 12.91 33.12 -27.35
N SER B 406 12.81 34.13 -26.51
CA SER B 406 11.64 34.23 -25.66
C SER B 406 11.20 35.67 -25.59
N GLN B 407 9.89 35.87 -25.44
CA GLN B 407 9.33 37.23 -25.37
C GLN B 407 8.51 37.30 -24.10
N TYR B 408 8.37 38.49 -23.56
CA TYR B 408 7.61 38.63 -22.33
C TYR B 408 6.64 39.76 -22.52
N TYR B 409 5.58 39.77 -21.71
CA TYR B 409 4.40 40.58 -21.98
C TYR B 409 3.64 40.90 -20.72
N VAL B 410 3.56 42.19 -20.38
CA VAL B 410 2.85 42.63 -19.19
C VAL B 410 1.39 42.95 -19.50
N THR B 411 0.48 42.13 -18.99
CA THR B 411 -0.95 42.33 -19.19
C THR B 411 -1.43 43.61 -18.51
N ASN B 412 -2.60 44.08 -18.91
CA ASN B 412 -3.23 45.20 -18.26
C ASN B 412 -3.55 44.97 -16.81
N ASP B 413 -3.78 43.73 -16.38
CA ASP B 413 -3.98 43.47 -14.92
C ASP B 413 -2.69 43.01 -14.20
N ASN B 414 -1.56 43.45 -14.71
CA ASN B 414 -0.24 43.24 -14.09
C ASN B 414 0.28 41.85 -13.97
N CYS B 415 -0.02 41.02 -14.96
CA CYS B 415 0.55 39.71 -14.96
C CYS B 415 1.59 39.68 -16.06
N LEU B 416 2.61 38.81 -15.87
CA LEU B 416 3.72 38.66 -16.78
C LEU B 416 3.51 37.37 -17.55
N SER B 417 3.54 37.45 -18.87
CA SER B 417 3.40 36.23 -19.70
C SER B 417 4.67 35.96 -20.45
N CYS B 418 4.85 34.70 -20.85
CA CYS B 418 6.03 34.38 -21.59
C CYS B 418 5.67 33.57 -22.80
N ASN B 419 6.31 33.85 -23.93
CA ASN B 419 6.34 33.03 -25.16
C ASN B 419 7.77 32.56 -25.36
N LEU B 420 7.95 31.33 -25.80
CA LEU B 420 9.27 30.83 -26.05
C LEU B 420 9.24 30.15 -27.41
N TYR B 421 10.25 30.39 -28.24
CA TYR B 421 10.37 29.67 -29.51
C TYR B 421 11.53 28.69 -29.38
N GLN B 422 11.21 27.43 -29.58
CA GLN B 422 12.09 26.31 -29.41
C GLN B 422 12.23 25.62 -30.78
N ARG B 423 13.37 25.84 -31.42
CA ARG B 423 13.66 25.25 -32.75
C ARG B 423 13.66 23.73 -32.77
N SER B 424 14.11 23.17 -31.68
CA SER B 424 14.29 21.76 -31.63
C SER B 424 13.95 21.32 -30.22
N CYS B 425 13.19 20.26 -30.10
CA CYS B 425 12.62 19.96 -28.79
C CYS B 425 12.36 18.48 -28.68
N ASP B 426 13.02 17.94 -27.69
CA ASP B 426 12.93 16.56 -27.40
C ASP B 426 11.63 16.50 -26.64
N LEU B 427 10.56 15.98 -27.24
CA LEU B 427 9.35 15.88 -26.49
C LEU B 427 9.49 15.02 -25.24
N GLY B 428 10.01 13.80 -25.41
CA GLY B 428 10.33 12.90 -24.31
C GLY B 428 11.11 13.57 -23.18
N LEU B 429 12.23 14.21 -23.44
CA LEU B 429 13.06 14.65 -22.31
C LEU B 429 13.17 16.14 -22.09
N GLY B 430 13.51 16.90 -23.11
CA GLY B 430 13.68 18.33 -22.92
C GLY B 430 12.40 19.15 -22.73
N SER B 431 11.34 18.77 -23.40
CA SER B 431 10.11 19.51 -23.38
C SER B 431 9.55 19.70 -21.95
N PRO B 432 9.46 18.60 -21.17
CA PRO B 432 9.01 18.78 -19.78
C PRO B 432 9.96 19.69 -19.02
N PHE B 433 11.21 19.72 -19.41
CA PHE B 433 12.09 20.61 -18.75
C PHE B 433 11.82 22.03 -19.13
N ASN B 434 11.56 22.26 -20.41
CA ASN B 434 11.34 23.61 -20.90
C ASN B 434 10.11 24.25 -20.31
N ILE B 435 9.00 23.50 -20.26
CA ILE B 435 7.78 24.00 -19.63
C ILE B 435 8.04 24.43 -18.19
N ALA B 436 8.59 23.53 -17.38
CA ALA B 436 8.91 23.83 -16.00
C ALA B 436 9.93 24.97 -15.92
N SER B 437 10.97 24.90 -16.74
CA SER B 437 12.05 25.87 -16.70
C SER B 437 11.51 27.30 -16.83
N TYR B 438 10.73 27.53 -17.88
CA TYR B 438 10.31 28.90 -18.23
C TYR B 438 9.09 29.38 -17.41
N ALA B 439 8.32 28.42 -16.89
CA ALA B 439 7.34 28.79 -15.90
C ALA B 439 8.10 29.40 -14.74
N ILE B 440 9.18 28.75 -14.30
CA ILE B 440 9.91 29.23 -13.10
C ILE B 440 10.58 30.56 -13.33
N LEU B 441 11.23 30.70 -14.49
CA LEU B 441 11.89 31.95 -14.84
C LEU B 441 10.88 33.10 -14.88
N THR B 442 9.77 32.86 -15.55
CA THR B 442 8.69 33.84 -15.57
C THR B 442 8.20 34.17 -14.17
N MET B 443 8.08 33.16 -13.33
CA MET B 443 7.67 33.47 -11.97
C MET B 443 8.71 34.35 -11.28
N MET B 444 9.97 33.97 -11.42
CA MET B 444 11.06 34.83 -10.92
C MET B 444 11.01 36.23 -11.49
N LEU B 445 10.99 36.35 -12.83
CA LEU B 445 10.92 37.68 -13.44
C LEU B 445 9.74 38.47 -12.82
N ALA B 446 8.59 37.81 -12.63
CA ALA B 446 7.41 38.45 -12.07
C ALA B 446 7.60 39.01 -10.66
N GLN B 447 8.19 38.18 -9.77
CA GLN B 447 8.44 38.64 -8.40
C GLN B 447 9.32 39.90 -8.42
N VAL B 448 10.46 39.78 -9.11
CA VAL B 448 11.45 40.81 -9.17
C VAL B 448 10.90 42.07 -9.80
N CYS B 449 9.95 41.97 -10.73
CA CYS B 449 9.47 43.17 -11.40
C CYS B 449 8.17 43.72 -10.84
N GLY B 450 7.64 43.06 -9.84
CA GLY B 450 6.41 43.51 -9.24
C GLY B 450 5.13 43.00 -9.86
N TYR B 451 5.14 41.84 -10.51
CA TYR B 451 3.93 41.38 -11.19
C TYR B 451 3.54 39.97 -10.79
N GLU B 452 2.44 39.52 -11.38
CA GLU B 452 1.96 38.16 -11.16
C GLU B 452 2.21 37.25 -12.36
N PRO B 453 2.25 35.93 -12.14
CA PRO B 453 2.42 35.05 -13.29
C PRO B 453 1.19 35.09 -14.18
N GLY B 454 1.40 35.19 -15.49
CA GLY B 454 0.32 35.10 -16.47
C GLY B 454 0.32 33.79 -17.27
N GLU B 455 0.68 33.84 -18.56
CA GLU B 455 0.59 32.60 -19.34
C GLU B 455 1.87 32.24 -20.02
N LEU B 456 2.07 30.95 -20.26
CA LEU B 456 3.22 30.48 -21.00
C LEU B 456 2.80 29.79 -22.29
N ALA B 457 3.22 30.35 -23.42
CA ALA B 457 3.03 29.72 -24.71
C ALA B 457 4.35 29.24 -25.30
N ILE B 458 4.33 28.06 -25.91
CA ILE B 458 5.56 27.43 -26.40
C ILE B 458 5.43 27.03 -27.86
N PHE B 459 6.25 27.64 -28.71
CA PHE B 459 6.23 27.36 -30.11
C PHE B 459 7.39 26.45 -30.53
N ILE B 460 7.08 25.30 -31.10
CA ILE B 460 8.10 24.31 -31.47
C ILE B 460 8.29 24.31 -32.99
N GLY B 461 9.54 24.39 -33.41
CA GLY B 461 9.89 24.17 -34.80
C GLY B 461 9.94 22.70 -35.16
N ASP B 462 11.04 22.03 -34.79
CA ASP B 462 11.13 20.59 -34.90
C ASP B 462 10.65 19.89 -33.63
N ALA B 463 9.41 19.45 -33.64
CA ALA B 463 8.88 18.62 -32.56
C ALA B 463 9.04 17.14 -32.87
N HIS B 464 9.87 16.46 -32.09
CA HIS B 464 10.22 15.05 -32.35
C HIS B 464 10.35 14.19 -31.09
N ILE B 465 10.08 12.93 -31.30
CA ILE B 465 10.22 11.92 -30.29
C ILE B 465 11.36 11.00 -30.70
N TYR B 466 12.31 10.76 -29.80
CA TYR B 466 13.40 9.82 -30.07
C TYR B 466 12.83 8.40 -30.10
N GLU B 467 13.32 7.57 -31.02
CA GLU B 467 12.75 6.23 -31.20
C GLU B 467 12.97 5.28 -30.04
N ASN B 468 14.03 5.50 -29.28
CA ASN B 468 14.26 4.68 -28.08
C ASN B 468 13.42 5.18 -26.93
N HIS B 469 12.39 5.97 -27.23
CA HIS B 469 11.50 6.58 -26.24
C HIS B 469 10.03 6.13 -26.42
N LEU B 470 9.73 5.55 -27.57
CA LEU B 470 8.38 5.19 -27.90
C LEU B 470 7.60 4.47 -26.78
N THR B 471 8.18 3.45 -26.19
CA THR B 471 7.44 2.65 -25.25
C THR B 471 7.26 3.44 -23.94
N GLN B 472 8.26 4.24 -23.57
CA GLN B 472 8.22 5.04 -22.38
C GLN B 472 7.08 6.02 -22.49
N LEU B 473 7.04 6.77 -23.60
CA LEU B 473 5.98 7.74 -23.83
C LEU B 473 4.61 7.10 -24.04
N LYS B 474 4.56 5.89 -24.61
CA LYS B 474 3.32 5.15 -24.74
C LYS B 474 2.83 4.85 -23.32
N GLU B 475 3.73 4.47 -22.42
CA GLU B 475 3.34 4.22 -21.03
C GLU B 475 2.72 5.49 -20.43
N GLN B 476 3.50 6.57 -20.49
CA GLN B 476 3.01 7.85 -20.06
C GLN B 476 1.59 8.18 -20.66
N LEU B 477 1.43 8.07 -21.98
CA LEU B 477 0.17 8.33 -22.57
C LEU B 477 -1.05 7.54 -21.99
N SER B 478 -0.82 6.50 -21.21
CA SER B 478 -1.93 5.73 -20.68
C SER B 478 -2.37 6.19 -19.30
N ARG B 479 -1.72 7.22 -18.75
CA ARG B 479 -2.01 7.78 -17.40
C ARG B 479 -2.80 9.07 -17.47
N THR B 480 -3.95 9.11 -16.80
CA THR B 480 -4.82 10.26 -16.89
C THR B 480 -4.16 11.30 -16.00
N PRO B 481 -4.00 12.54 -16.49
CA PRO B 481 -3.33 13.54 -15.67
C PRO B 481 -4.12 13.96 -14.40
N ARG B 482 -3.38 14.45 -13.41
CA ARG B 482 -3.91 14.91 -12.14
C ARG B 482 -3.73 16.41 -12.08
N PRO B 483 -4.46 17.11 -11.19
CA PRO B 483 -4.29 18.56 -11.17
C PRO B 483 -2.87 18.97 -10.88
N PHE B 484 -2.43 20.04 -11.50
CA PHE B 484 -1.08 20.52 -11.41
C PHE B 484 -0.78 21.00 -9.99
N PRO B 485 0.49 20.99 -9.60
CA PRO B 485 0.75 21.43 -8.24
C PRO B 485 0.82 22.95 -8.18
N GLN B 486 1.12 23.52 -7.01
CA GLN B 486 1.50 24.93 -6.84
C GLN B 486 3.03 25.03 -6.58
N LEU B 487 3.59 26.21 -6.82
CA LEU B 487 4.99 26.51 -6.60
C LEU B 487 4.99 27.93 -6.09
N LYS B 488 5.50 28.12 -4.89
CA LYS B 488 5.51 29.45 -4.29
C LYS B 488 6.91 29.72 -3.85
N PHE B 489 7.28 30.99 -3.88
CA PHE B 489 8.53 31.44 -3.33
C PHE B 489 8.38 31.77 -1.83
N LYS B 490 9.28 31.22 -1.01
CA LYS B 490 9.27 31.46 0.41
C LYS B 490 9.64 32.91 0.80
N ARG B 491 10.49 33.60 0.03
CA ARG B 491 10.82 35.00 0.40
C ARG B 491 10.96 35.92 -0.81
N LYS B 492 10.91 37.22 -0.59
CA LYS B 492 11.07 38.14 -1.70
C LYS B 492 12.56 38.42 -1.93
N VAL B 493 13.21 37.79 -2.91
CA VAL B 493 14.65 38.08 -3.21
C VAL B 493 14.86 39.53 -3.68
N GLU B 494 16.05 40.08 -3.47
CA GLU B 494 16.38 41.44 -3.94
C GLU B 494 16.97 41.43 -5.36
N ASN B 495 17.62 40.32 -5.71
CA ASN B 495 18.16 40.16 -7.03
C ASN B 495 17.80 38.78 -7.62
N ILE B 496 17.55 38.75 -8.93
CA ILE B 496 17.12 37.53 -9.54
C ILE B 496 18.10 36.39 -9.38
N GLU B 497 19.40 36.66 -9.26
CA GLU B 497 20.33 35.54 -9.07
C GLU B 497 20.48 35.10 -7.63
N ASP B 498 19.73 35.66 -6.72
CA ASP B 498 19.75 35.16 -5.34
C ASP B 498 18.91 33.91 -5.09
N PHE B 499 18.00 33.54 -5.99
CA PHE B 499 17.07 32.45 -5.70
C PHE B 499 17.87 31.24 -5.42
N LYS B 500 17.32 30.38 -4.58
CA LYS B 500 18.01 29.15 -4.13
C LYS B 500 16.98 28.07 -4.05
N TRP B 501 17.37 26.82 -4.27
CA TRP B 501 16.39 25.72 -4.20
C TRP B 501 15.54 25.78 -2.94
N GLU B 502 16.18 26.15 -1.82
CA GLU B 502 15.54 26.31 -0.49
C GLU B 502 14.38 27.29 -0.49
N ASP B 503 14.41 28.27 -1.39
CA ASP B 503 13.41 29.33 -1.43
C ASP B 503 12.10 28.83 -2.04
N ILE B 504 12.14 27.64 -2.65
CA ILE B 504 10.98 27.14 -3.40
C ILE B 504 10.18 26.06 -2.70
N GLU B 505 8.87 26.28 -2.67
CA GLU B 505 7.93 25.34 -2.08
C GLU B 505 7.02 24.80 -3.20
N LEU B 506 6.93 23.48 -3.28
CA LEU B 506 6.13 22.76 -4.27
C LEU B 506 4.98 22.15 -3.52
N ILE B 507 3.85 22.81 -3.48
CA ILE B 507 2.70 22.26 -2.79
C ILE B 507 1.83 21.41 -3.70
N GLY B 508 1.41 20.25 -3.18
CA GLY B 508 0.46 19.34 -3.83
C GLY B 508 0.84 18.67 -5.14
N TYR B 509 2.12 18.41 -5.33
CA TYR B 509 2.59 17.69 -6.51
C TYR B 509 2.46 16.18 -6.32
N TYR B 510 1.49 15.60 -7.00
CA TYR B 510 1.26 14.15 -6.92
C TYR B 510 1.36 13.51 -8.30
N PRO B 511 2.56 13.07 -8.67
CA PRO B 511 2.81 12.54 -10.01
C PRO B 511 2.69 11.01 -10.05
N TYR B 512 2.77 10.44 -11.24
CA TYR B 512 2.89 9.02 -11.38
C TYR B 512 4.38 8.71 -11.31
N PRO B 513 4.73 7.44 -11.20
CA PRO B 513 6.14 7.17 -11.01
C PRO B 513 7.00 7.68 -12.15
N THR B 514 8.23 8.01 -11.81
CA THR B 514 9.14 8.53 -12.79
C THR B 514 9.28 7.49 -13.89
N ILE B 515 9.50 7.95 -15.13
CA ILE B 515 9.65 7.09 -16.28
C ILE B 515 11.03 7.27 -16.90
N LYS B 516 11.87 6.25 -16.82
CA LYS B 516 13.23 6.35 -17.34
C LYS B 516 13.42 6.45 -18.86
N MET B 517 14.08 7.51 -19.29
CA MET B 517 14.34 7.71 -20.69
C MET B 517 15.79 8.09 -20.89
N ASP B 518 16.44 7.38 -21.81
CA ASP B 518 17.85 7.64 -22.15
C ASP B 518 18.06 8.92 -22.99
N MET B 519 19.07 9.71 -22.61
CA MET B 519 19.47 10.94 -23.33
C MET B 519 20.22 10.65 -24.67
N ALA B 520 19.99 11.50 -25.68
CA ALA B 520 20.67 11.38 -26.99
C ALA B 520 21.93 12.30 -27.18
N VAL B 521 23.12 11.78 -26.84
CA VAL B 521 24.38 12.59 -26.75
C VAL B 521 24.89 13.23 -28.06
N GLU C 3 -3.96 -61.44 49.39
CA GLU C 3 -5.29 -61.54 48.70
C GLU C 3 -5.10 -61.86 47.18
N LYS C 4 -6.13 -61.61 46.36
CA LYS C 4 -6.10 -61.92 44.90
C LYS C 4 -6.85 -60.91 43.98
N ASN C 5 -6.07 -60.33 43.07
CA ASN C 5 -6.54 -59.30 42.15
C ASN C 5 -7.44 -59.84 41.03
N VAL C 6 -8.54 -59.13 40.78
CA VAL C 6 -9.50 -59.55 39.77
C VAL C 6 -10.10 -58.36 39.02
N SER C 7 -9.72 -58.26 37.75
CA SER C 7 -10.08 -57.13 36.91
C SER C 7 -10.82 -57.54 35.64
N ILE C 8 -12.03 -57.02 35.50
CA ILE C 8 -12.77 -57.09 34.24
C ILE C 8 -12.11 -56.22 33.15
N VAL C 9 -11.94 -56.81 31.96
CA VAL C 9 -11.43 -56.16 30.74
C VAL C 9 -12.56 -56.21 29.75
N VAL C 10 -12.88 -55.04 29.23
CA VAL C 10 -13.97 -54.89 28.27
C VAL C 10 -13.66 -53.69 27.35
N ALA C 11 -14.45 -53.56 26.31
CA ALA C 11 -14.37 -52.50 25.32
C ALA C 11 -15.80 -52.31 24.91
N ALA C 12 -16.32 -51.12 25.16
CA ALA C 12 -17.73 -50.92 24.89
C ALA C 12 -17.89 -49.57 24.20
N SER C 13 -19.04 -49.38 23.55
CA SER C 13 -19.27 -48.18 22.82
C SER C 13 -19.39 -47.04 23.80
N VAL C 14 -18.90 -45.86 23.40
CA VAL C 14 -18.84 -44.74 24.32
C VAL C 14 -20.15 -44.30 24.98
N LEU C 15 -21.25 -44.20 24.25
CA LEU C 15 -22.55 -43.76 24.81
C LEU C 15 -23.33 -44.91 25.40
N SER C 16 -23.40 -46.08 24.72
CA SER C 16 -24.27 -47.12 25.27
C SER C 16 -23.68 -48.44 25.68
N SER C 17 -22.35 -48.52 25.67
CA SER C 17 -21.71 -49.73 26.16
C SER C 17 -22.16 -50.98 25.37
N GLY C 18 -22.08 -50.90 24.03
CA GLY C 18 -22.29 -52.06 23.18
C GLY C 18 -20.97 -52.80 23.05
N ILE C 19 -20.98 -54.13 23.27
CA ILE C 19 -19.79 -54.96 23.08
C ILE C 19 -19.90 -56.08 22.07
N GLY C 20 -21.11 -56.34 21.61
CA GLY C 20 -21.32 -57.51 20.78
C GLY C 20 -22.51 -57.39 19.88
N ILE C 21 -22.40 -58.08 18.75
CA ILE C 21 -23.47 -58.17 17.76
C ILE C 21 -23.23 -59.47 17.01
N ASN C 22 -24.34 -60.25 16.91
CA ASN C 22 -24.39 -61.55 16.24
C ASN C 22 -23.17 -62.39 16.58
N GLY C 23 -22.91 -62.56 17.87
CA GLY C 23 -21.82 -63.46 18.25
C GLY C 23 -20.47 -62.97 17.86
N GLN C 24 -20.38 -61.72 17.39
CA GLN C 24 -19.10 -61.09 17.10
C GLN C 24 -18.83 -59.71 17.76
N LEU C 25 -17.56 -59.32 17.82
CA LEU C 25 -17.21 -57.91 18.09
C LEU C 25 -17.90 -57.03 17.05
N PRO C 26 -18.36 -55.85 17.47
CA PRO C 26 -18.95 -54.96 16.48
C PRO C 26 -17.94 -54.02 15.77
N TRP C 27 -16.64 -54.28 15.85
CA TRP C 27 -15.58 -53.44 15.24
C TRP C 27 -14.33 -54.31 15.31
N SER C 28 -13.23 -53.83 14.78
CA SER C 28 -11.99 -54.52 14.97
C SER C 28 -10.85 -53.49 14.97
N ILE C 29 -10.17 -53.47 16.12
CA ILE C 29 -9.13 -52.53 16.41
C ILE C 29 -8.04 -53.36 16.99
N SER C 30 -6.96 -53.55 16.23
CA SER C 30 -5.90 -54.41 16.68
C SER C 30 -5.31 -53.84 17.95
N GLU C 31 -5.10 -52.52 18.00
CA GLU C 31 -4.49 -51.86 19.18
C GLU C 31 -5.24 -52.26 20.43
N ASP C 32 -6.56 -52.37 20.33
CA ASP C 32 -7.34 -52.84 21.46
C ASP C 32 -6.88 -54.22 21.94
N LEU C 33 -6.69 -55.14 20.99
CA LEU C 33 -6.28 -56.51 21.29
C LEU C 33 -4.84 -56.58 21.82
N LYS C 34 -3.93 -55.84 21.19
CA LYS C 34 -2.57 -55.67 21.72
C LYS C 34 -2.61 -55.35 23.24
N PHE C 35 -3.48 -54.42 23.60
CA PHE C 35 -3.67 -54.01 24.97
C PHE C 35 -4.19 -55.23 25.70
N PHE C 36 -5.38 -55.71 25.34
CA PHE C 36 -5.98 -56.84 26.03
C PHE C 36 -4.93 -57.88 26.34
N SER C 37 -4.07 -58.13 25.35
CA SER C 37 -2.96 -59.02 25.46
C SER C 37 -1.85 -58.65 26.45
N LYS C 38 -1.15 -57.55 26.20
CA LYS C 38 -0.09 -57.07 27.10
C LYS C 38 -0.54 -57.14 28.56
N ILE C 39 -1.76 -56.72 28.86
CA ILE C 39 -2.20 -56.61 30.25
C ILE C 39 -2.72 -57.90 30.87
N THR C 40 -3.01 -58.91 30.04
CA THR C 40 -3.38 -60.23 30.58
C THR C 40 -2.10 -61.10 30.62
N ASN C 41 -1.15 -60.77 29.76
CA ASN C 41 0.18 -61.37 29.79
C ASN C 41 1.07 -60.79 30.88
N ASN C 42 0.56 -59.77 31.56
CA ASN C 42 1.35 -59.03 32.54
C ASN C 42 1.44 -59.77 33.85
N LYS C 43 2.68 -60.13 34.19
CA LYS C 43 2.93 -60.92 35.38
C LYS C 43 4.25 -60.51 36.02
N CYS C 44 4.32 -60.71 37.35
CA CYS C 44 5.56 -60.63 38.13
C CYS C 44 6.31 -61.95 38.13
N ASP C 45 5.65 -62.98 38.67
CA ASP C 45 6.24 -64.32 38.82
C ASP C 45 6.19 -65.13 37.51
N SER C 46 7.35 -65.19 36.84
CA SER C 46 7.52 -65.99 35.61
C SER C 46 7.07 -67.48 35.71
N ASN C 47 7.19 -68.07 36.91
CA ASN C 47 6.74 -69.46 37.16
C ASN C 47 5.23 -69.55 37.43
N LYS C 48 4.55 -68.40 37.34
CA LYS C 48 3.10 -68.32 37.52
C LYS C 48 2.44 -67.92 36.21
N LYS C 49 1.09 -67.95 36.19
CA LYS C 49 0.34 -67.66 34.97
C LYS C 49 -1.07 -67.05 35.20
N ASN C 50 -1.48 -66.12 34.31
CA ASN C 50 -2.78 -65.43 34.43
C ASN C 50 -3.99 -66.13 33.87
N ALA C 51 -5.13 -66.01 34.56
CA ALA C 51 -6.33 -66.76 34.25
C ALA C 51 -7.40 -65.88 33.65
N LEU C 52 -8.07 -66.36 32.59
CA LEU C 52 -9.10 -65.56 31.88
C LEU C 52 -10.48 -66.20 31.82
N ILE C 53 -11.45 -65.61 32.52
CA ILE C 53 -12.79 -66.20 32.62
C ILE C 53 -13.75 -65.66 31.56
N MET C 54 -14.31 -66.50 30.70
CA MET C 54 -15.25 -65.98 29.68
C MET C 54 -16.50 -66.80 29.52
N GLY C 55 -17.59 -66.16 29.13
CA GLY C 55 -18.77 -66.93 28.76
C GLY C 55 -18.45 -67.92 27.66
N ARG C 56 -19.39 -68.85 27.38
CA ARG C 56 -19.17 -69.94 26.42
C ARG C 56 -19.20 -69.45 24.99
N LYS C 57 -20.18 -68.59 24.72
CA LYS C 57 -20.31 -67.90 23.44
C LYS C 57 -19.06 -67.14 23.00
N THR C 58 -18.46 -66.50 23.99
CA THR C 58 -17.23 -65.77 23.84
C THR C 58 -16.10 -66.74 23.51
N TRP C 59 -16.13 -67.90 24.13
CA TRP C 59 -15.15 -68.91 23.85
C TRP C 59 -15.34 -69.29 22.40
N ASP C 60 -16.59 -69.52 22.01
CA ASP C 60 -16.95 -69.83 20.63
C ASP C 60 -16.51 -68.74 19.65
N SER C 61 -16.38 -67.50 20.14
CA SER C 61 -16.01 -66.33 19.32
C SER C 61 -14.61 -66.34 18.79
N ILE C 62 -13.67 -66.96 19.50
CA ILE C 62 -12.27 -67.00 19.06
C ILE C 62 -11.94 -68.32 18.33
N GLY C 63 -12.99 -69.11 18.09
CA GLY C 63 -12.85 -70.43 17.47
C GLY C 63 -12.14 -71.40 18.40
N ARG C 64 -12.43 -71.26 19.70
CA ARG C 64 -11.84 -72.08 20.74
C ARG C 64 -10.32 -72.17 20.57
N ARG C 65 -9.68 -71.06 20.21
CA ARG C 65 -8.21 -71.01 19.99
C ARG C 65 -7.40 -70.51 21.24
N PRO C 66 -6.55 -71.40 21.82
CA PRO C 66 -5.73 -71.07 23.00
C PRO C 66 -4.88 -69.79 22.95
N LEU C 67 -4.90 -69.10 24.09
CA LEU C 67 -4.23 -67.84 24.26
C LEU C 67 -2.91 -68.23 24.85
N LYS C 68 -1.84 -67.79 24.17
CA LYS C 68 -0.45 -68.08 24.53
C LYS C 68 0.02 -67.65 25.95
N ASN C 69 0.64 -68.59 26.68
CA ASN C 69 1.16 -68.41 28.06
C ASN C 69 0.10 -68.05 29.14
N ARG C 70 -1.19 -68.28 28.87
CA ARG C 70 -2.25 -67.94 29.82
C ARG C 70 -3.19 -69.12 29.97
N ILE C 71 -4.19 -68.99 30.84
CA ILE C 71 -5.11 -70.07 31.07
C ILE C 71 -6.54 -69.60 30.76
N ILE C 72 -7.13 -70.04 29.64
CA ILE C 72 -8.54 -69.74 29.40
C ILE C 72 -9.45 -70.50 30.40
N VAL C 73 -10.62 -69.97 30.75
CA VAL C 73 -11.47 -70.62 31.73
C VAL C 73 -12.91 -70.38 31.32
N VAL C 74 -13.60 -71.41 30.85
CA VAL C 74 -14.88 -71.17 30.20
C VAL C 74 -15.98 -71.57 31.12
N ILE C 75 -17.08 -70.83 31.08
CA ILE C 75 -18.16 -71.09 31.97
C ILE C 75 -19.35 -71.53 31.14
N SER C 76 -19.73 -72.79 31.34
CA SER C 76 -20.82 -73.38 30.58
C SER C 76 -21.59 -74.41 31.41
N SER C 77 -22.78 -74.79 30.93
CA SER C 77 -23.56 -75.86 31.56
C SER C 77 -23.29 -77.23 30.96
N SER C 78 -23.22 -77.30 29.63
CA SER C 78 -23.04 -78.59 28.95
C SER C 78 -21.60 -78.93 28.46
N LEU C 79 -20.78 -77.92 28.18
CA LEU C 79 -19.42 -78.12 27.63
C LEU C 79 -18.63 -79.15 28.46
N PRO C 80 -17.85 -80.03 27.78
CA PRO C 80 -16.98 -81.09 28.34
C PRO C 80 -15.66 -80.63 29.00
N GLN C 81 -15.40 -81.16 30.22
CA GLN C 81 -14.14 -80.96 30.95
C GLN C 81 -13.02 -81.88 30.47
N ASP C 82 -12.69 -81.77 29.19
CA ASP C 82 -11.58 -82.49 28.60
C ASP C 82 -10.26 -82.00 29.24
N GLU C 83 -9.41 -82.97 29.59
CA GLU C 83 -8.12 -82.71 30.23
C GLU C 83 -6.94 -82.53 29.26
N ALA C 84 -7.12 -83.00 28.02
CA ALA C 84 -6.10 -82.99 26.95
C ALA C 84 -5.40 -81.63 26.91
N ASP C 85 -6.21 -80.56 26.90
CA ASP C 85 -5.74 -79.18 26.93
C ASP C 85 -5.62 -78.72 28.38
N PRO C 86 -4.38 -78.46 28.84
CA PRO C 86 -4.25 -77.95 30.20
C PRO C 86 -4.47 -76.42 30.25
N ASN C 87 -4.20 -75.75 29.12
CA ASN C 87 -4.39 -74.30 28.98
C ASN C 87 -5.87 -73.86 28.88
N VAL C 88 -6.80 -74.80 29.13
CA VAL C 88 -8.25 -74.54 29.13
C VAL C 88 -8.91 -75.47 30.12
N VAL C 89 -10.00 -75.00 30.72
CA VAL C 89 -10.75 -75.72 31.75
C VAL C 89 -12.12 -75.09 31.88
N VAL C 90 -13.12 -75.89 32.23
CA VAL C 90 -14.50 -75.44 32.25
C VAL C 90 -14.97 -75.35 33.69
N PHE C 91 -16.11 -74.69 33.94
CA PHE C 91 -16.79 -74.64 35.26
C PHE C 91 -18.29 -74.58 35.02
N ARG C 92 -19.06 -74.85 36.07
CA ARG C 92 -20.53 -75.05 35.97
C ARG C 92 -21.36 -73.80 36.29
N ASN C 93 -20.73 -72.88 37.00
CA ASN C 93 -21.27 -71.54 37.27
C ASN C 93 -20.10 -70.59 37.56
N LEU C 94 -20.38 -69.29 37.58
CA LEU C 94 -19.33 -68.31 37.75
C LEU C 94 -18.64 -68.49 39.11
N GLU C 95 -19.40 -68.52 40.20
CA GLU C 95 -18.81 -68.58 41.55
C GLU C 95 -17.69 -69.62 41.69
N ASP C 96 -17.96 -70.85 41.27
CA ASP C 96 -17.00 -71.93 41.38
C ASP C 96 -15.70 -71.61 40.63
N SER C 97 -15.84 -70.91 39.52
CA SER C 97 -14.68 -70.51 38.71
C SER C 97 -13.74 -69.62 39.50
N ILE C 98 -14.19 -69.17 40.67
CA ILE C 98 -13.37 -68.35 41.55
C ILE C 98 -13.21 -69.26 42.77
N GLU C 99 -12.08 -69.10 43.47
CA GLU C 99 -11.31 -70.24 43.94
C GLU C 99 -10.03 -70.64 43.20
N ASN C 100 -9.83 -70.07 42.03
CA ASN C 100 -8.50 -69.66 41.58
C ASN C 100 -7.74 -68.89 42.66
N LEU C 101 -8.49 -68.21 43.53
CA LEU C 101 -7.89 -67.46 44.62
C LEU C 101 -7.24 -68.43 45.63
N MET C 102 -8.06 -69.29 46.23
CA MET C 102 -7.56 -70.30 47.16
C MET C 102 -6.35 -71.03 46.59
N ASN C 103 -6.34 -71.19 45.27
CA ASN C 103 -5.63 -72.32 44.65
C ASN C 103 -4.64 -71.87 43.59
N ASP C 104 -3.86 -72.82 43.08
CA ASP C 104 -2.93 -72.53 41.99
C ASP C 104 -2.07 -71.31 42.30
N ASP C 105 -1.07 -71.50 43.14
CA ASP C 105 -0.07 -70.47 43.39
C ASP C 105 0.73 -70.04 42.16
N SER C 106 0.45 -70.71 41.03
CA SER C 106 0.91 -70.26 39.69
C SER C 106 -0.02 -69.17 39.12
N ILE C 107 -1.30 -69.24 39.53
CA ILE C 107 -2.31 -68.21 39.23
C ILE C 107 -2.21 -66.97 40.13
N GLU C 108 -1.47 -65.95 39.65
CA GLU C 108 -1.25 -64.66 40.32
C GLU C 108 -2.53 -63.82 40.37
N ASN C 109 -3.06 -63.47 39.18
CA ASN C 109 -4.26 -62.63 39.00
C ASN C 109 -5.29 -63.24 38.04
N ILE C 110 -6.55 -62.83 38.21
CA ILE C 110 -7.67 -63.31 37.38
C ILE C 110 -8.44 -62.21 36.59
N PHE C 111 -8.42 -62.32 35.27
CA PHE C 111 -9.14 -61.37 34.41
C PHE C 111 -10.47 -61.96 33.95
N VAL C 112 -11.54 -61.16 34.07
CA VAL C 112 -12.89 -61.64 33.78
C VAL C 112 -13.37 -61.09 32.44
N CYS C 113 -13.58 -61.98 31.49
CA CYS C 113 -13.18 -61.76 30.10
C CYS C 113 -14.36 -61.83 29.15
N GLY C 114 -15.54 -62.10 29.70
CA GLY C 114 -16.68 -61.23 29.52
C GLY C 114 -17.77 -61.86 28.68
N GLY C 115 -18.61 -61.03 28.07
CA GLY C 115 -19.93 -61.45 27.64
C GLY C 115 -21.01 -61.07 28.63
N GLU C 116 -22.05 -60.40 28.15
CA GLU C 116 -22.98 -59.68 29.03
C GLU C 116 -23.54 -60.51 30.21
N SER C 117 -23.69 -61.82 29.99
CA SER C 117 -23.75 -62.77 31.09
C SER C 117 -22.36 -63.19 31.54
N ILE C 118 -21.90 -62.64 32.66
CA ILE C 118 -20.58 -62.93 33.18
C ILE C 118 -19.76 -61.65 33.37
N TYR C 119 -20.08 -60.63 32.56
CA TYR C 119 -19.92 -59.25 32.99
C TYR C 119 -20.97 -58.88 34.03
N ARG C 120 -22.19 -59.37 33.85
CA ARG C 120 -23.33 -58.94 34.65
C ARG C 120 -23.42 -59.71 35.96
N ASP C 121 -22.98 -60.97 35.93
CA ASP C 121 -22.97 -61.79 37.11
C ASP C 121 -21.79 -61.59 38.02
N ALA C 122 -20.61 -61.29 37.48
CA ALA C 122 -19.44 -60.99 38.34
C ALA C 122 -19.59 -59.61 39.00
N LEU C 123 -20.68 -58.93 38.62
CA LEU C 123 -20.96 -57.57 39.08
C LEU C 123 -22.11 -57.54 40.07
N LYS C 124 -22.93 -58.60 40.13
CA LYS C 124 -23.89 -58.65 41.21
C LYS C 124 -23.09 -59.14 42.42
N ASP C 125 -22.29 -60.18 42.18
CA ASP C 125 -21.60 -60.93 43.24
C ASP C 125 -20.44 -60.16 43.83
N ASN C 126 -20.24 -58.94 43.39
CA ASN C 126 -19.10 -58.15 43.84
C ASN C 126 -17.78 -58.95 43.86
N PHE C 127 -17.42 -59.51 42.70
CA PHE C 127 -16.23 -60.36 42.55
C PHE C 127 -15.02 -59.62 41.96
N VAL C 128 -15.24 -58.36 41.58
CA VAL C 128 -14.24 -57.61 40.81
C VAL C 128 -13.68 -56.35 41.50
N ASP C 129 -12.34 -56.26 41.52
CA ASP C 129 -11.58 -55.07 41.97
C ASP C 129 -11.50 -53.93 40.91
N ARG C 130 -10.85 -54.22 39.77
CA ARG C 130 -10.66 -53.29 38.66
C ARG C 130 -11.61 -53.50 37.45
N ILE C 131 -11.67 -52.46 36.61
CA ILE C 131 -12.35 -52.51 35.32
C ILE C 131 -11.46 -51.77 34.36
N TYR C 132 -10.79 -52.52 33.47
CA TYR C 132 -10.07 -51.96 32.34
C TYR C 132 -11.06 -51.76 31.18
N LEU C 133 -11.29 -50.51 30.78
CA LEU C 133 -12.36 -50.20 29.81
C LEU C 133 -11.79 -49.58 28.57
N THR C 134 -12.02 -50.18 27.41
CA THR C 134 -11.64 -49.52 26.16
C THR C 134 -12.89 -48.85 25.66
N ARG C 135 -12.85 -47.51 25.58
CA ARG C 135 -14.06 -46.77 25.17
C ARG C 135 -13.96 -46.54 23.71
N VAL C 136 -15.00 -47.00 22.97
CA VAL C 136 -14.97 -46.97 21.49
C VAL C 136 -16.00 -46.02 20.96
N ALA C 137 -15.54 -45.00 20.25
CA ALA C 137 -16.44 -44.02 19.66
C ALA C 137 -17.15 -44.60 18.43
N LEU C 138 -17.90 -45.67 18.65
CA LEU C 138 -18.83 -46.17 17.64
C LEU C 138 -20.21 -46.40 18.23
N GLU C 139 -21.12 -45.45 18.01
CA GLU C 139 -22.54 -45.70 18.14
C GLU C 139 -23.21 -45.87 16.79
N ASP C 140 -24.51 -46.14 16.81
CA ASP C 140 -25.33 -46.03 15.60
C ASP C 140 -25.11 -47.21 14.66
N ILE C 141 -24.41 -48.23 15.16
CA ILE C 141 -24.55 -49.58 14.62
C ILE C 141 -25.33 -50.48 15.57
N GLU C 142 -25.84 -51.58 15.04
CA GLU C 142 -26.70 -52.46 15.81
C GLU C 142 -25.83 -53.09 16.86
N PHE C 143 -26.37 -53.21 18.09
CA PHE C 143 -25.72 -53.92 19.19
C PHE C 143 -26.71 -54.97 19.74
N ASP C 144 -26.25 -56.13 20.20
CA ASP C 144 -27.18 -57.04 20.92
C ASP C 144 -26.63 -57.49 22.26
N THR C 145 -25.41 -57.11 22.55
CA THR C 145 -24.74 -57.50 23.74
C THR C 145 -24.18 -56.20 24.32
N TYR C 146 -24.51 -55.98 25.59
CA TYR C 146 -24.11 -54.77 26.29
C TYR C 146 -23.25 -55.04 27.51
N PHE C 147 -22.53 -54.01 27.94
CA PHE C 147 -21.86 -53.99 29.26
C PHE C 147 -22.82 -53.29 30.23
N PRO C 148 -23.08 -53.91 31.40
CA PRO C 148 -24.05 -53.29 32.32
C PRO C 148 -23.55 -51.97 32.89
N GLU C 149 -24.48 -51.17 33.40
CA GLU C 149 -24.15 -49.87 34.03
C GLU C 149 -23.06 -50.02 35.08
N ILE C 150 -21.98 -49.23 35.01
CA ILE C 150 -20.89 -49.40 36.00
C ILE C 150 -21.40 -49.02 37.40
N PRO C 151 -21.32 -49.97 38.35
CA PRO C 151 -21.81 -49.77 39.74
C PRO C 151 -20.94 -48.77 40.53
N GLU C 152 -21.56 -48.12 41.51
CA GLU C 152 -20.94 -46.95 42.12
C GLU C 152 -19.77 -47.12 43.07
N THR C 153 -19.52 -48.31 43.58
CA THR C 153 -18.32 -48.47 44.41
C THR C 153 -17.08 -48.26 43.54
N PHE C 154 -17.35 -47.91 42.29
CA PHE C 154 -16.34 -47.78 41.29
C PHE C 154 -16.05 -46.33 40.97
N LEU C 155 -14.76 -46.00 40.77
CA LEU C 155 -14.38 -44.65 40.39
C LEU C 155 -13.22 -44.57 39.39
N PRO C 156 -13.36 -43.73 38.38
CA PRO C 156 -12.31 -43.51 37.39
C PRO C 156 -10.98 -43.05 37.97
N VAL C 157 -9.91 -43.80 37.69
CA VAL C 157 -8.58 -43.43 38.11
C VAL C 157 -7.57 -43.29 36.97
N TYR C 158 -7.97 -43.73 35.78
CA TYR C 158 -7.23 -43.44 34.56
C TYR C 158 -8.11 -43.05 33.39
N MET C 159 -7.58 -42.21 32.50
CA MET C 159 -8.20 -41.94 31.26
C MET C 159 -7.08 -41.55 30.32
N SER C 160 -6.95 -42.25 29.20
CA SER C 160 -5.82 -42.03 28.30
C SER C 160 -6.08 -40.89 27.34
N GLN C 161 -5.04 -40.53 26.61
CA GLN C 161 -5.24 -39.69 25.45
C GLN C 161 -6.10 -40.46 24.43
N THR C 162 -6.76 -39.73 23.54
CA THR C 162 -7.50 -40.34 22.48
C THR C 162 -6.58 -40.99 21.39
N PHE C 163 -6.97 -42.16 20.92
CA PHE C 163 -6.25 -42.88 19.89
C PHE C 163 -7.13 -43.16 18.67
N CYS C 164 -6.48 -43.30 17.52
CA CYS C 164 -7.14 -43.51 16.22
C CYS C 164 -6.79 -44.85 15.54
N THR C 165 -7.81 -45.52 15.03
CA THR C 165 -7.64 -46.67 14.09
C THR C 165 -8.75 -46.62 13.05
N LYS C 166 -8.33 -46.52 11.78
CA LYS C 166 -9.28 -46.34 10.62
C LYS C 166 -10.33 -45.29 10.92
N ASN C 167 -9.85 -44.16 11.45
CA ASN C 167 -10.67 -43.01 11.77
C ASN C 167 -11.71 -43.29 12.84
N ILE C 168 -11.44 -44.27 13.70
CA ILE C 168 -12.28 -44.51 14.87
C ILE C 168 -11.49 -44.12 16.11
N SER C 169 -12.11 -43.30 16.96
CA SER C 169 -11.49 -42.92 18.25
C SER C 169 -11.77 -43.93 19.35
N TYR C 170 -10.79 -44.09 20.23
CA TYR C 170 -10.99 -44.91 21.44
C TYR C 170 -10.10 -44.50 22.62
N ASP C 171 -10.62 -44.70 23.83
CA ASP C 171 -9.87 -44.49 25.07
C ASP C 171 -9.56 -45.77 25.76
N PHE C 172 -8.68 -45.65 26.74
CA PHE C 172 -8.37 -46.69 27.68
C PHE C 172 -8.54 -46.03 29.02
N MET C 173 -9.36 -46.59 29.88
CA MET C 173 -9.56 -45.97 31.15
C MET C 173 -9.84 -47.02 32.22
N ILE C 174 -8.95 -47.06 33.21
CA ILE C 174 -9.06 -47.99 34.33
C ILE C 174 -9.95 -47.45 35.45
N PHE C 175 -10.88 -48.26 35.95
CA PHE C 175 -11.66 -47.88 37.11
C PHE C 175 -11.20 -48.66 38.34
N GLU C 176 -11.62 -48.23 39.54
CA GLU C 176 -11.35 -48.97 40.79
C GLU C 176 -12.49 -48.91 41.76
N LYS C 177 -12.51 -49.89 42.62
CA LYS C 177 -13.29 -49.81 43.81
C LYS C 177 -12.37 -49.57 44.97
N GLN C 178 -12.84 -48.78 45.92
CA GLN C 178 -12.21 -47.54 46.28
C GLN C 178 -13.17 -46.65 47.01
N GLU C 179 -12.82 -46.32 48.24
CA GLU C 179 -13.59 -46.72 49.42
C GLU C 179 -13.22 -45.89 50.64
N LYS C 180 -12.04 -46.19 51.21
CA LYS C 180 -11.94 -46.86 52.51
C LYS C 180 -11.31 -45.97 53.57
N LYS C 181 -11.00 -46.57 54.72
CA LYS C 181 -10.27 -45.87 55.77
C LYS C 181 -10.47 -44.38 55.68
N THR C 182 -9.58 -43.71 54.94
CA THR C 182 -9.61 -42.26 54.82
C THR C 182 -9.73 -41.82 53.37
N GLN C 192 3.74 -37.31 49.74
CA GLN C 192 4.86 -38.08 49.21
C GLN C 192 5.62 -38.80 50.32
N LEU C 193 6.41 -38.03 51.08
CA LEU C 193 6.78 -38.42 52.44
C LEU C 193 6.53 -37.29 53.41
N LYS C 194 5.88 -37.60 54.53
CA LYS C 194 5.33 -36.59 55.41
C LYS C 194 6.23 -35.36 55.47
N SER C 195 7.52 -35.57 55.32
CA SER C 195 8.51 -34.51 55.51
C SER C 195 8.25 -33.36 54.56
N ILE C 196 8.34 -33.63 53.25
CA ILE C 196 8.25 -32.57 52.23
C ILE C 196 6.85 -31.91 52.33
N ASP C 197 5.75 -32.67 52.20
CA ASP C 197 4.39 -32.08 52.36
C ASP C 197 4.33 -31.01 53.49
N ASP C 198 4.90 -31.36 54.66
CA ASP C 198 4.91 -30.50 55.86
C ASP C 198 5.86 -29.29 55.80
N THR C 199 7.14 -29.52 55.47
CA THR C 199 8.08 -28.42 55.16
C THR C 199 7.50 -27.40 54.15
N VAL C 200 6.77 -27.86 53.13
CA VAL C 200 6.11 -26.95 52.17
C VAL C 200 4.92 -26.21 52.79
N ASP C 201 4.21 -26.91 53.67
CA ASP C 201 3.07 -26.33 54.35
C ASP C 201 3.49 -25.29 55.40
N LEU C 202 4.59 -25.59 56.12
CA LEU C 202 5.08 -24.72 57.20
C LEU C 202 5.69 -23.45 56.63
N LEU C 203 6.47 -23.64 55.59
CA LEU C 203 7.04 -22.54 54.80
C LEU C 203 5.93 -21.76 54.02
N GLY C 204 4.71 -22.29 54.06
CA GLY C 204 3.60 -21.72 53.32
C GLY C 204 2.79 -20.83 54.20
N GLU C 205 2.63 -21.19 55.48
CA GLU C 205 1.96 -20.33 56.48
C GLU C 205 2.83 -19.14 56.80
N ILE C 206 4.13 -19.38 56.89
CA ILE C 206 5.12 -18.32 57.14
C ILE C 206 5.04 -17.22 56.11
N ALA C 207 5.28 -17.55 54.85
CA ALA C 207 5.42 -16.55 53.81
C ALA C 207 4.07 -16.09 53.24
N GLY C 208 3.00 -16.83 53.54
CA GLY C 208 1.66 -16.57 53.00
C GLY C 208 1.75 -16.28 51.51
N ILE C 209 1.11 -15.19 51.08
CA ILE C 209 1.13 -14.76 49.68
C ILE C 209 2.56 -14.53 49.13
N ARG C 210 3.56 -14.46 50.00
CA ARG C 210 4.97 -14.24 49.55
C ARG C 210 5.65 -15.49 48.94
N LYS C 211 5.15 -16.68 49.27
CA LYS C 211 5.61 -17.90 48.56
C LYS C 211 4.71 -18.21 47.31
N MET C 212 5.35 -18.27 46.14
CA MET C 212 4.66 -18.50 44.85
C MET C 212 3.68 -19.69 44.84
N GLY C 213 4.02 -20.78 45.51
CA GLY C 213 3.08 -21.89 45.68
C GLY C 213 1.70 -21.53 46.26
N ASN C 214 1.56 -20.33 46.84
CA ASN C 214 0.26 -19.86 47.38
C ASN C 214 -0.54 -18.97 46.40
N ARG C 215 0.16 -18.42 45.40
CA ARG C 215 -0.48 -17.74 44.27
C ARG C 215 -0.96 -18.72 43.17
N HIS C 216 -0.52 -19.97 43.29
CA HIS C 216 -0.83 -21.08 42.36
C HIS C 216 -1.32 -22.29 43.17
N LYS C 217 -2.43 -22.18 43.90
CA LYS C 217 -2.93 -23.32 44.69
C LYS C 217 -3.57 -24.43 43.83
N PHE C 218 -3.94 -25.54 44.48
CA PHE C 218 -4.58 -26.65 43.78
C PHE C 218 -6.10 -26.64 43.89
N PRO C 219 -6.80 -26.73 42.74
CA PRO C 219 -8.27 -26.58 42.78
C PRO C 219 -8.94 -27.49 43.84
N LYS C 220 -9.83 -26.91 44.64
CA LYS C 220 -10.64 -27.66 45.59
C LYS C 220 -11.32 -28.79 44.79
N GLU C 221 -11.70 -29.86 45.48
CA GLU C 221 -12.25 -31.05 44.82
C GLU C 221 -13.57 -30.85 44.08
N GLU C 222 -14.38 -29.87 44.49
CA GLU C 222 -15.75 -29.68 43.94
C GLU C 222 -15.79 -28.80 42.64
N ILE C 223 -14.60 -28.39 42.19
CA ILE C 223 -14.47 -27.66 40.93
C ILE C 223 -13.44 -28.35 39.99
N TYR C 224 -12.98 -29.53 40.42
CA TYR C 224 -12.06 -30.37 39.66
C TYR C 224 -12.96 -31.39 39.01
N ASN C 225 -12.78 -31.56 37.70
CA ASN C 225 -13.65 -32.45 36.91
C ASN C 225 -13.10 -33.85 37.14
N THR C 226 -13.97 -34.83 37.32
CA THR C 226 -13.55 -36.20 37.57
C THR C 226 -12.37 -36.32 38.54
N PRO C 227 -12.62 -35.99 39.80
CA PRO C 227 -11.53 -35.87 40.79
C PRO C 227 -10.86 -37.20 41.10
N SER C 228 -11.64 -38.29 41.07
CA SER C 228 -11.09 -39.64 41.27
C SER C 228 -9.83 -39.85 40.43
N ILE C 229 -9.77 -39.24 39.25
CA ILE C 229 -8.60 -39.44 38.41
C ILE C 229 -7.51 -38.50 38.88
N ARG C 230 -6.74 -39.00 39.85
CA ARG C 230 -5.68 -38.24 40.45
C ARG C 230 -4.38 -38.24 39.58
N PHE C 231 -3.82 -39.41 39.26
CA PHE C 231 -2.47 -39.42 38.65
C PHE C 231 -2.45 -39.71 37.19
N GLY C 232 -3.64 -39.84 36.59
CA GLY C 232 -3.75 -40.28 35.22
C GLY C 232 -4.76 -39.47 34.42
N ARG C 233 -4.71 -38.14 34.60
CA ARG C 233 -5.30 -37.22 33.64
C ARG C 233 -4.36 -37.01 32.45
N GLU C 234 -4.49 -37.86 31.44
CA GLU C 234 -3.63 -37.79 30.27
C GLU C 234 -4.43 -37.47 29.00
N HIS C 235 -5.74 -37.61 29.10
CA HIS C 235 -6.65 -37.18 28.01
C HIS C 235 -6.60 -35.68 27.97
N TYR C 236 -6.12 -35.11 26.87
CA TYR C 236 -5.92 -33.66 26.79
C TYR C 236 -7.12 -32.74 27.07
N GLU C 237 -8.34 -33.24 27.03
CA GLU C 237 -9.44 -32.33 27.35
C GLU C 237 -9.28 -31.81 28.80
N PHE C 238 -8.42 -32.44 29.58
CA PHE C 238 -8.14 -32.00 30.96
C PHE C 238 -7.28 -30.75 30.91
N GLN C 239 -6.35 -30.65 29.95
CA GLN C 239 -5.61 -29.40 29.80
C GLN C 239 -6.58 -28.20 29.81
N TYR C 240 -7.80 -28.40 29.34
CA TYR C 240 -8.75 -27.31 29.25
C TYR C 240 -9.58 -27.22 30.51
N LEU C 241 -10.16 -28.35 30.89
CA LEU C 241 -11.01 -28.42 32.06
C LEU C 241 -10.23 -28.02 33.31
N ASP C 242 -8.94 -28.34 33.34
CA ASP C 242 -8.10 -28.05 34.47
C ASP C 242 -7.86 -26.57 34.55
N LEU C 243 -7.50 -25.96 33.43
CA LEU C 243 -7.26 -24.53 33.40
C LEU C 243 -8.49 -23.87 33.94
N LEU C 244 -9.61 -24.34 33.49
CA LEU C 244 -10.87 -23.82 33.90
C LEU C 244 -10.89 -23.84 35.43
N SER C 245 -10.64 -25.01 36.03
CA SER C 245 -10.70 -25.18 37.49
C SER C 245 -9.59 -24.39 38.25
N ARG C 246 -8.37 -24.32 37.71
CA ARG C 246 -7.36 -23.41 38.29
C ARG C 246 -7.83 -21.94 38.37
N VAL C 247 -8.59 -21.46 37.38
CA VAL C 247 -9.08 -20.09 37.46
C VAL C 247 -10.26 -20.00 38.37
N LEU C 248 -11.12 -20.99 38.33
CA LEU C 248 -12.25 -20.95 39.25
C LEU C 248 -11.65 -20.85 40.67
N GLU C 249 -10.36 -21.22 40.81
CA GLU C 249 -9.71 -21.36 42.10
C GLU C 249 -8.83 -20.23 42.52
N ASN C 250 -7.90 -19.82 41.68
CA ASN C 250 -7.02 -18.68 41.98
C ASN C 250 -7.43 -17.36 41.31
N GLY C 251 -8.56 -17.38 40.61
CA GLY C 251 -8.99 -16.25 39.82
C GLY C 251 -9.34 -15.05 40.66
N ALA C 252 -8.56 -14.00 40.48
CA ALA C 252 -8.81 -12.65 41.03
C ALA C 252 -9.93 -11.92 40.27
N TYR C 253 -10.94 -11.50 40.99
CA TYR C 253 -12.08 -10.81 40.39
C TYR C 253 -11.76 -9.43 39.87
N ARG C 254 -12.25 -9.12 38.68
CA ARG C 254 -11.84 -7.91 37.96
C ARG C 254 -13.04 -7.21 37.33
N GLU C 255 -12.89 -5.92 37.05
CA GLU C 255 -13.57 -5.29 35.94
C GLU C 255 -12.62 -4.94 34.80
N ASN C 256 -13.18 -4.40 33.71
CA ASN C 256 -12.65 -4.65 32.37
C ASN C 256 -13.58 -4.06 31.31
N ARG C 257 -12.99 -3.66 30.19
CA ARG C 257 -13.61 -2.68 29.30
C ARG C 257 -15.11 -2.94 29.17
N THR C 258 -15.51 -4.19 29.36
CA THR C 258 -16.92 -4.56 29.30
C THR C 258 -17.56 -4.48 30.68
N GLY C 259 -18.87 -4.23 30.71
CA GLY C 259 -19.60 -4.17 31.95
C GLY C 259 -19.83 -5.54 32.57
N ILE C 260 -19.22 -6.55 31.97
CA ILE C 260 -19.23 -7.93 32.55
C ILE C 260 -17.88 -8.36 33.19
N SER C 261 -17.93 -8.64 34.50
CA SER C 261 -16.73 -8.86 35.30
C SER C 261 -16.23 -10.28 35.16
N THR C 262 -14.93 -10.45 35.35
CA THR C 262 -14.31 -11.72 35.15
C THR C 262 -13.47 -12.13 36.33
N TYR C 263 -13.17 -13.43 36.47
CA TYR C 263 -12.17 -13.92 37.45
C TYR C 263 -10.99 -14.32 36.60
N SER C 264 -9.76 -14.16 37.10
CA SER C 264 -8.62 -14.19 36.20
C SER C 264 -7.27 -14.49 36.81
N ILE C 265 -6.37 -15.08 36.01
CA ILE C 265 -5.02 -15.33 36.46
C ILE C 265 -4.22 -15.08 35.23
N PHE C 266 -2.91 -14.90 35.35
CA PHE C 266 -2.11 -14.46 34.21
C PHE C 266 -1.06 -15.54 33.86
N GLY C 267 -0.95 -15.93 32.60
CA GLY C 267 0.12 -16.83 32.16
C GLY C 267 -0.07 -18.35 32.33
N GLN C 268 -1.10 -18.91 31.69
CA GLN C 268 -1.35 -20.35 31.68
C GLN C 268 -0.94 -21.03 30.38
N MET C 269 -1.14 -22.37 30.34
CA MET C 269 -0.89 -23.18 29.10
C MET C 269 -1.73 -24.43 28.96
N MET C 270 -1.93 -24.88 27.73
CA MET C 270 -2.68 -26.10 27.45
C MET C 270 -1.99 -26.79 26.31
N ARG C 271 -1.97 -28.11 26.34
CA ARG C 271 -1.37 -28.85 25.22
C ARG C 271 -2.36 -29.80 24.65
N PHE C 272 -2.31 -29.97 23.35
CA PHE C 272 -3.22 -30.92 22.67
C PHE C 272 -2.46 -31.68 21.60
N ASP C 273 -2.69 -32.99 21.56
CA ASP C 273 -2.13 -33.80 20.51
C ASP C 273 -3.03 -33.66 19.32
N MET C 274 -2.41 -33.60 18.14
CA MET C 274 -3.18 -33.61 16.91
C MET C 274 -2.85 -34.78 15.95
N ARG C 275 -1.91 -35.65 16.35
CA ARG C 275 -1.57 -36.86 15.58
C ARG C 275 -2.70 -37.90 15.63
N GLU C 276 -3.23 -38.16 16.80
CA GLU C 276 -4.16 -39.24 16.98
C GLU C 276 -5.58 -38.75 16.98
N SER C 277 -5.79 -37.46 17.19
CA SER C 277 -7.15 -36.96 17.19
C SER C 277 -7.27 -35.44 17.03
N PHE C 278 -8.51 -34.97 17.00
CA PHE C 278 -8.80 -33.58 16.90
C PHE C 278 -9.43 -33.07 18.25
N PRO C 279 -8.86 -32.00 18.84
CA PRO C 279 -9.29 -31.54 20.17
C PRO C 279 -10.57 -30.69 20.17
N LEU C 280 -11.68 -31.26 19.74
CA LEU C 280 -12.91 -30.54 19.82
C LEU C 280 -13.51 -31.04 21.15
N LEU C 281 -13.80 -30.14 22.09
CA LEU C 281 -14.29 -30.52 23.45
C LEU C 281 -15.52 -31.38 23.46
N THR C 282 -15.54 -32.36 24.34
CA THR C 282 -16.68 -33.25 24.38
C THR C 282 -17.63 -32.87 25.50
N THR C 283 -17.17 -32.02 26.42
CA THR C 283 -17.96 -31.74 27.61
C THR C 283 -19.03 -30.72 27.30
N LYS C 284 -19.00 -30.20 26.10
CA LYS C 284 -20.11 -29.39 25.61
C LYS C 284 -20.08 -29.52 24.09
N LYS C 285 -21.22 -29.33 23.44
CA LYS C 285 -21.28 -29.39 21.98
C LYS C 285 -20.72 -28.11 21.35
N VAL C 286 -19.51 -28.19 20.82
CA VAL C 286 -18.84 -27.03 20.25
C VAL C 286 -19.27 -26.79 18.81
N ALA C 287 -19.50 -25.53 18.47
CA ALA C 287 -20.02 -25.18 17.15
C ALA C 287 -18.92 -25.20 16.10
N ILE C 288 -18.49 -26.41 15.71
CA ILE C 288 -17.31 -26.58 14.85
C ILE C 288 -17.49 -25.94 13.46
N ARG C 289 -18.73 -25.81 13.01
CA ARG C 289 -19.00 -25.13 11.75
C ARG C 289 -18.69 -23.63 11.72
N SER C 290 -19.11 -22.88 12.75
CA SER C 290 -18.73 -21.45 12.85
C SER C 290 -17.22 -21.37 12.98
N ILE C 291 -16.64 -22.26 13.77
CA ILE C 291 -15.19 -22.21 13.96
C ILE C 291 -14.56 -22.29 12.60
N PHE C 292 -15.10 -23.15 11.73
CA PHE C 292 -14.51 -23.32 10.41
C PHE C 292 -14.66 -22.08 9.53
N GLU C 293 -15.86 -21.49 9.55
CA GLU C 293 -16.19 -20.38 8.66
C GLU C 293 -15.36 -19.14 9.00
N GLU C 294 -15.21 -18.87 10.28
CA GLU C 294 -14.37 -17.77 10.74
C GLU C 294 -12.92 -17.99 10.37
N LEU C 295 -12.39 -19.17 10.70
CA LEU C 295 -11.07 -19.58 10.21
C LEU C 295 -10.91 -19.28 8.73
N ILE C 296 -11.98 -19.52 7.97
CA ILE C 296 -11.90 -19.50 6.51
C ILE C 296 -12.21 -18.12 5.95
N TRP C 297 -13.01 -17.35 6.68
CA TRP C 297 -12.81 -15.91 6.80
C TRP C 297 -11.39 -15.34 6.91
N PHE C 298 -10.68 -15.77 7.95
CA PHE C 298 -9.40 -15.14 8.30
C PHE C 298 -8.49 -15.40 7.11
N ILE C 299 -8.51 -16.63 6.61
CA ILE C 299 -7.55 -17.07 5.64
C ILE C 299 -7.61 -16.23 4.35
N LYS C 300 -8.79 -15.83 3.93
CA LYS C 300 -8.89 -15.08 2.70
C LYS C 300 -8.41 -13.66 2.89
N GLY C 301 -8.03 -13.32 4.12
CA GLY C 301 -7.74 -11.93 4.47
C GLY C 301 -8.99 -11.05 4.63
N ASP C 302 -10.15 -11.66 4.78
CA ASP C 302 -11.40 -10.97 4.78
C ASP C 302 -11.77 -10.30 6.11
N THR C 303 -12.29 -9.09 6.00
CA THR C 303 -12.75 -8.33 7.14
C THR C 303 -14.22 -7.95 7.04
N ASN C 304 -14.91 -8.39 6.01
CA ASN C 304 -16.31 -8.03 5.88
C ASN C 304 -17.18 -8.98 6.70
N GLY C 305 -17.73 -8.49 7.81
CA GLY C 305 -18.60 -9.31 8.65
C GLY C 305 -19.86 -9.81 8.02
N ASN C 306 -20.24 -9.31 6.85
CA ASN C 306 -21.51 -9.74 6.26
C ASN C 306 -21.38 -11.14 5.67
N HIS C 307 -20.14 -11.49 5.35
CA HIS C 307 -19.82 -12.77 4.77
C HIS C 307 -20.00 -13.90 5.78
N LEU C 308 -19.93 -13.58 7.06
CA LEU C 308 -20.15 -14.56 8.08
C LEU C 308 -21.63 -14.65 8.29
N ILE C 309 -22.26 -13.50 8.48
CA ILE C 309 -23.71 -13.40 8.60
C ILE C 309 -24.40 -14.07 7.42
N GLU C 310 -23.93 -13.80 6.21
CA GLU C 310 -24.47 -14.48 5.00
C GLU C 310 -24.48 -16.00 5.17
N LYS C 311 -23.42 -16.55 5.74
CA LYS C 311 -23.34 -18.02 5.99
C LYS C 311 -24.01 -18.50 7.29
N LYS C 312 -24.80 -17.64 7.93
CA LYS C 312 -25.45 -17.95 9.20
C LYS C 312 -24.41 -18.26 10.30
N VAL C 313 -23.40 -17.43 10.45
CA VAL C 313 -22.47 -17.54 11.54
C VAL C 313 -22.62 -16.20 12.23
N TYR C 314 -22.84 -16.14 13.54
CA TYR C 314 -23.18 -14.87 14.15
C TYR C 314 -22.17 -14.37 15.15
N ILE C 315 -21.13 -15.17 15.38
CA ILE C 315 -20.18 -14.91 16.46
C ILE C 315 -19.73 -13.46 16.45
N TRP C 316 -19.63 -12.88 15.26
CA TRP C 316 -18.90 -11.63 15.08
C TRP C 316 -19.86 -10.45 14.93
N SER C 317 -21.14 -10.71 15.11
CA SER C 317 -22.16 -9.68 14.93
C SER C 317 -22.00 -8.57 15.96
N GLY C 318 -22.06 -8.92 17.23
CA GLY C 318 -21.92 -7.96 18.31
C GLY C 318 -20.86 -6.93 17.95
N ASN C 319 -19.70 -7.42 17.54
CA ASN C 319 -18.58 -6.53 17.38
C ASN C 319 -18.67 -5.73 16.09
N GLY C 320 -19.77 -5.89 15.36
CA GLY C 320 -19.91 -5.18 14.12
C GLY C 320 -21.14 -4.32 14.10
N SER C 321 -22.00 -4.44 15.10
CA SER C 321 -23.24 -3.66 15.04
C SER C 321 -22.93 -2.18 14.97
N LYS C 322 -23.89 -1.44 14.38
CA LYS C 322 -23.90 0.03 14.37
C LYS C 322 -23.64 0.66 15.75
N GLU C 323 -24.33 0.17 16.79
CA GLU C 323 -24.25 0.69 18.18
C GLU C 323 -22.85 0.51 18.74
N TYR C 324 -22.32 -0.70 18.61
CA TYR C 324 -20.99 -0.99 19.11
C TYR C 324 -19.94 -0.15 18.40
N LEU C 325 -20.02 -0.13 17.08
CA LEU C 325 -19.10 0.64 16.27
C LEU C 325 -19.14 2.15 16.56
N GLU C 326 -20.33 2.67 16.85
CA GLU C 326 -20.51 4.08 17.14
C GLU C 326 -19.82 4.46 18.46
N ARG C 327 -19.70 3.49 19.35
CA ARG C 327 -19.40 3.78 20.75
C ARG C 327 -17.90 3.81 21.00
N ILE C 328 -17.14 3.21 20.08
CA ILE C 328 -15.69 3.10 20.25
C ILE C 328 -14.96 3.96 19.21
N GLY C 329 -15.71 4.83 18.53
CA GLY C 329 -15.12 5.86 17.70
C GLY C 329 -14.95 5.42 16.26
N LEU C 330 -15.75 4.44 15.85
CA LEU C 330 -15.69 3.94 14.49
C LEU C 330 -17.06 4.14 13.87
N GLY C 331 -17.73 5.21 14.32
CA GLY C 331 -19.07 5.55 13.82
C GLY C 331 -19.12 5.62 12.33
N HIS C 332 -17.99 6.01 11.72
CA HIS C 332 -17.80 6.15 10.27
C HIS C 332 -17.85 4.87 9.45
N ARG C 333 -17.81 3.76 10.15
CA ARG C 333 -17.61 2.48 9.52
C ARG C 333 -19.02 2.02 9.13
N GLU C 334 -19.18 1.36 7.99
CA GLU C 334 -20.43 0.71 7.58
C GLU C 334 -20.78 -0.51 8.48
N GLU C 335 -22.07 -0.83 8.58
CA GLU C 335 -22.54 -1.85 9.54
C GLU C 335 -21.60 -3.00 9.84
N ASN C 336 -21.09 -3.75 8.89
CA ASN C 336 -20.24 -4.85 9.44
C ASN C 336 -18.77 -4.81 9.14
N ASP C 337 -18.25 -3.59 8.99
CA ASP C 337 -16.91 -3.38 8.57
C ASP C 337 -16.02 -3.35 9.80
N LEU C 338 -15.45 -4.51 10.09
CA LEU C 338 -14.65 -4.68 11.28
C LEU C 338 -13.29 -4.04 11.23
N GLY C 339 -12.86 -3.52 10.06
CA GLY C 339 -11.53 -2.92 9.96
C GLY C 339 -10.40 -3.98 9.88
N PRO C 340 -9.14 -3.55 9.91
CA PRO C 340 -8.11 -4.51 9.58
C PRO C 340 -7.76 -5.45 10.75
N ILE C 341 -8.68 -6.32 11.11
CA ILE C 341 -8.42 -7.37 12.09
C ILE C 341 -7.74 -8.57 11.43
N TYR C 342 -7.91 -9.74 12.03
CA TYR C 342 -6.87 -10.76 12.03
C TYR C 342 -6.28 -10.95 10.64
N GLY C 343 -7.15 -11.21 9.66
CA GLY C 343 -6.74 -11.82 8.41
C GLY C 343 -6.26 -10.78 7.41
N PHE C 344 -6.79 -9.57 7.52
CA PHE C 344 -6.18 -8.41 6.89
C PHE C 344 -4.72 -8.39 7.37
N GLN C 345 -4.49 -8.58 8.68
CA GLN C 345 -3.09 -8.67 9.10
C GLN C 345 -2.40 -9.93 8.55
N TRP C 346 -3.14 -11.01 8.43
CA TRP C 346 -2.56 -12.26 7.95
C TRP C 346 -2.16 -12.18 6.49
N ARG C 347 -2.95 -11.50 5.67
CA ARG C 347 -2.72 -11.46 4.22
C ARG C 347 -2.20 -10.14 3.67
N HIS C 348 -2.40 -9.07 4.44
CA HIS C 348 -1.99 -7.72 4.07
C HIS C 348 -1.46 -6.98 5.28
N TYR C 349 -0.59 -7.65 6.04
CA TYR C 349 0.02 -7.00 7.17
C TYR C 349 0.60 -5.64 6.82
N ASN C 350 0.25 -4.67 7.67
CA ASN C 350 0.65 -3.25 7.53
C ASN C 350 0.08 -2.60 6.31
N GLY C 351 -0.96 -3.16 5.74
CA GLY C 351 -1.52 -2.53 4.55
C GLY C 351 -2.30 -1.36 5.09
N GLU C 352 -2.49 -0.36 4.24
CA GLU C 352 -3.27 0.82 4.62
C GLU C 352 -4.76 0.56 4.42
N TYR C 353 -5.48 0.40 5.52
CA TYR C 353 -6.89 0.04 5.43
C TYR C 353 -7.75 1.24 5.08
N LYS C 354 -8.72 1.03 4.19
CA LYS C 354 -9.69 2.04 3.83
C LYS C 354 -11.07 1.53 4.27
N THR C 355 -11.73 0.73 3.45
CA THR C 355 -12.97 0.09 3.86
C THR C 355 -12.86 -1.41 3.54
N MET C 356 -13.85 -2.18 3.93
CA MET C 356 -13.92 -3.56 3.53
C MET C 356 -14.14 -3.70 2.00
N HIS C 357 -14.48 -2.62 1.30
CA HIS C 357 -14.85 -2.73 -0.12
C HIS C 357 -13.68 -2.55 -1.05
N ASP C 358 -12.64 -1.93 -0.51
CA ASP C 358 -11.46 -1.66 -1.28
C ASP C 358 -10.68 -2.93 -1.54
N ASP C 359 -10.13 -3.01 -2.74
CA ASP C 359 -9.44 -4.19 -3.25
C ASP C 359 -7.97 -4.15 -2.84
N TYR C 360 -7.63 -4.87 -1.76
CA TYR C 360 -6.27 -4.82 -1.18
C TYR C 360 -5.24 -5.74 -1.81
N THR C 361 -5.59 -6.33 -2.96
CA THR C 361 -4.68 -7.23 -3.66
C THR C 361 -3.36 -6.59 -3.90
N GLY C 362 -2.31 -7.31 -3.60
CA GLY C 362 -1.03 -6.71 -3.84
C GLY C 362 -0.52 -6.03 -2.59
N VAL C 363 -1.39 -5.50 -1.73
CA VAL C 363 -0.88 -4.67 -0.60
C VAL C 363 -0.47 -5.46 0.67
N GLY C 364 0.23 -4.79 1.59
CA GLY C 364 0.68 -5.35 2.87
C GLY C 364 1.66 -6.49 2.69
N VAL C 365 2.17 -7.06 3.78
CA VAL C 365 2.93 -8.30 3.65
C VAL C 365 1.99 -9.49 3.79
N ASP C 366 1.99 -10.39 2.80
CA ASP C 366 1.18 -11.60 2.88
C ASP C 366 1.97 -12.63 3.69
N GLN C 367 1.72 -12.68 5.00
CA GLN C 367 2.44 -13.58 5.92
C GLN C 367 2.05 -15.04 5.68
N LEU C 368 0.78 -15.28 5.36
CA LEU C 368 0.28 -16.64 5.21
C LEU C 368 1.05 -17.27 4.08
N ALA C 369 1.18 -16.51 2.99
CA ALA C 369 1.87 -16.97 1.81
C ALA C 369 3.32 -17.25 2.11
N LYS C 370 3.98 -16.30 2.77
CA LYS C 370 5.41 -16.44 3.07
C LYS C 370 5.59 -17.62 4.03
N LEU C 371 4.68 -17.74 4.99
CA LEU C 371 4.65 -18.86 5.94
C LEU C 371 4.63 -20.22 5.19
N ILE C 372 3.69 -20.37 4.27
CA ILE C 372 3.53 -21.55 3.43
C ILE C 372 4.77 -21.81 2.55
N GLU C 373 5.31 -20.74 1.95
CA GLU C 373 6.53 -20.87 1.15
C GLU C 373 7.72 -21.34 2.00
N THR C 374 7.81 -20.79 3.21
CA THR C 374 8.87 -21.14 4.14
C THR C 374 8.75 -22.61 4.55
N LEU C 375 7.52 -23.08 4.72
CA LEU C 375 7.31 -24.40 5.29
C LEU C 375 7.77 -25.49 4.33
N LYS C 376 7.30 -25.46 3.08
CA LYS C 376 7.80 -26.41 2.11
C LYS C 376 9.26 -26.18 1.77
N ASN C 377 9.63 -24.92 1.56
CA ASN C 377 10.99 -24.61 1.12
C ASN C 377 12.05 -24.62 2.20
N ASN C 378 11.75 -24.17 3.40
CA ASN C 378 12.80 -24.00 4.37
C ASN C 378 12.46 -24.54 5.77
N PRO C 379 12.03 -25.82 5.86
CA PRO C 379 11.38 -26.41 7.07
C PRO C 379 12.12 -26.27 8.38
N LYS C 380 13.44 -26.46 8.34
CA LYS C 380 14.26 -26.37 9.54
C LYS C 380 14.44 -24.92 9.98
N ASP C 381 13.70 -24.01 9.34
CA ASP C 381 13.81 -22.59 9.63
C ASP C 381 12.93 -22.19 10.80
N ARG C 382 13.34 -21.17 11.54
CA ARG C 382 12.69 -20.79 12.79
C ARG C 382 11.90 -19.50 12.65
N ARG C 383 11.64 -19.10 11.40
CA ARG C 383 10.94 -17.85 11.12
C ARG C 383 9.55 -18.11 10.54
N HIS C 384 8.98 -19.27 10.84
CA HIS C 384 7.59 -19.57 10.42
C HIS C 384 6.59 -18.93 11.41
N ILE C 385 6.48 -17.59 11.36
CA ILE C 385 5.65 -16.83 12.33
C ILE C 385 4.48 -16.10 11.73
N LEU C 386 3.39 -16.08 12.47
CA LEU C 386 2.17 -15.43 12.05
C LEU C 386 1.71 -14.50 13.16
N THR C 387 1.72 -13.19 12.88
CA THR C 387 1.24 -12.17 13.86
C THR C 387 0.09 -11.29 13.37
N ALA C 388 -0.80 -10.91 14.32
CA ALA C 388 -1.94 -10.03 14.02
C ALA C 388 -1.92 -8.77 14.88
N TRP C 389 -0.92 -8.68 15.75
CA TRP C 389 -0.77 -7.51 16.61
C TRP C 389 0.01 -6.38 15.93
N ASN C 390 -0.71 -5.33 15.54
CA ASN C 390 -0.14 -4.25 14.71
C ASN C 390 -0.46 -2.90 15.34
N PRO C 391 0.48 -2.39 16.14
CA PRO C 391 0.35 -1.14 16.88
C PRO C 391 -0.21 -0.01 16.04
N SER C 392 0.27 0.13 14.80
CA SER C 392 -0.30 1.05 13.77
C SER C 392 -1.81 0.90 13.50
N ALA C 393 -2.32 -0.35 13.51
CA ALA C 393 -3.71 -0.60 13.15
C ALA C 393 -4.73 -0.75 14.31
N LEU C 394 -4.25 -0.87 15.56
CA LEU C 394 -5.15 -1.27 16.67
C LEU C 394 -6.44 -0.47 16.80
N SER C 395 -6.31 0.86 16.80
CA SER C 395 -7.44 1.79 17.01
C SER C 395 -8.51 1.69 15.93
N GLN C 396 -8.13 1.13 14.77
CA GLN C 396 -9.03 0.91 13.61
C GLN C 396 -9.81 -0.41 13.66
N MET C 397 -9.35 -1.34 14.49
CA MET C 397 -9.93 -2.66 14.61
C MET C 397 -11.13 -2.63 15.53
N ALA C 398 -12.26 -3.20 15.11
CA ALA C 398 -13.40 -3.39 16.03
C ALA C 398 -12.98 -3.97 17.40
N LEU C 399 -11.88 -4.73 17.42
CA LEU C 399 -11.41 -5.40 18.60
C LEU C 399 -9.97 -5.72 18.35
N PRO C 400 -9.04 -5.40 19.26
CA PRO C 400 -7.64 -5.79 19.08
C PRO C 400 -7.54 -7.30 19.19
N PRO C 401 -6.70 -7.90 18.35
CA PRO C 401 -6.72 -9.36 18.29
C PRO C 401 -6.37 -10.00 19.62
N CYS C 402 -6.88 -11.21 19.87
CA CYS C 402 -6.48 -12.00 21.04
C CYS C 402 -5.50 -13.07 20.66
N HIS C 403 -5.83 -13.91 19.68
CA HIS C 403 -4.81 -14.77 19.15
C HIS C 403 -3.93 -13.81 18.38
N VAL C 404 -2.84 -13.48 19.04
CA VAL C 404 -1.94 -12.43 18.63
C VAL C 404 -0.77 -12.93 17.81
N LEU C 405 -0.28 -14.12 18.15
CA LEU C 405 0.88 -14.69 17.46
C LEU C 405 0.89 -16.20 17.53
N SER C 406 1.23 -16.80 16.40
CA SER C 406 1.38 -18.24 16.34
C SER C 406 2.68 -18.61 15.58
N GLN C 407 3.25 -19.77 15.93
CA GLN C 407 4.51 -20.24 15.35
C GLN C 407 4.43 -21.69 14.93
N TYR C 408 4.83 -21.96 13.70
CA TYR C 408 4.75 -23.30 13.15
C TYR C 408 6.10 -24.04 13.03
N TYR C 409 6.07 -25.32 13.39
CA TYR C 409 7.28 -26.16 13.44
C TYR C 409 7.10 -27.41 12.58
N VAL C 410 8.17 -27.78 11.85
CA VAL C 410 8.20 -29.02 11.05
C VAL C 410 9.20 -29.92 11.75
N THR C 411 8.75 -31.10 12.20
CA THR C 411 9.61 -32.02 12.94
C THR C 411 10.44 -32.85 12.00
N ASN C 412 11.44 -33.51 12.57
CA ASN C 412 12.32 -34.35 11.79
C ASN C 412 11.64 -35.60 11.23
N ASP C 413 10.37 -35.80 11.56
CA ASP C 413 9.57 -36.88 10.97
C ASP C 413 8.34 -36.39 10.17
N ASN C 414 8.40 -35.14 9.70
CA ASN C 414 7.35 -34.56 8.85
C ASN C 414 6.00 -34.33 9.52
N CYS C 415 6.04 -33.85 10.76
CA CYS C 415 4.83 -33.37 11.40
C CYS C 415 4.93 -31.85 11.55
N LEU C 416 3.78 -31.19 11.47
CA LEU C 416 3.68 -29.73 11.66
C LEU C 416 3.02 -29.36 12.99
N SER C 417 3.81 -28.86 13.93
CA SER C 417 3.31 -28.42 15.23
C SER C 417 2.99 -26.90 15.32
N CYS C 418 2.07 -26.53 16.22
CA CYS C 418 1.67 -25.12 16.39
C CYS C 418 1.73 -24.60 17.87
N ASN C 419 2.28 -23.39 18.00
CA ASN C 419 2.27 -22.66 19.27
C ASN C 419 1.41 -21.42 19.10
N LEU C 420 0.52 -21.16 20.04
CA LEU C 420 -0.29 -19.95 19.92
C LEU C 420 -0.06 -19.07 21.14
N TYR C 421 0.20 -17.78 20.90
CA TYR C 421 0.12 -16.84 22.02
C TYR C 421 -1.19 -16.06 22.05
N GLN C 422 -1.98 -16.33 23.08
CA GLN C 422 -3.28 -15.73 23.29
C GLN C 422 -3.18 -14.68 24.42
N ARG C 423 -3.45 -13.40 24.13
CA ARG C 423 -3.24 -12.35 25.18
C ARG C 423 -4.41 -12.31 26.17
N SER C 424 -5.58 -12.65 25.65
CA SER C 424 -6.75 -12.66 26.44
C SER C 424 -7.60 -13.75 25.83
N CYS C 425 -8.24 -14.55 26.67
CA CYS C 425 -8.95 -15.70 26.18
C CYS C 425 -10.04 -15.91 27.16
N ASP C 426 -11.26 -15.83 26.71
CA ASP C 426 -12.30 -16.04 27.64
C ASP C 426 -12.50 -17.55 27.61
N LEU C 427 -12.29 -18.19 28.75
CA LEU C 427 -12.31 -19.61 28.82
C LEU C 427 -13.63 -20.27 28.50
N GLY C 428 -14.72 -19.52 28.59
CA GLY C 428 -16.02 -20.09 28.33
C GLY C 428 -16.39 -20.18 26.85
N LEU C 429 -16.45 -19.04 26.18
CA LEU C 429 -16.77 -18.98 24.77
C LEU C 429 -15.54 -19.11 23.93
N GLY C 430 -14.64 -18.15 24.06
CA GLY C 430 -13.49 -18.05 23.13
C GLY C 430 -12.47 -19.16 23.10
N SER C 431 -12.19 -19.77 24.23
CA SER C 431 -11.12 -20.72 24.20
C SER C 431 -11.44 -22.03 23.46
N PRO C 432 -12.63 -22.61 23.65
CA PRO C 432 -12.90 -23.80 22.84
C PRO C 432 -12.75 -23.50 21.33
N PHE C 433 -13.16 -22.31 20.92
CA PHE C 433 -12.92 -21.89 19.58
C PHE C 433 -11.45 -21.87 19.24
N ASN C 434 -10.66 -21.08 19.96
CA ASN C 434 -9.23 -21.06 19.59
C ASN C 434 -8.59 -22.45 19.48
N ILE C 435 -8.92 -23.34 20.43
CA ILE C 435 -8.34 -24.67 20.42
C ILE C 435 -8.56 -25.38 19.10
N ALA C 436 -9.82 -25.51 18.69
CA ALA C 436 -10.16 -26.12 17.41
C ALA C 436 -9.64 -25.30 16.22
N SER C 437 -9.82 -23.99 16.30
CA SER C 437 -9.50 -23.11 15.18
C SER C 437 -8.08 -23.34 14.69
N TYR C 438 -7.14 -23.44 15.62
CA TYR C 438 -5.72 -23.52 15.28
C TYR C 438 -5.28 -24.98 15.13
N ALA C 439 -6.10 -25.89 15.62
CA ALA C 439 -6.01 -27.30 15.23
C ALA C 439 -6.25 -27.46 13.73
N ILE C 440 -7.35 -26.90 13.25
CA ILE C 440 -7.69 -26.99 11.84
C ILE C 440 -6.66 -26.26 10.98
N LEU C 441 -6.36 -25.02 11.34
CA LEU C 441 -5.40 -24.26 10.56
C LEU C 441 -4.13 -25.09 10.33
N THR C 442 -3.59 -25.65 11.40
CA THR C 442 -2.38 -26.46 11.34
C THR C 442 -2.54 -27.64 10.39
N MET C 443 -3.67 -28.33 10.50
CA MET C 443 -3.95 -29.43 9.59
C MET C 443 -4.07 -28.92 8.17
N MET C 444 -4.65 -27.71 7.99
CA MET C 444 -4.72 -27.11 6.65
C MET C 444 -3.34 -26.78 6.14
N LEU C 445 -2.50 -26.22 7.00
CA LEU C 445 -1.12 -25.95 6.62
C LEU C 445 -0.38 -27.25 6.35
N ALA C 446 -0.65 -28.27 7.16
CA ALA C 446 -0.01 -29.58 7.00
C ALA C 446 -0.22 -30.14 5.63
N GLN C 447 -1.49 -30.18 5.20
CA GLN C 447 -1.87 -30.68 3.88
C GLN C 447 -1.19 -29.93 2.69
N VAL C 448 -1.42 -28.62 2.59
CA VAL C 448 -0.79 -27.79 1.56
C VAL C 448 0.73 -28.01 1.48
N CYS C 449 1.36 -28.35 2.59
CA CYS C 449 2.81 -28.46 2.61
C CYS C 449 3.34 -29.92 2.59
N GLY C 450 2.43 -30.89 2.69
CA GLY C 450 2.84 -32.30 2.71
C GLY C 450 3.50 -32.72 4.02
N TYR C 451 2.88 -32.37 5.14
CA TYR C 451 3.25 -32.92 6.42
C TYR C 451 1.97 -33.53 7.02
N GLU C 452 2.11 -34.11 8.20
CA GLU C 452 0.95 -34.53 8.95
C GLU C 452 0.98 -33.72 10.26
N PRO C 453 -0.19 -33.49 10.87
CA PRO C 453 -0.31 -32.64 12.07
C PRO C 453 0.46 -33.14 13.30
N GLY C 454 1.02 -32.21 14.09
CA GLY C 454 1.78 -32.54 15.30
C GLY C 454 1.09 -32.25 16.61
N GLU C 455 1.69 -31.40 17.42
CA GLU C 455 1.11 -31.04 18.70
C GLU C 455 0.66 -29.57 18.65
N LEU C 456 -0.32 -29.22 19.51
CA LEU C 456 -0.78 -27.83 19.66
C LEU C 456 -0.56 -27.28 21.09
N ALA C 457 0.21 -26.22 21.20
CA ALA C 457 0.41 -25.60 22.50
C ALA C 457 -0.17 -24.20 22.52
N ILE C 458 -1.11 -23.99 23.41
CA ILE C 458 -1.68 -22.66 23.56
C ILE C 458 -1.17 -22.02 24.86
N PHE C 459 -0.48 -20.89 24.70
CA PHE C 459 -0.04 -20.09 25.82
C PHE C 459 -0.97 -18.89 26.06
N ILE C 460 -1.44 -18.74 27.29
CA ILE C 460 -2.38 -17.70 27.65
C ILE C 460 -1.77 -16.61 28.54
N GLY C 461 -2.05 -15.34 28.19
CA GLY C 461 -1.76 -14.20 29.08
C GLY C 461 -2.94 -14.18 30.04
N ASP C 462 -3.82 -13.19 29.92
CA ASP C 462 -4.89 -13.07 30.88
C ASP C 462 -5.92 -14.15 30.66
N ALA C 463 -5.94 -15.14 31.53
CA ALA C 463 -6.89 -16.26 31.40
C ALA C 463 -8.05 -16.07 32.33
N HIS C 464 -9.24 -15.84 31.83
CA HIS C 464 -10.35 -15.46 32.71
C HIS C 464 -11.66 -16.13 32.41
N ILE C 465 -12.67 -15.84 33.22
CA ILE C 465 -14.02 -16.36 33.04
C ILE C 465 -15.08 -15.27 33.32
N TYR C 466 -16.00 -15.02 32.42
CA TYR C 466 -17.05 -14.03 32.68
C TYR C 466 -17.96 -14.51 33.81
N GLU C 467 -18.25 -13.59 34.74
CA GLU C 467 -19.05 -13.97 35.89
C GLU C 467 -20.46 -14.50 35.56
N ASN C 468 -20.91 -14.36 34.32
CA ASN C 468 -22.21 -14.92 33.91
C ASN C 468 -22.08 -16.28 33.23
N HIS C 469 -20.87 -16.83 33.28
CA HIS C 469 -20.65 -18.17 32.76
C HIS C 469 -20.46 -19.18 33.90
N LEU C 470 -20.42 -18.67 35.13
CA LEU C 470 -20.15 -19.48 36.31
C LEU C 470 -21.03 -20.71 36.46
N THR C 471 -22.34 -20.55 36.45
CA THR C 471 -23.12 -21.74 36.67
C THR C 471 -22.87 -22.71 35.50
N GLN C 472 -22.73 -22.14 34.29
CA GLN C 472 -22.62 -22.90 33.04
C GLN C 472 -21.32 -23.69 32.95
N LEU C 473 -20.21 -23.13 33.44
CA LEU C 473 -18.93 -23.83 33.47
C LEU C 473 -18.88 -24.90 34.57
N LYS C 474 -19.64 -24.65 35.64
CA LYS C 474 -19.75 -25.60 36.74
C LYS C 474 -20.47 -26.88 36.28
N GLU C 475 -21.60 -26.70 35.60
CA GLU C 475 -22.29 -27.76 34.85
C GLU C 475 -21.33 -28.49 33.88
N GLN C 476 -20.42 -27.77 33.24
CA GLN C 476 -19.55 -28.41 32.29
C GLN C 476 -18.54 -29.24 33.04
N LEU C 477 -18.19 -28.80 34.23
CA LEU C 477 -17.19 -29.51 34.98
C LEU C 477 -17.70 -30.80 35.69
N SER C 478 -19.03 -30.94 35.75
CA SER C 478 -19.62 -32.14 36.29
C SER C 478 -19.75 -33.24 35.25
N ARG C 479 -19.12 -33.10 34.08
CA ARG C 479 -19.30 -34.04 32.94
C ARG C 479 -18.00 -34.72 32.60
N THR C 480 -18.01 -36.04 32.56
CA THR C 480 -16.77 -36.73 32.29
C THR C 480 -16.50 -36.76 30.79
N PRO C 481 -15.28 -36.40 30.41
CA PRO C 481 -14.88 -36.33 29.03
C PRO C 481 -14.95 -37.70 28.33
N ARG C 482 -15.49 -37.67 27.10
CA ARG C 482 -15.45 -38.81 26.19
C ARG C 482 -14.29 -38.56 25.26
N PRO C 483 -13.89 -39.60 24.49
CA PRO C 483 -12.65 -39.48 23.70
C PRO C 483 -12.84 -38.51 22.57
N PHE C 484 -11.73 -37.98 22.05
CA PHE C 484 -11.82 -36.92 21.06
C PHE C 484 -12.31 -37.53 19.76
N PRO C 485 -12.95 -36.71 18.88
CA PRO C 485 -13.29 -37.18 17.53
C PRO C 485 -12.09 -37.06 16.61
N GLN C 486 -12.29 -37.47 15.37
CA GLN C 486 -11.28 -37.26 14.34
C GLN C 486 -11.73 -36.17 13.34
N LEU C 487 -10.76 -35.49 12.74
CA LEU C 487 -11.06 -34.59 11.65
C LEU C 487 -10.29 -35.00 10.39
N LYS C 488 -10.98 -35.24 9.30
CA LYS C 488 -10.25 -35.57 8.04
C LYS C 488 -10.76 -34.75 6.87
N PHE C 489 -9.85 -34.24 6.02
CA PHE C 489 -10.28 -33.56 4.78
C PHE C 489 -10.66 -34.55 3.67
N LYS C 490 -11.81 -34.33 3.04
CA LYS C 490 -12.24 -35.16 1.92
C LYS C 490 -11.34 -35.11 0.67
N ARG C 491 -10.47 -34.12 0.55
CA ARG C 491 -9.57 -34.04 -0.61
C ARG C 491 -8.38 -33.13 -0.43
N LYS C 492 -7.35 -33.36 -1.24
CA LYS C 492 -6.18 -32.51 -1.23
C LYS C 492 -6.53 -31.26 -2.03
N VAL C 493 -6.43 -30.07 -1.44
CA VAL C 493 -6.70 -28.79 -2.19
C VAL C 493 -5.39 -28.24 -2.67
N GLU C 494 -5.45 -27.44 -3.75
CA GLU C 494 -4.23 -26.88 -4.30
C GLU C 494 -3.87 -25.59 -3.60
N ASN C 495 -4.89 -24.80 -3.28
CA ASN C 495 -4.67 -23.56 -2.60
C ASN C 495 -5.32 -23.61 -1.20
N ILE C 496 -4.61 -23.17 -0.14
CA ILE C 496 -5.20 -23.12 1.20
C ILE C 496 -6.56 -22.43 1.34
N GLU C 497 -6.90 -21.50 0.47
CA GLU C 497 -8.19 -20.83 0.57
C GLU C 497 -9.28 -21.57 -0.16
N ASP C 498 -8.92 -22.74 -0.68
CA ASP C 498 -9.84 -23.56 -1.45
C ASP C 498 -10.79 -24.29 -0.53
N PHE C 499 -10.31 -24.61 0.69
CA PHE C 499 -11.11 -25.38 1.67
C PHE C 499 -12.51 -24.86 1.87
N LYS C 500 -13.46 -25.75 1.77
CA LYS C 500 -14.85 -25.45 2.02
C LYS C 500 -15.39 -26.42 3.09
N TRP C 501 -16.42 -26.00 3.83
CA TRP C 501 -17.00 -26.79 4.91
C TRP C 501 -17.27 -28.26 4.54
N GLU C 502 -17.69 -28.46 3.30
CA GLU C 502 -18.00 -29.78 2.74
C GLU C 502 -16.76 -30.64 2.65
N ASP C 503 -15.58 -30.04 2.48
CA ASP C 503 -14.31 -30.78 2.47
C ASP C 503 -13.92 -31.41 3.83
N ILE C 504 -14.80 -31.30 4.84
CA ILE C 504 -14.40 -31.69 6.18
C ILE C 504 -15.26 -32.84 6.66
N GLU C 505 -14.61 -33.81 7.31
CA GLU C 505 -15.31 -34.97 7.85
C GLU C 505 -15.06 -35.11 9.35
N LEU C 506 -16.12 -34.94 10.13
CA LEU C 506 -16.05 -35.16 11.57
C LEU C 506 -16.47 -36.58 11.93
N ILE C 507 -15.52 -37.37 12.42
CA ILE C 507 -15.77 -38.79 12.68
C ILE C 507 -15.85 -39.06 14.19
N GLY C 508 -17.05 -39.39 14.65
CA GLY C 508 -17.24 -39.87 16.01
C GLY C 508 -17.12 -38.77 17.04
N TYR C 509 -17.87 -37.69 16.83
CA TYR C 509 -17.93 -36.59 17.78
C TYR C 509 -19.14 -36.71 18.69
N TYR C 510 -18.93 -37.27 19.89
CA TYR C 510 -20.03 -37.60 20.78
C TYR C 510 -19.86 -36.70 21.99
N PRO C 511 -20.51 -35.54 21.95
CA PRO C 511 -20.29 -34.50 22.96
C PRO C 511 -21.54 -34.51 23.83
N TYR C 512 -21.45 -33.84 25.00
CA TYR C 512 -22.62 -33.66 25.88
C TYR C 512 -23.54 -32.58 25.33
N PRO C 513 -24.72 -32.39 25.97
CA PRO C 513 -25.60 -31.37 25.38
C PRO C 513 -24.93 -30.00 25.28
N THR C 514 -25.46 -29.18 24.40
CA THR C 514 -24.90 -27.87 24.23
C THR C 514 -25.18 -27.01 25.48
N ILE C 515 -24.21 -26.21 25.90
CA ILE C 515 -24.35 -25.32 27.06
C ILE C 515 -24.39 -23.84 26.66
N LYS C 516 -25.53 -23.21 26.83
CA LYS C 516 -25.67 -21.81 26.41
C LYS C 516 -24.85 -20.86 27.26
N MET C 517 -24.12 -19.95 26.61
CA MET C 517 -23.41 -18.88 27.31
C MET C 517 -23.38 -17.60 26.49
N ASP C 518 -23.57 -16.48 27.15
CA ASP C 518 -23.74 -15.20 26.46
C ASP C 518 -22.39 -14.52 26.23
N MET C 519 -22.17 -14.03 25.01
CA MET C 519 -21.07 -13.13 24.73
C MET C 519 -21.29 -11.78 25.41
N ALA C 520 -20.18 -11.16 25.83
CA ALA C 520 -20.25 -9.85 26.44
C ALA C 520 -19.77 -8.81 25.43
N VAL C 521 -20.68 -7.97 24.94
CA VAL C 521 -20.39 -7.12 23.79
C VAL C 521 -19.32 -6.09 24.11
N GLU D 3 10.62 -46.80 67.94
CA GLU D 3 11.69 -46.05 67.21
C GLU D 3 11.39 -44.53 67.13
N LYS D 4 12.40 -43.72 66.78
CA LYS D 4 12.30 -42.23 66.72
C LYS D 4 13.27 -41.56 65.73
N ASN D 5 13.14 -40.25 65.62
CA ASN D 5 13.75 -39.48 64.53
C ASN D 5 14.77 -38.45 64.99
N VAL D 6 15.88 -38.34 64.24
CA VAL D 6 16.93 -37.39 64.56
C VAL D 6 17.34 -36.57 63.34
N SER D 7 16.95 -35.30 63.28
CA SER D 7 17.38 -34.44 62.17
C SER D 7 17.98 -33.11 62.60
N ILE D 8 19.18 -32.80 62.11
CA ILE D 8 19.80 -31.52 62.41
C ILE D 8 19.12 -30.35 61.67
N VAL D 9 18.96 -29.22 62.36
CA VAL D 9 18.46 -27.98 61.80
C VAL D 9 19.64 -27.03 61.82
N VAL D 10 19.97 -26.44 60.69
CA VAL D 10 21.08 -25.50 60.59
C VAL D 10 20.75 -24.36 59.60
N ALA D 11 21.43 -23.22 59.79
CA ALA D 11 21.33 -22.08 58.90
C ALA D 11 22.72 -21.57 58.71
N ALA D 12 23.30 -21.87 57.59
CA ALA D 12 24.70 -21.55 57.31
C ALA D 12 24.81 -20.79 56.03
N SER D 13 25.90 -20.06 55.89
CA SER D 13 26.10 -19.28 54.68
C SER D 13 26.29 -20.19 53.48
N VAL D 14 25.74 -19.80 52.34
CA VAL D 14 25.87 -20.58 51.10
C VAL D 14 27.27 -21.11 50.78
N LEU D 15 28.31 -20.27 50.74
CA LEU D 15 29.64 -20.74 50.25
C LEU D 15 30.61 -21.40 51.25
N SER D 16 30.74 -20.82 52.45
CA SER D 16 31.71 -21.35 53.40
C SER D 16 31.04 -21.99 54.62
N SER D 17 29.70 -22.00 54.60
CA SER D 17 28.89 -22.63 55.65
C SER D 17 29.13 -21.94 57.01
N GLY D 18 29.55 -20.67 56.98
CA GLY D 18 29.62 -19.88 58.21
C GLY D 18 28.28 -19.96 58.96
N ILE D 19 28.32 -20.25 60.27
CA ILE D 19 27.13 -20.31 61.08
C ILE D 19 27.24 -19.34 62.27
N GLY D 20 28.37 -18.64 62.39
CA GLY D 20 28.87 -18.13 63.67
C GLY D 20 29.92 -17.00 63.73
N ILE D 21 29.74 -16.11 64.72
CA ILE D 21 30.70 -15.13 65.19
C ILE D 21 30.28 -14.64 66.61
N ASN D 22 31.24 -14.62 67.55
CA ASN D 22 30.92 -14.49 69.00
C ASN D 22 29.91 -15.57 69.30
N GLY D 23 28.92 -15.21 70.10
CA GLY D 23 27.86 -16.12 70.47
C GLY D 23 26.56 -15.68 69.89
N GLN D 24 26.66 -15.05 68.73
CA GLN D 24 25.49 -14.62 68.00
C GLN D 24 25.60 -15.21 66.60
N LEU D 25 24.48 -15.16 65.87
CA LEU D 25 24.48 -15.54 64.48
C LEU D 25 24.96 -14.34 63.72
N PRO D 26 25.58 -14.53 62.54
CA PRO D 26 26.11 -13.37 61.78
C PRO D 26 25.01 -12.51 61.12
N TRP D 27 23.76 -12.73 61.52
CA TRP D 27 22.56 -12.16 60.90
C TRP D 27 21.36 -12.28 61.85
N SER D 28 20.27 -11.63 61.47
CA SER D 28 18.98 -11.95 62.06
C SER D 28 17.96 -12.09 60.92
N ILE D 29 17.33 -13.26 60.87
CA ILE D 29 16.30 -13.55 59.91
C ILE D 29 15.13 -14.23 60.64
N SER D 30 14.13 -13.43 61.02
CA SER D 30 12.97 -13.92 61.75
C SER D 30 12.03 -14.86 60.94
N GLU D 31 12.29 -15.01 59.64
CA GLU D 31 11.62 -16.07 58.88
C GLU D 31 12.24 -17.43 59.26
N ASP D 32 13.56 -17.46 59.46
CA ASP D 32 14.29 -18.70 59.83
C ASP D 32 14.18 -19.17 61.32
N LEU D 33 14.03 -18.21 62.23
CA LEU D 33 13.73 -18.54 63.59
C LEU D 33 12.28 -19.02 63.63
N LYS D 34 11.45 -18.43 62.76
CA LYS D 34 10.04 -18.84 62.63
C LYS D 34 9.96 -20.29 62.10
N PHE D 35 10.79 -20.53 61.08
CA PHE D 35 10.98 -21.81 60.46
C PHE D 35 11.41 -22.83 61.51
N PHE D 36 12.59 -22.58 62.10
CA PHE D 36 13.13 -23.35 63.21
C PHE D 36 12.05 -23.67 64.23
N SER D 37 11.23 -22.68 64.58
CA SER D 37 10.27 -22.87 65.63
C SER D 37 9.22 -23.86 65.20
N LYS D 38 8.80 -23.73 63.93
CA LYS D 38 7.63 -24.48 63.46
C LYS D 38 7.92 -25.95 63.33
N ILE D 39 8.95 -26.31 62.57
CA ILE D 39 9.27 -27.72 62.35
C ILE D 39 9.63 -28.40 63.68
N THR D 40 10.61 -27.82 64.37
CA THR D 40 10.95 -28.22 65.73
C THR D 40 9.70 -28.46 66.62
N ASN D 41 8.54 -27.95 66.18
CA ASN D 41 7.31 -28.01 66.95
C ASN D 41 6.19 -28.77 66.26
N ASN D 42 6.47 -29.14 65.01
CA ASN D 42 5.62 -30.06 64.23
C ASN D 42 5.64 -31.39 65.01
N LYS D 43 4.47 -31.76 65.54
CA LYS D 43 4.33 -32.94 66.41
C LYS D 43 2.96 -33.58 66.23
N CYS D 44 2.92 -34.92 66.29
CA CYS D 44 1.66 -35.68 66.21
C CYS D 44 0.87 -35.74 67.51
N ASP D 45 1.49 -36.29 68.55
CA ASP D 45 0.86 -36.41 69.86
C ASP D 45 1.04 -35.12 70.67
N SER D 46 -0.02 -34.69 71.37
CA SER D 46 0.07 -33.53 72.26
C SER D 46 0.57 -33.96 73.65
N ASN D 47 0.34 -35.23 73.97
CA ASN D 47 0.89 -35.86 75.17
C ASN D 47 2.35 -36.17 74.99
N LYS D 48 2.98 -35.48 74.05
CA LYS D 48 4.38 -35.68 73.74
C LYS D 48 5.08 -34.36 73.40
N LYS D 49 6.41 -34.37 73.46
CA LYS D 49 7.19 -33.19 73.17
C LYS D 49 8.33 -33.56 72.24
N ASN D 50 8.79 -32.61 71.45
CA ASN D 50 10.02 -32.86 70.70
C ASN D 50 11.21 -32.53 71.59
N ALA D 51 12.41 -32.89 71.18
CA ALA D 51 13.58 -32.50 71.95
C ALA D 51 14.69 -31.90 71.10
N LEU D 52 15.39 -30.92 71.65
CA LEU D 52 16.48 -30.31 70.92
C LEU D 52 17.75 -30.44 71.71
N ILE D 53 18.73 -31.04 71.06
CA ILE D 53 20.08 -31.11 71.57
C ILE D 53 20.81 -29.85 71.15
N MET D 54 21.68 -29.34 72.03
CA MET D 54 22.59 -28.21 71.72
C MET D 54 23.82 -28.12 72.64
N GLY D 55 24.91 -27.65 72.04
CA GLY D 55 26.14 -27.35 72.75
C GLY D 55 25.89 -26.30 73.80
N ARG D 56 26.85 -26.14 74.69
CA ARG D 56 26.66 -25.22 75.78
C ARG D 56 26.86 -23.79 75.34
N LYS D 57 27.74 -23.56 74.35
CA LYS D 57 28.01 -22.19 73.89
C LYS D 57 26.82 -21.64 73.14
N THR D 58 26.07 -22.55 72.51
CA THR D 58 24.81 -22.22 71.82
C THR D 58 23.68 -21.88 72.80
N TRP D 59 23.46 -22.76 73.81
CA TRP D 59 22.51 -22.53 74.91
C TRP D 59 22.84 -21.26 75.67
N ASP D 60 24.09 -20.83 75.59
CA ASP D 60 24.45 -19.46 75.93
C ASP D 60 23.78 -18.46 75.00
N SER D 61 23.81 -18.75 73.71
CA SER D 61 23.30 -17.83 72.70
C SER D 61 21.82 -17.53 72.94
N ILE D 62 21.09 -18.51 73.45
CA ILE D 62 19.65 -18.38 73.63
C ILE D 62 19.33 -17.71 74.97
N GLY D 63 20.37 -17.28 75.67
CA GLY D 63 20.21 -16.75 77.02
C GLY D 63 19.60 -17.71 78.02
N ARG D 64 19.87 -19.00 77.84
CA ARG D 64 19.41 -20.02 78.78
C ARG D 64 17.95 -19.92 79.17
N ARG D 65 17.07 -20.03 78.17
CA ARG D 65 15.63 -19.93 78.43
C ARG D 65 14.89 -20.99 77.65
N PRO D 66 13.95 -21.69 78.35
CA PRO D 66 13.14 -22.73 77.72
C PRO D 66 12.50 -22.21 76.44
N LEU D 67 12.25 -23.13 75.53
CA LEU D 67 11.50 -22.83 74.32
C LEU D 67 10.15 -23.50 74.51
N LYS D 68 9.06 -22.74 74.33
CA LYS D 68 7.72 -23.25 74.66
C LYS D 68 7.39 -24.60 73.96
N ASN D 69 6.63 -25.46 74.64
CA ASN D 69 6.25 -26.79 74.12
C ASN D 69 7.38 -27.81 73.94
N ARG D 70 8.63 -27.35 73.83
CA ARG D 70 9.76 -28.27 73.61
C ARG D 70 10.63 -28.53 74.86
N ILE D 71 11.64 -29.38 74.67
CA ILE D 71 12.53 -29.82 75.75
C ILE D 71 13.95 -29.69 75.24
N ILE D 72 14.73 -28.86 75.92
CA ILE D 72 16.11 -28.63 75.52
C ILE D 72 17.02 -29.64 76.20
N VAL D 73 18.16 -29.84 75.54
CA VAL D 73 19.17 -30.72 76.05
C VAL D 73 20.48 -30.00 75.83
N VAL D 74 21.10 -29.47 76.89
CA VAL D 74 22.45 -28.94 76.75
C VAL D 74 23.52 -30.04 76.99
N ILE D 75 24.52 -30.05 76.13
CA ILE D 75 25.65 -30.96 76.29
C ILE D 75 26.88 -30.24 76.82
N SER D 76 27.20 -30.49 78.09
CA SER D 76 28.30 -29.80 78.75
C SER D 76 29.00 -30.72 79.75
N SER D 77 30.21 -30.34 80.14
CA SER D 77 30.97 -31.11 81.12
C SER D 77 30.80 -30.53 82.54
N SER D 78 30.66 -29.20 82.62
CA SER D 78 30.43 -28.47 83.89
C SER D 78 28.95 -28.21 84.27
N LEU D 79 28.12 -27.82 83.29
CA LEU D 79 26.74 -27.42 83.60
C LEU D 79 25.99 -28.43 84.51
N PRO D 80 25.61 -27.99 85.74
CA PRO D 80 25.02 -28.82 86.81
C PRO D 80 23.71 -29.54 86.50
N GLN D 81 23.52 -30.68 87.17
CA GLN D 81 22.26 -31.46 87.11
C GLN D 81 21.14 -30.75 87.93
N ASP D 82 20.71 -29.56 87.50
CA ASP D 82 19.58 -28.87 88.14
C ASP D 82 18.26 -29.69 88.06
N GLU D 83 17.37 -29.47 89.03
CA GLU D 83 16.07 -30.15 89.03
C GLU D 83 14.96 -29.18 88.72
N ALA D 84 15.32 -27.90 88.66
CA ALA D 84 14.40 -26.79 88.39
C ALA D 84 13.51 -27.03 87.16
N ASP D 85 14.13 -27.13 85.98
CA ASP D 85 13.39 -27.15 84.70
C ASP D 85 13.12 -28.55 84.10
N PRO D 86 11.83 -28.95 84.04
CA PRO D 86 11.54 -30.17 83.28
C PRO D 86 11.78 -29.98 81.77
N ASN D 87 11.95 -28.74 81.31
CA ASN D 87 12.16 -28.43 79.87
C ASN D 87 13.62 -28.24 79.43
N VAL D 88 14.47 -27.91 80.39
CA VAL D 88 15.92 -27.97 80.19
C VAL D 88 16.41 -29.23 80.90
N VAL D 89 17.47 -29.83 80.36
CA VAL D 89 18.13 -30.96 81.01
C VAL D 89 19.49 -31.22 80.36
N VAL D 90 20.41 -31.79 81.15
CA VAL D 90 21.84 -31.81 80.79
C VAL D 90 22.43 -33.22 80.74
N PHE D 91 23.23 -33.45 79.70
CA PHE D 91 23.98 -34.68 79.52
C PHE D 91 25.46 -34.32 79.37
N ARG D 92 26.32 -35.27 79.76
CA ARG D 92 27.78 -35.02 79.83
C ARG D 92 28.49 -35.14 78.47
N ASN D 93 27.91 -35.97 77.61
CA ASN D 93 28.41 -36.23 76.25
C ASN D 93 27.22 -36.42 75.31
N LEU D 94 27.49 -36.20 74.03
CA LEU D 94 26.43 -36.30 73.03
C LEU D 94 25.68 -37.63 73.12
N GLU D 95 26.39 -38.73 72.87
CA GLU D 95 25.83 -40.09 72.78
C GLU D 95 24.79 -40.49 73.86
N ASP D 96 24.99 -40.06 75.11
CA ASP D 96 24.14 -40.55 76.19
C ASP D 96 22.75 -39.94 76.11
N SER D 97 22.71 -38.67 75.69
CA SER D 97 21.45 -37.95 75.53
C SER D 97 20.40 -38.81 74.79
N ILE D 98 20.83 -39.42 73.69
CA ILE D 98 20.03 -40.44 73.01
C ILE D 98 19.81 -41.65 73.91
N GLU D 99 19.44 -41.40 75.16
CA GLU D 99 18.49 -42.24 75.87
C GLU D 99 17.07 -41.70 75.73
N ASN D 100 16.93 -40.59 75.00
CA ASN D 100 15.63 -40.15 74.52
C ASN D 100 14.78 -41.11 73.70
N LEU D 101 15.44 -41.99 72.95
CA LEU D 101 14.76 -43.08 72.26
C LEU D 101 14.34 -44.18 73.28
N MET D 102 15.11 -44.31 74.35
CA MET D 102 15.09 -45.52 75.16
C MET D 102 13.78 -45.47 75.92
N ASN D 103 12.93 -44.50 75.56
CA ASN D 103 11.89 -44.02 76.46
C ASN D 103 11.63 -42.53 76.29
N ASP D 104 11.01 -41.92 77.31
CA ASP D 104 10.22 -40.71 77.11
C ASP D 104 9.26 -40.98 75.95
N ASP D 105 8.45 -42.01 76.10
CA ASP D 105 7.31 -42.22 75.20
C ASP D 105 6.44 -40.98 75.19
N SER D 106 6.89 -39.93 75.86
CA SER D 106 6.34 -38.63 75.68
C SER D 106 7.22 -37.79 74.73
N ILE D 107 8.36 -38.35 74.31
CA ILE D 107 9.22 -37.71 73.32
C ILE D 107 8.98 -38.28 71.93
N GLU D 108 8.56 -37.43 70.98
CA GLU D 108 8.29 -37.89 69.62
C GLU D 108 9.55 -37.77 68.78
N ASN D 109 10.08 -36.56 68.70
CA ASN D 109 11.15 -36.28 67.75
C ASN D 109 12.39 -35.71 68.39
N ILE D 110 13.46 -35.75 67.62
CA ILE D 110 14.72 -35.27 68.09
C ILE D 110 15.25 -34.38 67.00
N PHE D 111 15.76 -33.22 67.42
CA PHE D 111 16.40 -32.29 66.53
C PHE D 111 17.72 -31.87 67.15
N VAL D 112 18.75 -31.72 66.31
CA VAL D 112 20.07 -31.29 66.77
C VAL D 112 20.28 -29.87 66.26
N CYS D 113 20.06 -28.90 67.15
CA CYS D 113 20.09 -27.49 66.78
C CYS D 113 21.51 -26.94 66.79
N GLY D 114 22.42 -27.66 67.46
CA GLY D 114 23.82 -27.67 67.09
C GLY D 114 24.67 -26.81 68.01
N GLY D 115 25.35 -25.83 67.43
CA GLY D 115 26.74 -25.58 67.77
C GLY D 115 27.71 -26.42 66.96
N GLU D 116 28.84 -25.82 66.59
CA GLU D 116 29.71 -26.41 65.58
C GLU D 116 30.29 -27.74 66.06
N SER D 117 30.63 -27.80 67.34
CA SER D 117 31.08 -29.05 67.95
C SER D 117 29.99 -30.12 67.87
N ILE D 118 28.78 -29.75 68.25
CA ILE D 118 27.71 -30.73 68.44
C ILE D 118 27.13 -31.17 67.10
N TYR D 119 27.44 -30.42 66.05
CA TYR D 119 27.23 -30.90 64.69
C TYR D 119 28.21 -32.00 64.33
N ARG D 120 29.50 -31.69 64.43
CA ARG D 120 30.56 -32.63 64.06
C ARG D 120 30.28 -34.02 64.65
N ASP D 121 29.95 -34.04 65.94
CA ASP D 121 29.74 -35.30 66.66
C ASP D 121 28.51 -36.07 66.21
N ALA D 122 27.34 -35.42 66.13
CA ALA D 122 26.10 -36.13 65.76
C ALA D 122 26.22 -36.74 64.37
N LEU D 123 27.01 -36.06 63.55
CA LEU D 123 27.27 -36.36 62.15
C LEU D 123 28.34 -37.46 61.98
N LYS D 124 29.56 -37.20 62.47
CA LYS D 124 30.65 -38.23 62.50
C LYS D 124 30.31 -39.50 63.31
N ASP D 125 29.21 -39.48 64.07
CA ASP D 125 28.73 -40.62 64.85
C ASP D 125 27.54 -41.30 64.20
N ASN D 126 27.14 -40.81 63.05
CA ASN D 126 26.07 -41.43 62.31
C ASN D 126 24.82 -41.74 63.21
N PHE D 127 24.36 -40.71 63.93
CA PHE D 127 23.03 -40.75 64.59
C PHE D 127 22.00 -39.91 63.81
N VAL D 128 22.40 -39.41 62.63
CA VAL D 128 21.70 -38.28 61.94
C VAL D 128 20.89 -38.61 60.64
N ASP D 129 19.57 -38.62 60.77
CA ASP D 129 18.62 -39.01 59.71
C ASP D 129 18.49 -38.03 58.55
N ARG D 130 18.51 -36.73 58.87
CA ARG D 130 18.10 -35.67 57.93
C ARG D 130 18.75 -34.32 58.28
N ILE D 131 19.06 -33.55 57.26
CA ILE D 131 19.67 -32.22 57.46
C ILE D 131 18.78 -31.15 56.85
N TYR D 132 18.37 -30.18 57.69
CA TYR D 132 17.63 -28.92 57.29
C TYR D 132 18.56 -27.72 57.22
N LEU D 133 19.02 -27.39 56.02
CA LEU D 133 19.98 -26.31 55.84
C LEU D 133 19.30 -25.07 55.28
N THR D 134 19.36 -23.97 56.03
CA THR D 134 19.06 -22.65 55.49
C THR D 134 20.31 -21.99 54.91
N ARG D 135 20.56 -22.26 53.63
CA ARG D 135 21.61 -21.56 52.90
C ARG D 135 21.36 -20.06 52.85
N VAL D 136 22.17 -19.30 53.59
CA VAL D 136 22.05 -17.85 53.63
C VAL D 136 23.14 -17.19 52.79
N ALA D 137 22.73 -16.25 51.95
CA ALA D 137 23.60 -15.74 50.88
C ALA D 137 24.22 -14.41 51.27
N LEU D 138 25.07 -14.42 52.29
CA LEU D 138 25.99 -13.32 52.54
C LEU D 138 27.30 -13.82 53.13
N GLU D 139 28.40 -13.51 52.46
CA GLU D 139 29.57 -14.39 52.45
C GLU D 139 30.91 -13.67 52.51
N ASP D 140 30.87 -12.37 52.76
CA ASP D 140 32.08 -11.62 53.14
C ASP D 140 31.90 -10.89 54.48
N ILE D 141 32.08 -11.68 55.53
CA ILE D 141 31.92 -11.28 56.90
C ILE D 141 32.71 -12.31 57.74
N GLU D 142 33.58 -11.86 58.66
CA GLU D 142 34.34 -12.80 59.47
C GLU D 142 33.38 -13.82 60.11
N PHE D 143 33.74 -15.11 59.97
CA PHE D 143 33.05 -16.20 60.65
C PHE D 143 34.04 -16.90 61.57
N ASP D 144 33.55 -17.39 62.72
CA ASP D 144 34.41 -18.13 63.64
C ASP D 144 33.84 -19.50 63.98
N THR D 145 32.63 -19.77 63.48
CA THR D 145 31.98 -21.08 63.66
C THR D 145 31.48 -21.51 62.28
N TYR D 146 31.45 -22.80 62.05
CA TYR D 146 31.11 -23.26 60.73
C TYR D 146 30.17 -24.43 60.84
N PHE D 147 29.70 -24.89 59.69
CA PHE D 147 28.97 -26.14 59.59
C PHE D 147 29.87 -27.15 58.89
N PRO D 148 30.01 -28.37 59.43
CA PRO D 148 30.94 -29.33 58.82
C PRO D 148 30.47 -29.74 57.41
N GLU D 149 31.41 -30.13 56.53
CA GLU D 149 31.10 -30.61 55.15
C GLU D 149 30.03 -31.68 55.23
N ILE D 150 29.12 -31.76 54.25
CA ILE D 150 28.02 -32.73 54.43
C ILE D 150 28.45 -34.21 54.23
N PRO D 151 28.17 -35.08 55.24
CA PRO D 151 28.39 -36.52 55.12
C PRO D 151 27.91 -37.02 53.77
N GLU D 152 28.86 -37.49 52.96
CA GLU D 152 28.57 -38.07 51.66
C GLU D 152 27.44 -39.09 51.64
N THR D 153 26.99 -39.56 52.81
CA THR D 153 25.83 -40.48 52.87
C THR D 153 24.48 -39.75 52.66
N PHE D 154 24.54 -38.42 52.65
CA PHE D 154 23.36 -37.54 52.60
C PHE D 154 23.07 -37.04 51.19
N LEU D 155 21.78 -37.08 50.86
CA LEU D 155 21.33 -36.55 49.58
C LEU D 155 20.23 -35.49 49.78
N PRO D 156 20.28 -34.40 48.99
CA PRO D 156 19.21 -33.39 48.97
C PRO D 156 17.95 -33.92 48.30
N VAL D 157 16.80 -33.76 48.95
CA VAL D 157 15.52 -34.11 48.34
C VAL D 157 14.65 -32.90 48.04
N TYR D 158 15.15 -31.72 48.35
CA TYR D 158 14.36 -30.49 48.36
C TYR D 158 15.24 -29.23 48.34
N MET D 159 14.89 -28.25 47.49
CA MET D 159 15.56 -26.95 47.48
C MET D 159 14.51 -25.94 47.02
N SER D 160 14.23 -24.95 47.84
CA SER D 160 13.10 -24.06 47.58
C SER D 160 13.48 -22.84 46.76
N GLN D 161 12.45 -22.02 46.51
CA GLN D 161 12.68 -20.70 45.93
C GLN D 161 13.42 -19.85 46.94
N THR D 162 14.18 -18.89 46.42
CA THR D 162 14.89 -17.93 47.23
C THR D 162 13.87 -17.04 47.93
N PHE D 163 14.12 -16.77 49.21
CA PHE D 163 13.34 -15.74 49.88
C PHE D 163 14.16 -14.46 50.14
N CYS D 164 13.46 -13.41 50.58
CA CYS D 164 14.03 -12.10 50.89
C CYS D 164 13.62 -11.51 52.27
N THR D 165 14.66 -11.09 53.02
CA THR D 165 14.54 -10.33 54.28
C THR D 165 15.67 -9.34 54.33
N LYS D 166 15.28 -8.06 54.47
CA LYS D 166 16.20 -6.92 54.47
C LYS D 166 17.34 -7.09 53.48
N ASN D 167 16.99 -7.45 52.24
CA ASN D 167 17.93 -7.58 51.11
C ASN D 167 18.91 -8.78 51.09
N ILE D 168 18.64 -9.76 51.94
CA ILE D 168 19.43 -10.97 52.03
C ILE D 168 18.61 -12.14 51.45
N SER D 169 19.12 -12.74 50.38
CA SER D 169 18.54 -13.96 49.80
C SER D 169 18.91 -15.19 50.61
N TYR D 170 17.98 -16.13 50.74
CA TYR D 170 18.25 -17.42 51.40
C TYR D 170 17.34 -18.53 50.85
N ASP D 171 17.78 -19.78 50.91
CA ASP D 171 16.94 -20.90 50.51
C ASP D 171 16.69 -21.84 51.70
N PHE D 172 15.78 -22.79 51.50
CA PHE D 172 15.68 -23.94 52.40
C PHE D 172 15.87 -25.25 51.63
N MET D 173 16.81 -26.07 52.10
CA MET D 173 16.87 -27.47 51.69
C MET D 173 16.69 -28.43 52.82
N ILE D 174 16.18 -29.64 52.53
CA ILE D 174 16.21 -30.73 53.52
C ILE D 174 16.86 -32.00 52.95
N PHE D 175 18.08 -32.28 53.41
CA PHE D 175 18.80 -33.48 53.03
C PHE D 175 18.33 -34.69 53.80
N GLU D 176 18.36 -35.85 53.15
CA GLU D 176 18.12 -37.12 53.83
C GLU D 176 19.21 -38.14 53.52
N LYS D 177 19.47 -39.02 54.48
CA LYS D 177 20.46 -40.08 54.30
C LYS D 177 19.80 -41.45 54.22
N GLN D 178 19.65 -41.96 53.00
CA GLN D 178 18.81 -43.13 52.75
C GLN D 178 19.63 -44.29 52.21
N LEU D 193 -0.36 -45.53 42.03
CA LEU D 193 -0.66 -46.96 42.06
C LEU D 193 -0.02 -47.60 40.83
N LYS D 194 0.39 -48.88 40.99
CA LYS D 194 1.13 -49.58 39.92
C LYS D 194 0.24 -49.90 38.72
N SER D 195 -1.03 -50.21 38.98
CA SER D 195 -1.99 -50.47 37.90
C SER D 195 -1.99 -49.34 36.85
N ILE D 196 -1.75 -48.09 37.28
CA ILE D 196 -1.63 -46.92 36.38
C ILE D 196 -0.27 -46.82 35.65
N ASP D 197 0.82 -47.05 36.35
CA ASP D 197 2.13 -47.03 35.71
C ASP D 197 2.27 -48.17 34.73
N ASP D 198 1.69 -49.33 35.10
CA ASP D 198 1.64 -50.50 34.23
C ASP D 198 1.02 -50.15 32.89
N THR D 199 -0.30 -49.89 32.93
CA THR D 199 -1.12 -49.59 31.75
C THR D 199 -0.44 -48.63 30.77
N VAL D 200 0.14 -47.56 31.32
CA VAL D 200 0.79 -46.49 30.54
C VAL D 200 2.03 -47.02 29.82
N ASP D 201 2.78 -47.87 30.51
CA ASP D 201 3.95 -48.52 29.91
C ASP D 201 3.47 -49.41 28.75
N LEU D 202 2.41 -50.17 29.01
CA LEU D 202 1.81 -51.07 28.02
C LEU D 202 1.22 -50.33 26.79
N LEU D 203 0.60 -49.17 27.03
CA LEU D 203 0.08 -48.35 25.93
C LEU D 203 1.23 -47.73 25.22
N GLY D 204 2.23 -47.34 26.00
CA GLY D 204 3.49 -46.76 25.51
C GLY D 204 4.23 -47.70 24.57
N GLU D 205 4.17 -49.00 24.85
CA GLU D 205 4.80 -49.98 23.96
C GLU D 205 3.97 -50.19 22.68
N ILE D 206 2.66 -50.33 22.86
CA ILE D 206 1.75 -50.50 21.73
C ILE D 206 1.94 -49.39 20.67
N ALA D 207 1.73 -48.12 21.09
CA ALA D 207 1.62 -46.96 20.19
C ALA D 207 2.91 -46.26 19.80
N GLY D 208 3.93 -46.36 20.66
CA GLY D 208 5.17 -45.63 20.44
C GLY D 208 4.93 -44.17 20.12
N ILE D 209 5.46 -43.73 18.98
CA ILE D 209 5.56 -42.30 18.68
C ILE D 209 4.19 -41.71 18.37
N ARG D 210 3.16 -42.54 18.45
CA ARG D 210 1.78 -42.07 18.29
C ARG D 210 1.24 -41.49 19.60
N LYS D 211 1.42 -42.24 20.68
CA LYS D 211 1.10 -41.74 22.00
C LYS D 211 2.03 -40.55 22.28
N MET D 212 1.48 -39.42 22.78
CA MET D 212 2.27 -38.16 22.88
C MET D 212 3.24 -38.15 24.07
N GLY D 213 2.81 -38.73 25.21
CA GLY D 213 3.66 -38.88 26.39
C GLY D 213 5.03 -39.50 26.12
N ASN D 214 5.19 -40.18 24.98
CA ASN D 214 6.48 -40.74 24.57
C ASN D 214 7.40 -39.76 23.84
N ARG D 215 6.78 -38.78 23.18
CA ARG D 215 7.51 -37.69 22.54
C ARG D 215 8.09 -36.74 23.59
N HIS D 216 7.61 -36.89 24.83
CA HIS D 216 8.15 -36.18 26.00
C HIS D 216 8.56 -37.11 27.14
N LYS D 217 9.57 -37.95 26.84
CA LYS D 217 10.21 -38.77 27.86
C LYS D 217 10.86 -37.85 28.92
N PHE D 218 10.71 -38.27 30.17
CA PHE D 218 11.41 -37.69 31.31
C PHE D 218 12.93 -37.86 31.13
N PRO D 219 13.73 -36.86 31.54
CA PRO D 219 15.16 -37.07 31.31
C PRO D 219 15.82 -38.10 32.27
N LYS D 220 17.01 -38.55 31.86
CA LYS D 220 17.76 -39.55 32.60
C LYS D 220 18.61 -38.86 33.67
N GLU D 221 18.63 -39.46 34.85
CA GLU D 221 19.40 -39.00 36.02
C GLU D 221 20.81 -38.38 35.79
N GLU D 222 21.54 -38.85 34.76
CA GLU D 222 22.89 -38.32 34.45
C GLU D 222 22.91 -36.98 33.69
N ILE D 223 21.71 -36.48 33.38
CA ILE D 223 21.57 -35.17 32.73
C ILE D 223 20.56 -34.30 33.45
N TYR D 224 20.15 -34.74 34.65
CA TYR D 224 18.97 -34.19 35.30
C TYR D 224 19.41 -33.61 36.65
N ASN D 225 19.51 -32.28 36.70
CA ASN D 225 20.34 -31.62 37.71
C ASN D 225 19.95 -32.08 39.12
N THR D 226 20.92 -32.11 40.01
CA THR D 226 20.67 -32.46 41.43
C THR D 226 19.56 -33.51 41.55
N PRO D 227 19.78 -34.67 40.86
CA PRO D 227 18.77 -35.72 40.61
C PRO D 227 18.00 -36.17 41.89
N SER D 228 18.67 -36.05 43.03
CA SER D 228 18.11 -36.56 44.28
C SER D 228 16.79 -35.88 44.58
N ILE D 229 16.63 -34.68 44.00
CA ILE D 229 15.48 -33.84 44.32
C ILE D 229 14.28 -34.18 43.43
N ARG D 230 13.42 -35.06 43.94
CA ARG D 230 12.39 -35.62 43.09
C ARG D 230 11.03 -34.94 43.30
N PHE D 231 10.51 -34.91 44.53
CA PHE D 231 9.16 -34.36 44.76
C PHE D 231 9.11 -32.89 45.21
N GLY D 232 10.18 -32.12 44.99
CA GLY D 232 10.25 -30.78 45.55
C GLY D 232 11.29 -29.89 44.95
N ARG D 233 11.37 -29.87 43.63
CA ARG D 233 12.25 -28.92 42.94
C ARG D 233 11.44 -27.61 42.78
N GLU D 234 11.52 -26.74 43.80
CA GLU D 234 10.79 -25.44 43.88
C GLU D 234 11.63 -24.28 43.35
N HIS D 235 12.93 -24.32 43.60
CA HIS D 235 13.83 -23.27 43.17
C HIS D 235 13.65 -23.05 41.68
N TYR D 236 13.14 -21.88 41.37
CA TYR D 236 12.91 -21.48 39.98
C TYR D 236 14.13 -21.62 39.04
N GLU D 237 15.34 -21.71 39.56
CA GLU D 237 16.45 -21.99 38.62
C GLU D 237 16.25 -23.38 37.96
N PHE D 238 15.50 -24.23 38.65
CA PHE D 238 15.15 -25.52 38.10
C PHE D 238 14.28 -25.40 36.88
N GLN D 239 13.75 -24.22 36.60
CA GLN D 239 12.86 -24.09 35.45
C GLN D 239 13.72 -23.89 34.25
N TYR D 240 14.92 -23.37 34.45
CA TYR D 240 15.87 -23.21 33.34
C TYR D 240 16.70 -24.46 33.06
N LEU D 241 16.81 -25.36 34.03
CA LEU D 241 17.73 -26.48 33.92
C LEU D 241 16.94 -27.69 33.43
N ASP D 242 15.72 -27.82 33.94
CA ASP D 242 14.82 -28.91 33.55
C ASP D 242 14.37 -28.81 32.13
N LEU D 243 14.37 -27.60 31.60
CA LEU D 243 14.06 -27.42 30.22
C LEU D 243 15.32 -27.84 29.46
N LEU D 244 16.46 -27.40 29.97
CA LEU D 244 17.73 -27.65 29.32
C LEU D 244 18.02 -29.13 29.27
N SER D 245 17.66 -29.83 30.34
CA SER D 245 17.91 -31.23 30.43
C SER D 245 16.94 -31.94 29.50
N ARG D 246 15.71 -31.44 29.50
CA ARG D 246 14.64 -32.00 28.70
C ARG D 246 15.00 -31.96 27.23
N VAL D 247 15.85 -31.02 26.82
CA VAL D 247 16.16 -30.96 25.39
C VAL D 247 17.23 -31.97 25.09
N LEU D 248 18.05 -32.28 26.10
CA LEU D 248 19.11 -33.29 25.94
C LEU D 248 18.46 -34.63 25.84
N GLU D 249 17.41 -34.84 26.61
CA GLU D 249 16.71 -36.07 26.51
C GLU D 249 15.93 -36.16 25.19
N ASN D 250 15.23 -35.10 24.80
CA ASN D 250 14.26 -35.24 23.69
C ASN D 250 14.58 -34.53 22.35
N GLY D 251 15.76 -33.95 22.19
CA GLY D 251 15.93 -33.00 21.08
C GLY D 251 16.44 -33.43 19.72
N ALA D 252 15.53 -33.61 18.77
CA ALA D 252 15.91 -33.94 17.37
C ALA D 252 17.01 -33.05 16.80
N TYR D 253 17.93 -33.68 16.08
CA TYR D 253 19.08 -33.01 15.47
C TYR D 253 18.62 -32.23 14.24
N ARG D 254 19.41 -31.23 13.84
CA ARG D 254 19.07 -30.45 12.66
C ARG D 254 20.08 -29.34 12.42
N GLU D 255 20.30 -28.99 11.15
CA GLU D 255 21.12 -27.83 10.74
C GLU D 255 20.30 -26.52 10.57
N ASN D 256 20.99 -25.41 10.41
CA ASN D 256 20.34 -24.12 10.18
C ASN D 256 21.31 -23.13 9.55
N ARG D 257 20.92 -21.86 9.52
CA ARG D 257 21.63 -20.86 8.75
C ARG D 257 23.13 -20.72 9.00
N THR D 258 23.55 -21.01 10.22
CA THR D 258 24.97 -21.12 10.55
C THR D 258 25.46 -22.55 10.36
N GLY D 259 26.78 -22.72 10.33
CA GLY D 259 27.39 -24.05 10.10
C GLY D 259 27.31 -24.98 11.30
N ILE D 260 26.61 -24.54 12.35
CA ILE D 260 26.44 -25.34 13.55
C ILE D 260 24.99 -25.81 13.67
N SER D 261 24.82 -27.10 13.99
CA SER D 261 23.51 -27.69 14.18
C SER D 261 23.00 -27.55 15.62
N THR D 262 21.80 -28.07 15.87
CA THR D 262 21.17 -27.97 17.17
C THR D 262 20.36 -29.21 17.56
N TYR D 263 20.17 -29.36 18.88
CA TYR D 263 19.22 -30.34 19.39
C TYR D 263 17.99 -29.57 19.87
N SER D 264 16.97 -29.56 19.01
CA SER D 264 15.82 -28.67 19.13
C SER D 264 14.55 -29.36 19.65
N ILE D 265 13.77 -28.66 20.47
CA ILE D 265 12.41 -29.12 20.77
C ILE D 265 11.47 -27.92 20.67
N PHE D 266 10.15 -28.15 20.69
CA PHE D 266 9.19 -27.08 20.31
C PHE D 266 8.05 -26.89 21.30
N GLY D 267 7.91 -25.69 21.84
CA GLY D 267 6.82 -25.42 22.80
C GLY D 267 7.09 -25.77 24.26
N GLN D 268 7.82 -24.90 24.94
CA GLN D 268 8.23 -25.14 26.30
C GLN D 268 8.01 -23.89 27.14
N MET D 269 7.78 -24.07 28.46
CA MET D 269 7.63 -22.91 29.35
C MET D 269 8.33 -22.92 30.73
N MET D 270 9.11 -21.87 31.02
CA MET D 270 9.61 -21.65 32.40
C MET D 270 8.77 -20.60 33.14
N ARG D 271 8.57 -20.80 34.45
CA ARG D 271 8.13 -19.71 35.34
C ARG D 271 9.33 -19.12 36.16
N PHE D 272 9.14 -17.96 36.80
CA PHE D 272 10.16 -17.39 37.70
C PHE D 272 9.46 -16.43 38.61
N ASP D 273 9.73 -16.49 39.90
CA ASP D 273 9.26 -15.44 40.78
C ASP D 273 10.13 -14.15 40.75
N MET D 274 9.48 -13.00 40.92
CA MET D 274 10.25 -11.75 40.98
C MET D 274 10.03 -10.94 42.26
N ARG D 275 9.06 -11.37 43.07
CA ARG D 275 8.78 -10.74 44.36
C ARG D 275 9.86 -10.90 45.46
N GLU D 276 10.61 -12.00 45.40
CA GLU D 276 11.41 -12.44 46.54
C GLU D 276 12.89 -12.51 46.16
N SER D 277 13.18 -12.34 44.88
CA SER D 277 14.55 -12.47 44.39
C SER D 277 14.61 -12.24 42.88
N PHE D 278 15.83 -12.22 42.34
CA PHE D 278 16.03 -11.92 40.93
C PHE D 278 16.46 -13.23 40.30
N PRO D 279 16.00 -13.48 39.07
CA PRO D 279 16.22 -14.76 38.43
C PRO D 279 17.54 -14.67 37.64
N LEU D 280 18.59 -14.15 38.25
CA LEU D 280 19.92 -14.37 37.66
C LEU D 280 20.40 -15.77 38.06
N LEU D 281 20.91 -16.51 37.09
CA LEU D 281 21.31 -17.89 37.34
C LEU D 281 22.53 -17.96 38.26
N THR D 282 22.56 -18.97 39.10
CA THR D 282 23.71 -19.21 39.95
C THR D 282 24.67 -20.24 39.34
N THR D 283 24.13 -21.27 38.70
CA THR D 283 24.92 -22.32 38.04
C THR D 283 25.88 -21.78 36.95
N LYS D 284 25.80 -20.47 36.67
CA LYS D 284 26.69 -19.83 35.73
C LYS D 284 26.93 -18.39 36.16
N LYS D 285 28.13 -17.87 35.89
CA LYS D 285 28.41 -16.49 36.19
C LYS D 285 27.95 -15.61 35.00
N VAL D 286 26.67 -15.22 35.01
CA VAL D 286 26.05 -14.42 33.92
C VAL D 286 26.48 -12.95 33.90
N ALA D 287 26.79 -12.47 32.69
CA ALA D 287 27.16 -11.07 32.49
C ALA D 287 25.95 -10.10 32.61
N ILE D 288 25.47 -9.91 33.86
CA ILE D 288 24.40 -8.97 34.19
C ILE D 288 24.61 -7.56 33.57
N ARG D 289 25.87 -7.15 33.50
CA ARG D 289 26.24 -5.84 33.00
C ARG D 289 26.07 -5.66 31.48
N SER D 290 26.37 -6.68 30.70
CA SER D 290 26.14 -6.58 29.26
C SER D 290 24.66 -6.74 28.88
N ILE D 291 23.87 -7.28 29.82
CA ILE D 291 22.45 -7.48 29.59
C ILE D 291 21.76 -6.14 29.78
N PHE D 292 22.09 -5.47 30.88
CA PHE D 292 21.44 -4.21 31.22
C PHE D 292 21.83 -3.14 30.24
N GLU D 293 23.05 -3.23 29.72
CA GLU D 293 23.56 -2.25 28.78
C GLU D 293 22.88 -2.42 27.40
N GLU D 294 22.46 -3.64 27.11
CA GLU D 294 21.70 -3.92 25.91
C GLU D 294 20.26 -3.48 26.13
N LEU D 295 19.76 -3.68 27.35
CA LEU D 295 18.33 -3.56 27.61
C LEU D 295 17.85 -2.12 27.47
N ILE D 296 18.78 -1.19 27.62
CA ILE D 296 18.43 0.22 27.77
C ILE D 296 18.96 1.04 26.59
N TRP D 297 19.93 0.49 25.88
CA TRP D 297 19.93 0.50 24.42
C TRP D 297 18.62 0.30 23.67
N PHE D 298 17.84 -0.69 24.10
CA PHE D 298 16.60 -1.07 23.39
C PHE D 298 15.60 0.02 23.78
N ILE D 299 15.59 0.35 25.08
CA ILE D 299 14.68 1.32 25.66
C ILE D 299 14.87 2.71 25.02
N LYS D 300 16.13 3.06 24.76
CA LYS D 300 16.43 4.29 24.06
C LYS D 300 15.89 4.22 22.62
N GLY D 301 15.73 3.02 22.12
CA GLY D 301 15.39 2.88 20.70
C GLY D 301 16.66 2.95 19.85
N ASP D 302 17.77 2.51 20.42
CA ASP D 302 19.04 2.67 19.74
C ASP D 302 19.25 1.50 18.78
N THR D 303 19.73 1.82 17.57
CA THR D 303 20.11 0.79 16.59
C THR D 303 21.59 0.89 16.20
N ASN D 304 22.26 1.86 16.82
CA ASN D 304 23.67 2.11 16.61
C ASN D 304 24.52 1.14 17.43
N GLY D 305 25.13 0.17 16.73
CA GLY D 305 25.96 -0.87 17.35
C GLY D 305 27.28 -0.42 17.93
N ASN D 306 27.77 0.73 17.45
CA ASN D 306 28.98 1.34 17.99
C ASN D 306 28.75 1.72 19.45
N HIS D 307 27.50 2.11 19.75
CA HIS D 307 27.06 2.53 21.08
C HIS D 307 27.16 1.45 22.10
N LEU D 308 26.93 0.22 21.64
CA LEU D 308 27.21 -0.95 22.44
C LEU D 308 28.72 -1.17 22.68
N ILE D 309 29.50 -1.20 21.60
CA ILE D 309 30.94 -1.41 21.66
C ILE D 309 31.65 -0.47 22.65
N GLU D 310 31.30 0.82 22.64
CA GLU D 310 31.92 1.78 23.59
C GLU D 310 31.73 1.43 25.07
N LYS D 311 30.50 1.16 25.48
CA LYS D 311 30.23 0.55 26.78
C LYS D 311 30.87 -0.84 26.88
N LYS D 312 31.63 -1.21 25.86
CA LYS D 312 32.40 -2.45 25.88
C LYS D 312 31.50 -3.64 26.22
N VAL D 313 30.35 -3.72 25.56
CA VAL D 313 29.69 -5.00 25.33
C VAL D 313 29.52 -5.27 23.84
N TYR D 314 29.93 -6.46 23.42
CA TYR D 314 30.19 -6.72 22.01
C TYR D 314 29.14 -7.66 21.37
N ILE D 315 28.17 -8.09 22.16
CA ILE D 315 27.18 -9.09 21.75
C ILE D 315 26.60 -8.89 20.33
N TRP D 316 26.34 -7.64 19.95
CA TRP D 316 25.75 -7.37 18.63
C TRP D 316 26.80 -7.00 17.57
N SER D 317 28.07 -7.08 17.96
CA SER D 317 29.18 -6.75 17.07
C SER D 317 29.38 -7.74 15.94
N GLY D 318 28.97 -8.98 16.17
CA GLY D 318 29.12 -10.06 15.17
C GLY D 318 28.14 -9.91 14.02
N ASN D 319 26.88 -9.69 14.38
CA ASN D 319 25.81 -9.50 13.41
C ASN D 319 25.87 -8.13 12.73
N GLY D 320 26.68 -7.23 13.29
CA GLY D 320 26.83 -5.88 12.75
C GLY D 320 28.19 -5.63 12.12
N SER D 321 29.00 -6.67 11.96
CA SER D 321 30.31 -6.49 11.31
C SER D 321 30.14 -6.28 9.81
N LYS D 322 31.22 -5.84 9.14
CA LYS D 322 31.19 -5.58 7.71
C LYS D 322 30.67 -6.71 6.81
N GLU D 323 31.20 -7.93 7.01
CA GLU D 323 30.88 -9.10 6.17
C GLU D 323 29.45 -9.55 6.30
N TYR D 324 28.98 -9.79 7.55
CA TYR D 324 27.62 -10.26 7.75
C TYR D 324 26.66 -9.40 6.94
N LEU D 325 26.86 -8.09 7.06
CA LEU D 325 26.10 -7.12 6.31
C LEU D 325 26.28 -7.28 4.79
N GLU D 326 27.53 -7.38 4.34
CA GLU D 326 27.83 -7.64 2.91
C GLU D 326 27.04 -8.87 2.41
N ARG D 327 27.14 -9.98 3.16
CA ARG D 327 26.50 -11.27 2.80
C ARG D 327 24.96 -11.30 2.81
N ILE D 328 24.35 -10.54 3.72
CA ILE D 328 22.90 -10.58 3.91
C ILE D 328 22.24 -9.41 3.18
N GLY D 329 22.88 -8.95 2.11
CA GLY D 329 22.24 -8.05 1.17
C GLY D 329 22.07 -6.66 1.75
N LEU D 330 23.11 -6.18 2.44
CA LEU D 330 23.03 -4.93 3.18
C LEU D 330 24.37 -4.18 3.16
N GLY D 331 24.96 -4.08 1.95
CA GLY D 331 26.26 -3.41 1.76
C GLY D 331 26.24 -1.89 1.82
N HIS D 332 25.05 -1.31 1.63
CA HIS D 332 24.89 0.14 1.74
C HIS D 332 24.96 0.60 3.21
N ARG D 333 24.84 -0.37 4.11
CA ARG D 333 24.76 -0.08 5.53
C ARG D 333 26.14 0.27 6.11
N GLU D 334 26.19 1.25 7.02
CA GLU D 334 27.45 1.68 7.64
C GLU D 334 27.78 0.71 8.80
N GLU D 335 29.06 0.39 8.96
CA GLU D 335 29.47 -0.68 9.87
C GLU D 335 28.34 -1.06 10.82
N ASN D 336 28.26 -0.37 11.95
CA ASN D 336 27.36 -0.76 13.02
C ASN D 336 26.03 -0.02 12.95
N ASP D 337 25.45 0.02 11.75
CA ASP D 337 24.03 0.26 11.59
C ASP D 337 23.24 -1.04 11.58
N LEU D 338 22.70 -1.41 12.72
CA LEU D 338 22.04 -2.71 12.89
C LEU D 338 20.73 -2.76 12.11
N GLY D 339 20.22 -1.60 11.73
CA GLY D 339 18.92 -1.49 11.07
C GLY D 339 17.76 -1.42 12.08
N PRO D 340 16.50 -1.43 11.60
CA PRO D 340 15.34 -1.13 12.45
C PRO D 340 14.91 -2.30 13.34
N ILE D 341 15.77 -2.70 14.26
CA ILE D 341 15.47 -3.81 15.16
C ILE D 341 15.15 -3.31 16.57
N TYR D 342 15.32 -4.17 17.55
CA TYR D 342 14.38 -4.27 18.66
C TYR D 342 13.74 -2.99 19.18
N GLY D 343 14.59 -2.07 19.65
CA GLY D 343 14.11 -0.86 20.30
C GLY D 343 13.65 0.20 19.30
N PHE D 344 14.02 -0.01 18.04
CA PHE D 344 13.45 0.77 16.94
C PHE D 344 11.99 0.40 16.70
N GLN D 345 11.66 -0.87 16.96
CA GLN D 345 10.27 -1.32 16.91
C GLN D 345 9.57 -1.08 18.23
N TRP D 346 10.35 -0.89 19.29
CA TRP D 346 9.81 -0.56 20.61
C TRP D 346 9.25 0.86 20.64
N ARG D 347 9.92 1.76 19.94
CA ARG D 347 9.67 3.18 20.09
C ARG D 347 9.22 3.80 18.81
N HIS D 348 9.48 3.10 17.71
CA HIS D 348 9.12 3.60 16.40
C HIS D 348 8.50 2.51 15.56
N TYR D 349 7.61 1.74 16.16
CA TYR D 349 7.00 0.67 15.43
C TYR D 349 6.65 1.13 14.03
N ASN D 350 7.18 0.46 13.02
CA ASN D 350 6.71 0.70 11.68
C ASN D 350 7.16 2.01 11.07
N GLY D 351 7.90 2.83 11.85
CA GLY D 351 8.45 4.11 11.36
C GLY D 351 9.50 3.87 10.30
N GLU D 352 9.56 4.72 9.27
CA GLU D 352 10.42 4.47 8.09
C GLU D 352 11.90 4.70 8.36
N TYR D 353 12.71 3.65 8.14
CA TYR D 353 14.12 3.62 8.52
C TYR D 353 15.04 4.16 7.41
N LYS D 354 15.92 5.08 7.80
CA LYS D 354 16.92 5.67 6.90
C LYS D 354 18.32 5.18 7.31
N THR D 355 19.00 5.86 8.24
CA THR D 355 20.26 5.34 8.82
C THR D 355 20.28 5.57 10.33
N MET D 356 21.26 4.99 11.02
CA MET D 356 21.25 5.00 12.49
C MET D 356 21.31 6.41 13.07
N HIS D 357 21.96 7.32 12.32
CA HIS D 357 22.23 8.73 12.73
C HIS D 357 21.04 9.68 12.60
N ASP D 358 20.00 9.26 11.88
CA ASP D 358 18.77 10.03 11.75
C ASP D 358 18.04 10.27 13.08
N ASP D 359 17.19 11.29 13.05
CA ASP D 359 16.33 11.59 14.16
C ASP D 359 14.88 11.07 13.91
N TYR D 360 14.54 9.94 14.52
CA TYR D 360 13.20 9.34 14.38
C TYR D 360 12.24 9.84 15.46
N THR D 361 12.62 10.97 16.09
CA THR D 361 11.86 11.58 17.17
C THR D 361 10.40 11.85 16.71
N GLY D 362 9.46 11.11 17.31
CA GLY D 362 8.05 11.21 16.97
C GLY D 362 7.60 10.52 15.67
N VAL D 363 8.48 9.73 15.02
CA VAL D 363 8.06 8.87 13.90
C VAL D 363 7.75 7.45 14.41
N GLY D 364 6.92 6.69 13.67
CA GLY D 364 6.53 5.33 14.06
C GLY D 364 5.70 5.33 15.34
N VAL D 365 5.08 4.18 15.67
CA VAL D 365 4.29 4.11 16.90
C VAL D 365 5.15 3.78 18.06
N ASP D 366 4.95 4.53 19.14
CA ASP D 366 5.77 4.37 20.34
C ASP D 366 5.11 3.44 21.32
N GLN D 367 5.46 2.16 21.18
CA GLN D 367 4.88 1.12 22.04
C GLN D 367 5.22 1.30 23.53
N LEU D 368 6.51 1.49 23.82
CA LEU D 368 6.93 1.56 25.20
C LEU D 368 6.26 2.73 25.89
N ALA D 369 6.23 3.88 25.21
CA ALA D 369 5.61 5.05 25.78
C ALA D 369 4.16 4.71 26.13
N LYS D 370 3.46 4.09 25.17
CA LYS D 370 2.04 3.72 25.37
C LYS D 370 1.86 2.70 26.48
N LEU D 371 2.72 1.69 26.48
CA LEU D 371 2.66 0.63 27.47
C LEU D 371 2.61 1.25 28.86
N ILE D 372 3.49 2.23 29.08
CA ILE D 372 3.63 2.80 30.39
C ILE D 372 2.33 3.49 30.77
N GLU D 373 1.73 4.19 29.79
CA GLU D 373 0.44 4.89 29.99
C GLU D 373 -0.66 3.94 30.43
N THR D 374 -0.81 2.82 29.72
CA THR D 374 -1.94 1.93 30.01
C THR D 374 -1.66 1.27 31.31
N LEU D 375 -0.39 1.03 31.58
CA LEU D 375 -0.04 0.40 32.82
C LEU D 375 -0.54 1.23 34.00
N LYS D 376 -0.20 2.53 34.05
CA LYS D 376 -0.64 3.32 35.20
C LYS D 376 -2.11 3.72 35.20
N ASN D 377 -2.65 4.02 34.01
CA ASN D 377 -4.05 4.51 33.90
C ASN D 377 -5.13 3.43 33.88
N ASN D 378 -4.90 2.44 33.02
CA ASN D 378 -5.84 1.35 32.79
C ASN D 378 -5.04 0.11 33.11
N PRO D 379 -5.19 -0.39 34.34
CA PRO D 379 -4.28 -1.40 34.85
C PRO D 379 -4.92 -2.74 34.48
N LYS D 380 -6.23 -2.85 34.68
CA LYS D 380 -6.98 -4.09 34.45
C LYS D 380 -7.34 -4.31 32.98
N ASP D 381 -6.84 -3.43 32.12
CA ASP D 381 -6.87 -3.57 30.67
C ASP D 381 -6.20 -4.93 30.34
N ARG D 382 -6.55 -5.56 29.20
CA ARG D 382 -5.88 -6.80 28.86
C ARG D 382 -5.08 -6.64 27.61
N ARG D 383 -4.66 -5.40 27.38
CA ARG D 383 -3.97 -5.02 26.14
C ARG D 383 -2.52 -4.55 26.35
N HIS D 384 -2.01 -4.62 27.57
CA HIS D 384 -0.62 -4.24 27.83
C HIS D 384 0.36 -5.10 27.02
N ILE D 385 0.77 -4.67 25.84
CA ILE D 385 1.59 -5.51 24.96
C ILE D 385 2.74 -4.81 24.20
N LEU D 386 3.88 -5.49 24.12
CA LEU D 386 5.03 -4.98 23.41
C LEU D 386 5.37 -6.00 22.34
N THR D 387 5.67 -5.57 21.13
CA THR D 387 6.03 -6.56 20.10
C THR D 387 7.14 -6.08 19.14
N ALA D 388 8.06 -6.99 18.81
CA ALA D 388 9.10 -6.62 17.88
C ALA D 388 8.84 -7.23 16.51
N TRP D 389 7.77 -8.02 16.40
CA TRP D 389 7.62 -8.78 15.15
C TRP D 389 7.01 -7.93 14.03
N ASN D 390 7.91 -7.39 13.21
CA ASN D 390 7.46 -6.54 12.10
C ASN D 390 7.93 -7.24 10.80
N PRO D 391 6.95 -7.80 10.06
CA PRO D 391 7.20 -8.35 8.75
C PRO D 391 7.75 -7.25 7.81
N SER D 392 7.12 -6.07 7.74
CA SER D 392 7.57 -4.99 6.86
C SER D 392 9.02 -4.66 7.02
N ALA D 393 9.54 -4.81 8.24
CA ALA D 393 10.91 -4.41 8.56
C ALA D 393 12.00 -5.53 8.60
N LEU D 394 11.60 -6.81 8.59
CA LEU D 394 12.52 -7.98 8.72
C LEU D 394 13.70 -7.97 7.74
N SER D 395 13.41 -7.56 6.50
CA SER D 395 14.42 -7.43 5.44
C SER D 395 15.57 -6.53 5.86
N GLN D 396 15.22 -5.37 6.44
CA GLN D 396 16.18 -4.31 6.78
C GLN D 396 16.91 -4.55 8.09
N MET D 397 16.50 -5.57 8.83
CA MET D 397 17.09 -5.85 10.12
C MET D 397 18.31 -6.78 10.00
N ALA D 398 19.17 -6.73 11.02
CA ALA D 398 20.32 -7.62 11.09
C ALA D 398 20.00 -9.06 11.57
N LEU D 399 19.43 -9.18 12.77
CA LEU D 399 18.98 -10.46 13.31
C LEU D 399 17.49 -10.20 13.59
N PRO D 400 16.59 -10.81 12.77
CA PRO D 400 15.15 -10.75 13.09
C PRO D 400 14.89 -11.09 14.58
N PRO D 401 13.91 -10.41 15.22
CA PRO D 401 13.72 -10.50 16.67
C PRO D 401 13.53 -11.92 17.14
N CYS D 402 14.24 -12.28 18.20
CA CYS D 402 14.20 -13.59 18.81
C CYS D 402 13.15 -13.50 19.90
N HIS D 403 13.34 -12.57 20.83
CA HIS D 403 12.32 -12.28 21.82
C HIS D 403 11.24 -11.45 21.10
N VAL D 404 10.15 -12.13 20.79
CA VAL D 404 9.25 -11.61 19.77
C VAL D 404 8.10 -10.76 20.30
N LEU D 405 7.61 -11.08 21.49
CA LEU D 405 6.47 -10.33 22.06
C LEU D 405 6.24 -10.54 23.54
N SER D 406 5.95 -9.46 24.25
CA SER D 406 5.70 -9.52 25.69
C SER D 406 4.36 -8.89 26.04
N GLN D 407 3.78 -9.33 27.14
CA GLN D 407 2.54 -8.79 27.64
C GLN D 407 2.79 -8.59 29.14
N TYR D 408 2.16 -7.56 29.74
CA TYR D 408 2.25 -7.33 31.20
C TYR D 408 0.90 -7.39 31.82
N TYR D 409 0.87 -7.58 33.12
CA TYR D 409 -0.34 -7.73 33.89
C TYR D 409 -0.11 -7.09 35.27
N VAL D 410 -1.21 -6.66 35.89
CA VAL D 410 -1.23 -5.89 37.13
C VAL D 410 -2.12 -6.64 38.08
N THR D 411 -1.48 -7.26 39.04
CA THR D 411 -2.20 -8.10 39.99
C THR D 411 -3.07 -7.18 40.81
N ASN D 412 -4.07 -7.74 41.49
CA ASN D 412 -4.92 -6.95 42.38
C ASN D 412 -4.11 -6.35 43.52
N ASP D 413 -2.98 -6.99 43.87
CA ASP D 413 -2.08 -6.50 44.93
C ASP D 413 -0.93 -5.65 44.37
N ASN D 414 -1.19 -5.03 43.24
CA ASN D 414 -0.26 -4.06 42.62
C ASN D 414 1.14 -4.59 42.28
N CYS D 415 1.15 -5.86 41.85
CA CYS D 415 2.33 -6.52 41.36
C CYS D 415 2.33 -6.53 39.84
N LEU D 416 3.47 -6.20 39.25
CA LEU D 416 3.65 -6.20 37.80
C LEU D 416 4.28 -7.51 37.31
N SER D 417 3.41 -8.42 36.80
CA SER D 417 3.84 -9.69 36.17
C SER D 417 4.09 -9.50 34.70
N CYS D 418 4.95 -10.32 34.12
CA CYS D 418 5.22 -10.25 32.69
C CYS D 418 5.16 -11.63 32.00
N ASN D 419 4.76 -11.68 30.72
CA ASN D 419 4.83 -12.92 29.92
C ASN D 419 5.65 -12.68 28.68
N LEU D 420 6.50 -13.63 28.32
CA LEU D 420 7.25 -13.42 27.11
C LEU D 420 7.20 -14.60 26.17
N TYR D 421 6.91 -14.34 24.91
CA TYR D 421 6.96 -15.40 23.94
C TYR D 421 8.18 -15.25 23.05
N GLN D 422 9.00 -16.31 23.06
CA GLN D 422 10.29 -16.33 22.42
C GLN D 422 10.36 -17.32 21.23
N ARG D 423 10.53 -16.79 20.01
CA ARG D 423 10.46 -17.59 18.79
C ARG D 423 11.63 -18.55 18.64
N SER D 424 12.84 -17.99 18.79
CA SER D 424 14.11 -18.69 18.59
C SER D 424 15.04 -18.36 19.76
N CYS D 425 14.99 -19.21 20.79
CA CYS D 425 15.89 -19.03 21.90
C CYS D 425 17.07 -19.97 21.84
N ASP D 426 18.25 -19.36 21.82
CA ASP D 426 19.47 -20.07 22.01
C ASP D 426 19.50 -20.33 23.53
N LEU D 427 18.97 -21.51 23.92
CA LEU D 427 18.86 -21.97 25.31
C LEU D 427 20.07 -21.73 26.20
N GLY D 428 21.24 -22.06 25.65
CA GLY D 428 22.49 -22.04 26.38
C GLY D 428 22.89 -20.60 26.66
N LEU D 429 23.10 -19.86 25.58
CA LEU D 429 23.69 -18.50 25.62
C LEU D 429 22.63 -17.40 25.68
N GLY D 430 21.68 -17.50 24.77
CA GLY D 430 20.59 -16.55 24.68
C GLY D 430 19.74 -16.55 25.92
N SER D 431 19.12 -17.71 26.23
CA SER D 431 18.08 -17.77 27.27
C SER D 431 18.42 -17.14 28.64
N PRO D 432 19.67 -17.26 29.14
CA PRO D 432 20.00 -16.66 30.44
C PRO D 432 19.83 -15.16 30.37
N PHE D 433 20.26 -14.61 29.22
CA PHE D 433 20.09 -13.18 28.84
C PHE D 433 18.61 -12.70 28.80
N ASN D 434 17.73 -13.50 28.20
CA ASN D 434 16.31 -13.15 28.08
C ASN D 434 15.60 -13.15 29.41
N ILE D 435 15.60 -14.31 30.08
CA ILE D 435 15.09 -14.40 31.43
C ILE D 435 15.39 -13.13 32.17
N ALA D 436 16.65 -12.67 32.02
CA ALA D 436 17.28 -11.60 32.83
C ALA D 436 16.91 -10.16 32.43
N SER D 437 16.97 -9.89 31.12
CA SER D 437 16.48 -8.65 30.49
C SER D 437 15.08 -8.33 30.95
N TYR D 438 14.13 -9.23 30.67
CA TYR D 438 12.71 -9.05 31.02
C TYR D 438 12.41 -9.12 32.54
N ALA D 439 13.43 -9.55 33.27
CA ALA D 439 13.43 -9.47 34.72
C ALA D 439 13.63 -8.02 35.09
N ILE D 440 14.66 -7.39 34.52
CA ILE D 440 14.87 -5.97 34.70
C ILE D 440 13.76 -5.08 34.14
N LEU D 441 13.52 -5.16 32.82
CA LEU D 441 12.41 -4.41 32.20
C LEU D 441 11.14 -4.37 33.04
N THR D 442 10.73 -5.52 33.59
CA THR D 442 9.57 -5.58 34.47
C THR D 442 9.76 -4.74 35.73
N MET D 443 10.97 -4.77 36.27
CA MET D 443 11.27 -4.06 37.51
C MET D 443 11.28 -2.54 37.31
N MET D 444 11.90 -2.12 36.20
CA MET D 444 11.92 -0.74 35.74
C MET D 444 10.51 -0.19 35.46
N LEU D 445 9.73 -0.91 34.67
CA LEU D 445 8.35 -0.52 34.40
C LEU D 445 7.55 -0.38 35.69
N ALA D 446 7.88 -1.20 36.68
CA ALA D 446 7.08 -1.30 37.89
C ALA D 446 7.35 -0.11 38.82
N GLN D 447 8.63 0.24 38.97
CA GLN D 447 9.00 1.50 39.58
C GLN D 447 8.38 2.68 38.84
N VAL D 448 8.58 2.71 37.52
CA VAL D 448 8.13 3.84 36.72
C VAL D 448 6.61 3.97 36.75
N CYS D 449 5.93 2.86 37.04
CA CYS D 449 4.48 2.88 37.24
C CYS D 449 3.96 2.78 38.70
N GLY D 450 4.83 2.96 39.68
CA GLY D 450 4.37 2.72 41.06
C GLY D 450 3.88 1.29 41.36
N TYR D 451 4.56 0.28 40.80
CA TYR D 451 4.21 -1.14 41.05
C TYR D 451 5.41 -1.97 41.51
N GLU D 452 5.11 -3.15 42.05
CA GLU D 452 6.07 -4.07 42.64
C GLU D 452 6.34 -5.18 41.61
N PRO D 453 7.62 -5.59 41.45
CA PRO D 453 7.90 -6.76 40.61
C PRO D 453 7.03 -7.96 40.95
N GLY D 454 6.65 -8.68 39.89
CA GLY D 454 5.78 -9.86 40.01
C GLY D 454 6.37 -11.18 39.52
N GLU D 455 5.54 -12.00 38.88
CA GLU D 455 5.97 -13.27 38.34
C GLU D 455 6.37 -13.05 36.91
N LEU D 456 7.27 -13.89 36.41
CA LEU D 456 7.69 -13.82 35.02
C LEU D 456 7.61 -15.19 34.35
N ALA D 457 6.61 -15.35 33.49
CA ALA D 457 6.48 -16.57 32.69
C ALA D 457 7.11 -16.40 31.31
N ILE D 458 7.86 -17.41 30.89
CA ILE D 458 8.45 -17.41 29.55
C ILE D 458 7.97 -18.60 28.74
N PHE D 459 7.36 -18.33 27.59
CA PHE D 459 6.89 -19.37 26.71
C PHE D 459 7.79 -19.44 25.47
N ILE D 460 8.27 -20.65 25.14
CA ILE D 460 9.27 -20.76 24.09
C ILE D 460 8.82 -21.60 22.89
N GLY D 461 9.21 -21.17 21.70
CA GLY D 461 8.95 -21.91 20.48
C GLY D 461 9.97 -23.00 20.25
N ASP D 462 10.78 -22.83 19.20
CA ASP D 462 12.07 -23.51 19.11
C ASP D 462 12.98 -23.15 20.27
N ALA D 463 12.85 -23.88 21.37
CA ALA D 463 13.92 -23.98 22.36
C ALA D 463 14.96 -25.02 21.94
N HIS D 464 16.20 -24.59 21.83
CA HIS D 464 17.23 -25.38 21.14
C HIS D 464 18.62 -25.07 21.68
N ILE D 465 19.48 -26.08 21.66
CA ILE D 465 20.87 -25.89 22.04
C ILE D 465 21.78 -26.15 20.84
N TYR D 466 22.77 -25.28 20.64
CA TYR D 466 23.81 -25.53 19.67
C TYR D 466 24.68 -26.68 20.17
N GLU D 467 25.03 -27.60 19.29
CA GLU D 467 25.73 -28.79 19.75
C GLU D 467 27.13 -28.53 20.30
N ASN D 468 27.75 -27.44 19.83
CA ASN D 468 29.08 -27.02 20.29
C ASN D 468 29.02 -26.45 21.72
N HIS D 469 27.94 -26.77 22.42
CA HIS D 469 27.68 -26.27 23.75
C HIS D 469 27.38 -27.42 24.68
N LEU D 470 27.30 -28.61 24.07
CA LEU D 470 26.87 -29.83 24.78
C LEU D 470 27.65 -30.12 26.06
N THR D 471 28.96 -29.90 26.03
CA THR D 471 29.78 -30.21 27.20
C THR D 471 29.69 -29.15 28.28
N GLN D 472 29.91 -27.87 27.91
CA GLN D 472 29.69 -26.71 28.84
C GLN D 472 28.36 -26.80 29.63
N LEU D 473 27.29 -27.20 28.92
CA LEU D 473 25.96 -27.29 29.52
C LEU D 473 25.78 -28.50 30.44
N LYS D 474 26.38 -29.63 30.03
CA LYS D 474 26.42 -30.84 30.86
C LYS D 474 27.19 -30.58 32.17
N GLU D 475 28.26 -29.76 32.04
CA GLU D 475 29.03 -29.26 33.17
C GLU D 475 28.11 -28.43 34.08
N GLN D 476 27.57 -27.35 33.51
CA GLN D 476 26.57 -26.49 34.18
C GLN D 476 25.49 -27.31 34.90
N LEU D 477 25.16 -28.46 34.30
CA LEU D 477 24.17 -29.38 34.86
C LEU D 477 24.70 -30.30 36.00
N SER D 478 26.01 -30.31 36.24
CA SER D 478 26.54 -31.03 37.40
C SER D 478 26.36 -30.12 38.64
N ARG D 479 26.77 -28.87 38.46
CA ARG D 479 26.61 -27.82 39.46
C ARG D 479 25.19 -27.75 40.06
N THR D 480 25.10 -27.79 41.39
CA THR D 480 23.81 -27.70 42.09
C THR D 480 23.47 -26.25 42.28
N PRO D 481 22.24 -25.82 41.93
CA PRO D 481 21.90 -24.39 42.01
C PRO D 481 21.97 -23.84 43.43
N ARG D 482 22.41 -22.58 43.52
CA ARG D 482 22.44 -21.80 44.76
C ARG D 482 21.31 -20.79 44.75
N PRO D 483 20.85 -20.33 45.94
CA PRO D 483 19.83 -19.27 46.06
C PRO D 483 20.01 -18.04 45.20
N PHE D 484 18.92 -17.58 44.62
CA PHE D 484 18.95 -16.40 43.77
C PHE D 484 19.46 -15.07 44.41
N PRO D 485 20.15 -14.23 43.61
CA PRO D 485 20.61 -12.91 44.09
C PRO D 485 19.44 -11.95 44.38
N GLN D 486 19.73 -10.70 44.78
CA GLN D 486 18.70 -9.64 44.91
C GLN D 486 19.11 -8.55 43.96
N LEU D 487 18.12 -7.82 43.44
CA LEU D 487 18.33 -6.63 42.57
C LEU D 487 17.43 -5.50 43.01
N LYS D 488 18.04 -4.34 43.15
CA LYS D 488 17.38 -3.11 43.56
C LYS D 488 18.05 -1.91 42.87
N PHE D 489 17.24 -0.88 42.68
CA PHE D 489 17.69 0.38 42.12
C PHE D 489 18.14 1.37 43.22
N LYS D 490 19.06 2.26 42.87
CA LYS D 490 19.61 3.19 43.85
C LYS D 490 18.73 4.42 44.03
N ARG D 491 18.23 4.95 42.93
CA ARG D 491 17.31 6.07 43.01
C ARG D 491 15.98 5.75 42.30
N LYS D 492 14.91 6.40 42.75
CA LYS D 492 13.60 6.25 42.13
C LYS D 492 13.47 7.17 40.92
N VAL D 493 13.88 6.68 39.75
CA VAL D 493 14.01 7.52 38.57
C VAL D 493 12.65 8.01 38.09
N GLU D 494 12.66 9.09 37.31
CA GLU D 494 11.42 9.76 36.93
C GLU D 494 10.95 9.21 35.59
N ASN D 495 11.83 8.51 34.89
CA ASN D 495 11.62 8.19 33.49
C ASN D 495 12.47 6.99 33.08
N ILE D 496 11.84 6.03 32.41
CA ILE D 496 12.54 4.78 32.16
C ILE D 496 13.90 4.97 31.45
N GLU D 497 14.07 5.95 30.54
CA GLU D 497 15.38 6.03 29.85
C GLU D 497 16.48 6.53 30.80
N ASP D 498 16.05 7.14 31.91
CA ASP D 498 16.94 7.70 32.92
C ASP D 498 17.94 6.74 33.54
N PHE D 499 17.68 5.44 33.45
CA PHE D 499 18.51 4.46 34.13
C PHE D 499 19.97 4.44 33.62
N LYS D 500 20.88 4.00 34.49
CA LYS D 500 22.32 3.79 34.19
C LYS D 500 22.78 2.59 35.03
N TRP D 501 23.80 1.85 34.56
CA TRP D 501 24.42 0.74 35.36
C TRP D 501 24.60 0.99 36.90
N GLU D 502 25.12 2.18 37.23
CA GLU D 502 25.29 2.63 38.62
C GLU D 502 23.99 2.55 39.46
N ASP D 503 22.84 2.73 38.81
CA ASP D 503 21.57 2.66 39.51
C ASP D 503 21.28 1.26 40.11
N ILE D 504 22.08 0.26 39.77
CA ILE D 504 21.79 -1.13 40.13
C ILE D 504 22.67 -1.69 41.26
N GLU D 505 22.02 -2.07 42.37
CA GLU D 505 22.69 -2.80 43.45
C GLU D 505 22.37 -4.31 43.35
N LEU D 506 23.42 -5.14 43.22
CA LEU D 506 23.26 -6.60 43.04
C LEU D 506 23.68 -7.24 44.38
N ILE D 507 22.71 -7.53 45.23
CA ILE D 507 23.01 -8.07 46.57
C ILE D 507 23.03 -9.62 46.45
N GLY D 508 24.05 -10.25 47.04
CA GLY D 508 24.01 -11.72 47.35
C GLY D 508 24.19 -12.72 46.22
N TYR D 509 24.73 -12.26 45.08
CA TYR D 509 24.92 -13.11 43.92
C TYR D 509 26.22 -13.88 44.02
N TYR D 510 26.12 -15.19 44.25
CA TYR D 510 27.31 -16.04 44.31
C TYR D 510 27.08 -17.18 43.32
N PRO D 511 27.60 -17.01 42.11
CA PRO D 511 27.48 -18.04 41.07
C PRO D 511 28.68 -18.99 41.15
N TYR D 512 28.58 -20.14 40.50
CA TYR D 512 29.76 -20.86 40.03
C TYR D 512 30.53 -19.98 39.04
N PRO D 513 31.51 -20.59 38.37
CA PRO D 513 32.36 -19.86 37.42
C PRO D 513 31.61 -19.66 36.10
N THR D 514 31.99 -18.62 35.36
CA THR D 514 31.51 -18.43 34.00
C THR D 514 31.87 -19.67 33.16
N ILE D 515 31.11 -19.89 32.09
CA ILE D 515 31.39 -20.98 31.19
C ILE D 515 31.47 -20.37 29.80
N LYS D 516 32.68 -20.37 29.22
CA LYS D 516 32.92 -19.96 27.83
C LYS D 516 31.96 -20.75 26.91
N MET D 517 31.13 -20.00 26.19
CA MET D 517 30.21 -20.58 25.22
C MET D 517 30.14 -19.58 24.09
N ASP D 518 30.72 -19.97 22.95
CA ASP D 518 30.77 -19.09 21.78
C ASP D 518 29.45 -19.05 21.05
N MET D 519 29.12 -17.85 20.57
CA MET D 519 27.92 -17.65 19.80
C MET D 519 28.23 -17.94 18.36
N ALA D 520 27.72 -19.08 17.85
CA ALA D 520 27.74 -19.38 16.43
C ALA D 520 27.19 -18.17 15.68
N VAL D 521 27.93 -17.69 14.68
CA VAL D 521 27.62 -16.42 14.03
C VAL D 521 26.53 -16.62 12.96
#